data_2MC0
#
_entry.id   2MC0
#
loop_
_entity.id
_entity.type
_entity.pdbx_description
1 polymer 'HTH-type transcriptional activator TipA'
2 polymer nosiheptide
3 non-polymer '4-(hydroxymethyl)-3-methyl-1H-indole-2-carboxylic acid'
#
loop_
_entity_poly.entity_id
_entity_poly.type
_entity_poly.pdbx_seq_one_letter_code
_entity_poly.pdbx_strand_id
1 'polypeptide(L)'
;MGINLTPEEKFEVFGDFDPDQYEEEVRERWGNTDAYRQSKEKTASYTKEDWQRIQDEADELTRRFVALMDAGEPADSEGA
MDAAEDHRQGIARNHYDCGYEMHTCLGEMYVSDERFTRNIDAAKPGLAAYMRDAILANAVRHTP
;
A
2 'polypeptide(L)' S(BB9)T(DBU)(BB9)(3GL)(BB9)C(BB9)(MH6)(BB9)A(NH2) B
#
loop_
_chem_comp.id
_chem_comp.type
_chem_comp.name
_chem_comp.formula
NH2 non-polymer 'AMINO GROUP' 'H2 N'
NO1 non-polymer '4-(hydroxymethyl)-3-methyl-1H-indole-2-carboxylic acid' 'C11 H11 N O3'
#
# COMPACT_ATOMS: atom_id res chain seq x y z
N GLY A 2 15.17 9.12 9.27
CA GLY A 2 14.18 9.14 8.16
C GLY A 2 14.60 8.24 7.00
N ILE A 3 13.93 8.39 5.87
CA ILE A 3 14.23 7.60 4.68
C ILE A 3 15.63 7.89 4.15
N ASN A 4 16.47 6.86 4.16
CA ASN A 4 17.85 6.95 3.69
C ASN A 4 17.98 6.41 2.27
N LEU A 5 17.77 7.28 1.28
CA LEU A 5 17.87 6.88 -0.12
C LEU A 5 18.31 8.05 -1.00
N THR A 6 19.07 7.74 -2.05
CA THR A 6 19.55 8.74 -3.00
C THR A 6 18.58 8.85 -4.16
N PRO A 7 18.37 10.06 -4.72
CA PRO A 7 17.47 10.23 -5.87
C PRO A 7 17.60 9.08 -6.86
N GLU A 8 18.84 8.64 -7.09
CA GLU A 8 19.12 7.55 -8.01
C GLU A 8 18.73 6.19 -7.41
N GLU A 9 18.92 6.05 -6.12
CA GLU A 9 18.61 4.80 -5.43
C GLU A 9 17.10 4.63 -5.21
N LYS A 10 16.39 5.73 -4.99
CA LYS A 10 14.95 5.62 -4.75
C LYS A 10 14.33 4.74 -5.82
N PHE A 11 14.70 5.06 -7.06
CA PHE A 11 14.18 4.37 -8.24
C PHE A 11 14.53 2.88 -8.27
N GLU A 12 15.66 2.53 -7.68
CA GLU A 12 16.10 1.14 -7.65
C GLU A 12 15.16 0.30 -6.80
N VAL A 13 14.55 0.94 -5.80
CA VAL A 13 13.62 0.28 -4.89
C VAL A 13 12.15 0.55 -5.25
N PHE A 14 11.76 1.78 -5.62
CA PHE A 14 10.35 2.03 -5.97
C PHE A 14 10.21 2.33 -7.47
N GLY A 15 11.15 3.11 -7.98
CA GLY A 15 11.14 3.45 -9.39
C GLY A 15 10.26 4.63 -9.78
N ASP A 16 10.70 5.83 -9.42
CA ASP A 16 10.00 7.09 -9.74
C ASP A 16 9.32 7.71 -8.51
N PHE A 17 8.98 6.88 -7.53
CA PHE A 17 8.34 7.37 -6.32
C PHE A 17 9.33 8.10 -5.41
N ASP A 18 9.07 9.37 -5.17
CA ASP A 18 9.90 10.20 -4.31
C ASP A 18 9.15 10.56 -3.03
N PRO A 19 9.58 10.06 -1.86
CA PRO A 19 8.90 10.34 -0.59
C PRO A 19 9.05 11.79 -0.12
N ASP A 20 10.22 12.39 -0.36
CA ASP A 20 10.44 13.77 0.07
C ASP A 20 9.37 14.70 -0.52
N GLN A 21 9.22 14.66 -1.84
CA GLN A 21 8.22 15.51 -2.49
C GLN A 21 6.82 15.26 -1.93
N TYR A 22 6.48 13.99 -1.72
CA TYR A 22 5.17 13.64 -1.20
C TYR A 22 5.13 13.83 0.31
N GLU A 23 6.30 13.85 0.95
CA GLU A 23 6.38 14.05 2.39
C GLU A 23 5.71 15.37 2.76
N GLU A 24 6.04 16.40 2.00
CA GLU A 24 5.48 17.72 2.21
C GLU A 24 3.98 17.69 1.93
N GLU A 25 3.62 16.98 0.86
CA GLU A 25 2.22 16.89 0.44
C GLU A 25 1.33 16.22 1.48
N VAL A 26 1.80 15.11 2.08
CA VAL A 26 1.01 14.42 3.09
C VAL A 26 0.89 15.28 4.33
N ARG A 27 1.93 16.05 4.60
CA ARG A 27 1.92 16.92 5.75
C ARG A 27 0.75 17.90 5.66
N GLU A 28 0.53 18.46 4.49
CA GLU A 28 -0.56 19.41 4.28
C GLU A 28 -1.92 18.69 4.23
N ARG A 29 -1.96 17.53 3.59
CA ARG A 29 -3.19 16.76 3.46
C ARG A 29 -3.74 16.29 4.82
N TRP A 30 -2.91 15.54 5.54
CA TRP A 30 -3.32 14.98 6.83
C TRP A 30 -2.58 15.61 8.01
N GLY A 31 -1.35 16.06 7.75
CA GLY A 31 -0.53 16.72 8.76
C GLY A 31 -0.88 16.43 10.21
N ASN A 32 -1.33 15.22 10.53
CA ASN A 32 -1.67 14.88 11.92
C ASN A 32 -2.41 13.56 12.07
N THR A 33 -2.30 12.67 11.09
CA THR A 33 -2.97 11.37 11.18
C THR A 33 -2.05 10.35 11.84
N ASP A 34 -2.65 9.41 12.57
CA ASP A 34 -1.88 8.37 13.27
C ASP A 34 -1.08 7.51 12.30
N ALA A 35 -1.74 6.99 11.26
CA ALA A 35 -1.07 6.15 10.29
C ALA A 35 0.21 6.79 9.79
N TYR A 36 0.17 8.10 9.57
CA TYR A 36 1.32 8.85 9.09
C TYR A 36 2.40 8.99 10.16
N ARG A 37 1.99 9.40 11.35
CA ARG A 37 2.94 9.59 12.45
C ARG A 37 3.75 8.33 12.73
N GLN A 38 3.13 7.17 12.59
CA GLN A 38 3.82 5.91 12.85
C GLN A 38 4.86 5.67 11.74
N SER A 39 4.50 5.97 10.50
CA SER A 39 5.45 5.81 9.41
C SER A 39 6.75 6.53 9.74
N LYS A 40 6.64 7.80 10.12
CA LYS A 40 7.79 8.61 10.52
C LYS A 40 8.46 7.99 11.76
N GLU A 41 7.62 7.52 12.67
CA GLU A 41 8.06 6.89 13.90
C GLU A 41 9.07 5.77 13.70
N LYS A 42 8.64 4.75 12.96
CA LYS A 42 9.42 3.54 12.71
C LYS A 42 10.38 3.67 11.53
N THR A 43 9.96 4.36 10.47
CA THR A 43 10.79 4.48 9.30
C THR A 43 12.16 5.05 9.63
N ALA A 44 12.21 5.92 10.63
CA ALA A 44 13.46 6.55 11.04
C ALA A 44 14.51 5.47 11.28
N SER A 45 14.03 4.26 11.53
CA SER A 45 14.87 3.11 11.81
C SER A 45 15.04 2.21 10.57
N TYR A 46 14.16 2.40 9.58
CA TYR A 46 14.21 1.59 8.36
C TYR A 46 15.35 1.97 7.43
N THR A 47 16.05 0.94 6.97
CA THR A 47 17.16 1.07 6.04
C THR A 47 16.70 0.61 4.66
N LYS A 48 17.61 0.60 3.69
CA LYS A 48 17.27 0.15 2.35
C LYS A 48 16.87 -1.31 2.35
N GLU A 49 17.65 -2.13 3.05
CA GLU A 49 17.37 -3.56 3.15
C GLU A 49 15.92 -3.83 3.51
N ASP A 50 15.36 -2.94 4.33
CA ASP A 50 13.98 -3.06 4.78
C ASP A 50 12.97 -2.75 3.67
N TRP A 51 13.15 -1.63 3.00
CA TRP A 51 12.23 -1.22 1.95
C TRP A 51 12.24 -2.21 0.77
N GLN A 52 13.42 -2.65 0.37
CA GLN A 52 13.51 -3.59 -0.75
C GLN A 52 12.82 -4.91 -0.41
N ARG A 53 13.07 -5.45 0.78
CA ARG A 53 12.41 -6.69 1.18
C ARG A 53 10.91 -6.49 1.09
N ILE A 54 10.49 -5.27 1.41
CA ILE A 54 9.08 -4.89 1.38
C ILE A 54 8.58 -4.74 -0.06
N GLN A 55 9.30 -3.96 -0.86
CA GLN A 55 8.89 -3.77 -2.25
C GLN A 55 8.74 -5.11 -2.91
N ASP A 56 9.72 -5.97 -2.70
CA ASP A 56 9.65 -7.32 -3.23
C ASP A 56 8.38 -7.97 -2.72
N GLU A 57 7.96 -7.56 -1.53
CA GLU A 57 6.75 -8.11 -0.93
C GLU A 57 5.53 -7.64 -1.71
N ALA A 58 5.48 -6.34 -2.00
CA ALA A 58 4.37 -5.78 -2.76
C ALA A 58 4.33 -6.44 -4.13
N ASP A 59 5.49 -6.59 -4.75
CA ASP A 59 5.60 -7.21 -6.05
C ASP A 59 4.96 -8.59 -6.00
N GLU A 60 5.44 -9.42 -5.09
CA GLU A 60 4.90 -10.76 -4.93
C GLU A 60 3.39 -10.68 -4.81
N LEU A 61 2.93 -9.82 -3.90
CA LEU A 61 1.50 -9.64 -3.69
C LEU A 61 0.81 -9.28 -4.99
N THR A 62 1.51 -8.51 -5.83
CA THR A 62 0.97 -8.12 -7.12
C THR A 62 0.92 -9.31 -8.05
N ARG A 63 2.00 -10.07 -8.07
CA ARG A 63 2.09 -11.24 -8.92
C ARG A 63 0.88 -12.16 -8.76
N ARG A 64 0.45 -12.38 -7.53
CA ARG A 64 -0.69 -13.24 -7.27
C ARG A 64 -2.00 -12.56 -7.67
N PHE A 65 -2.11 -11.27 -7.39
CA PHE A 65 -3.30 -10.51 -7.74
C PHE A 65 -3.52 -10.57 -9.24
N VAL A 66 -2.47 -10.34 -9.99
CA VAL A 66 -2.55 -10.36 -11.43
C VAL A 66 -2.90 -11.74 -11.98
N ALA A 67 -2.19 -12.75 -11.51
CA ALA A 67 -2.45 -14.12 -11.96
C ALA A 67 -3.89 -14.52 -11.66
N LEU A 68 -4.39 -14.13 -10.50
CA LEU A 68 -5.75 -14.46 -10.07
C LEU A 68 -6.76 -13.46 -10.63
N MET A 69 -6.42 -12.19 -10.58
CA MET A 69 -7.31 -11.12 -11.06
C MET A 69 -7.52 -11.19 -12.56
N ASP A 70 -6.41 -11.27 -13.29
CA ASP A 70 -6.43 -11.36 -14.74
C ASP A 70 -7.16 -12.61 -15.19
N ALA A 71 -7.21 -13.59 -14.30
CA ALA A 71 -7.91 -14.83 -14.59
C ALA A 71 -9.41 -14.57 -14.69
N GLY A 72 -9.80 -13.32 -14.44
CA GLY A 72 -11.20 -12.97 -14.49
C GLY A 72 -11.90 -13.41 -13.24
N GLU A 73 -11.12 -13.62 -12.19
CA GLU A 73 -11.65 -14.07 -10.91
C GLU A 73 -12.22 -12.87 -10.14
N PRO A 74 -13.48 -12.94 -9.66
CA PRO A 74 -14.07 -11.83 -8.93
C PRO A 74 -13.28 -11.50 -7.67
N ALA A 75 -13.36 -10.23 -7.26
CA ALA A 75 -12.60 -9.75 -6.11
C ALA A 75 -13.06 -10.33 -4.78
N ASP A 76 -14.24 -10.93 -4.71
CA ASP A 76 -14.70 -11.52 -3.45
C ASP A 76 -14.44 -13.02 -3.46
N SER A 77 -13.59 -13.42 -4.40
CA SER A 77 -13.20 -14.81 -4.58
C SER A 77 -12.35 -15.28 -3.41
N GLU A 78 -12.50 -16.53 -3.04
CA GLU A 78 -11.71 -17.07 -1.95
C GLU A 78 -10.24 -16.76 -2.23
N GLY A 79 -9.92 -16.80 -3.51
CA GLY A 79 -8.57 -16.51 -3.96
C GLY A 79 -8.24 -15.04 -3.75
N ALA A 80 -9.19 -14.17 -4.08
CA ALA A 80 -8.99 -12.74 -3.94
C ALA A 80 -9.01 -12.31 -2.47
N MET A 81 -9.99 -12.81 -1.72
CA MET A 81 -10.12 -12.46 -0.31
C MET A 81 -8.84 -12.78 0.46
N ASP A 82 -8.27 -13.95 0.21
CA ASP A 82 -7.02 -14.35 0.88
C ASP A 82 -5.90 -13.41 0.50
N ALA A 83 -5.92 -12.90 -0.73
CA ALA A 83 -4.89 -11.96 -1.15
C ALA A 83 -4.86 -10.77 -0.19
N ALA A 84 -6.03 -10.20 0.04
CA ALA A 84 -6.16 -9.07 0.95
C ALA A 84 -5.58 -9.41 2.31
N GLU A 85 -5.87 -10.61 2.80
CA GLU A 85 -5.35 -11.04 4.09
C GLU A 85 -3.84 -10.80 4.08
N ASP A 86 -3.17 -11.28 3.06
CA ASP A 86 -1.74 -11.07 2.92
C ASP A 86 -1.44 -9.58 2.93
N HIS A 87 -2.24 -8.83 2.18
CA HIS A 87 -2.09 -7.37 2.05
C HIS A 87 -2.12 -6.65 3.39
N ARG A 88 -3.02 -7.07 4.27
CA ARG A 88 -3.13 -6.42 5.58
C ARG A 88 -1.97 -6.77 6.51
N GLN A 89 -1.65 -8.06 6.56
CA GLN A 89 -0.60 -8.56 7.44
C GLN A 89 0.72 -7.81 7.29
N GLY A 90 1.28 -7.92 6.08
CA GLY A 90 2.57 -7.33 5.77
C GLY A 90 2.59 -5.81 5.72
N ILE A 91 1.50 -5.18 5.30
CA ILE A 91 1.47 -3.72 5.20
C ILE A 91 1.44 -3.05 6.58
N ALA A 92 0.68 -3.64 7.51
CA ALA A 92 0.57 -3.08 8.87
C ALA A 92 1.89 -3.10 9.61
N ARG A 93 2.64 -4.16 9.41
CA ARG A 93 3.94 -4.34 10.04
C ARG A 93 5.04 -3.47 9.43
N ASN A 94 4.78 -2.82 8.28
CA ASN A 94 5.81 -2.00 7.65
C ASN A 94 5.54 -0.51 7.83
N HIS A 95 4.32 -0.16 8.20
CA HIS A 95 3.97 1.25 8.39
C HIS A 95 3.20 1.48 9.69
N TYR A 96 2.11 0.75 9.90
CA TYR A 96 1.33 0.92 11.12
C TYR A 96 0.24 -0.13 11.27
N ASP A 97 -0.02 -0.55 12.50
CA ASP A 97 -1.08 -1.50 12.78
C ASP A 97 -2.37 -1.00 12.16
N CYS A 98 -2.86 -1.70 11.14
CA CYS A 98 -4.09 -1.31 10.45
C CYS A 98 -5.21 -2.31 10.72
N GLY A 99 -6.43 -1.80 10.85
CA GLY A 99 -7.58 -2.67 11.07
C GLY A 99 -8.38 -2.86 9.81
N TYR A 100 -9.39 -3.72 9.85
CA TYR A 100 -10.22 -3.96 8.67
C TYR A 100 -10.89 -2.67 8.24
N GLU A 101 -11.58 -2.03 9.17
CA GLU A 101 -12.27 -0.77 8.91
C GLU A 101 -11.28 0.30 8.45
N MET A 102 -10.14 0.31 9.12
CA MET A 102 -9.10 1.29 8.86
C MET A 102 -8.67 1.34 7.40
N HIS A 103 -7.91 0.35 6.94
CA HIS A 103 -7.41 0.41 5.57
C HIS A 103 -8.42 -0.08 4.51
N THR A 104 -9.51 -0.76 4.87
CA THR A 104 -10.50 -1.05 3.84
C THR A 104 -10.81 0.28 3.17
N CYS A 105 -11.10 1.29 4.00
CA CYS A 105 -11.34 2.63 3.50
C CYS A 105 -10.11 3.11 2.75
N LEU A 106 -8.91 2.82 3.26
CA LEU A 106 -7.72 3.23 2.51
C LEU A 106 -7.87 2.71 1.07
N GLY A 107 -8.39 1.49 0.98
CA GLY A 107 -8.61 0.83 -0.30
C GLY A 107 -9.50 1.62 -1.26
N GLU A 108 -10.52 2.30 -0.74
CA GLU A 108 -11.42 3.07 -1.61
C GLU A 108 -10.79 4.40 -2.03
N MET A 109 -10.05 5.04 -1.13
CA MET A 109 -9.39 6.31 -1.48
C MET A 109 -8.14 6.02 -2.29
N TYR A 110 -7.89 4.74 -2.48
CA TYR A 110 -6.72 4.24 -3.20
C TYR A 110 -6.71 4.74 -4.64
N VAL A 111 -7.92 4.84 -5.19
CA VAL A 111 -8.14 5.27 -6.56
C VAL A 111 -8.14 6.79 -6.72
N SER A 112 -8.51 7.49 -5.65
CA SER A 112 -8.61 8.95 -5.69
C SER A 112 -7.30 9.61 -6.12
N ASP A 113 -6.18 9.22 -5.52
CA ASP A 113 -4.89 9.82 -5.89
C ASP A 113 -4.11 8.88 -6.80
N GLU A 114 -4.41 8.95 -8.09
CA GLU A 114 -3.76 8.10 -9.09
C GLU A 114 -2.24 8.07 -8.95
N ARG A 115 -1.66 8.86 -8.05
CA ARG A 115 -0.21 8.78 -7.88
C ARG A 115 0.12 7.38 -7.39
N PHE A 116 -0.82 6.83 -6.62
CA PHE A 116 -0.75 5.48 -6.10
C PHE A 116 -1.04 4.45 -7.19
N THR A 117 -2.13 4.68 -7.90
CA THR A 117 -2.57 3.79 -8.97
C THR A 117 -1.57 3.65 -10.10
N ARG A 118 -0.96 4.75 -10.52
CA ARG A 118 -0.02 4.70 -11.63
C ARG A 118 1.27 3.97 -11.27
N ASN A 119 1.71 4.13 -10.03
CA ASN A 119 2.93 3.47 -9.59
C ASN A 119 2.65 1.97 -9.38
N ILE A 120 1.47 1.68 -8.85
CA ILE A 120 1.07 0.29 -8.61
C ILE A 120 0.67 -0.41 -9.90
N ASP A 121 -0.15 0.26 -10.71
CA ASP A 121 -0.63 -0.32 -11.95
C ASP A 121 0.44 -0.41 -13.02
N ALA A 122 1.60 0.18 -12.79
CA ALA A 122 2.67 0.09 -13.77
C ALA A 122 2.90 -1.39 -14.13
N ALA A 123 2.49 -2.28 -13.21
CA ALA A 123 2.63 -3.72 -13.41
C ALA A 123 1.43 -4.32 -14.15
N LYS A 124 0.26 -3.69 -14.04
CA LYS A 124 -0.93 -4.20 -14.73
C LYS A 124 -2.00 -3.14 -14.87
N PRO A 125 -2.40 -2.79 -16.12
CA PRO A 125 -3.44 -1.79 -16.33
C PRO A 125 -4.80 -2.32 -15.87
N GLY A 126 -5.39 -1.66 -14.88
CA GLY A 126 -6.67 -2.11 -14.36
C GLY A 126 -6.48 -3.02 -13.16
N LEU A 127 -5.76 -2.52 -12.15
CA LEU A 127 -5.50 -3.31 -10.94
C LEU A 127 -5.79 -2.52 -9.67
N ALA A 128 -5.49 -1.23 -9.70
CA ALA A 128 -5.73 -0.38 -8.53
C ALA A 128 -7.18 -0.52 -8.08
N ALA A 129 -8.08 -0.62 -9.04
CA ALA A 129 -9.50 -0.76 -8.75
C ALA A 129 -9.83 -2.16 -8.22
N TYR A 130 -9.15 -3.17 -8.75
CA TYR A 130 -9.39 -4.54 -8.29
C TYR A 130 -8.92 -4.73 -6.87
N MET A 131 -7.83 -4.06 -6.52
CA MET A 131 -7.32 -4.13 -5.17
C MET A 131 -8.37 -3.57 -4.23
N ARG A 132 -8.95 -2.46 -4.64
CA ARG A 132 -9.99 -1.78 -3.86
C ARG A 132 -11.18 -2.71 -3.58
N ASP A 133 -11.72 -3.39 -4.60
CA ASP A 133 -12.87 -4.26 -4.36
C ASP A 133 -12.46 -5.51 -3.59
N ALA A 134 -11.27 -6.02 -3.90
CA ALA A 134 -10.75 -7.20 -3.24
C ALA A 134 -10.47 -6.93 -1.76
N ILE A 135 -9.85 -5.78 -1.51
CA ILE A 135 -9.50 -5.38 -0.15
C ILE A 135 -10.74 -4.97 0.65
N LEU A 136 -11.58 -4.14 0.05
CA LEU A 136 -12.80 -3.68 0.72
C LEU A 136 -13.68 -4.86 1.10
N ALA A 137 -13.88 -5.76 0.15
CA ALA A 137 -14.68 -6.97 0.36
C ALA A 137 -14.07 -7.82 1.47
N ASN A 138 -12.76 -7.98 1.42
CA ASN A 138 -12.04 -8.76 2.42
C ASN A 138 -12.36 -8.28 3.83
N ALA A 139 -12.42 -6.97 4.01
CA ALA A 139 -12.70 -6.40 5.31
C ALA A 139 -14.11 -6.74 5.78
N VAL A 140 -15.02 -6.92 4.81
CA VAL A 140 -16.41 -7.24 5.12
C VAL A 140 -16.57 -8.56 5.84
N ARG A 141 -15.87 -9.57 5.38
CA ARG A 141 -15.99 -10.90 5.97
C ARG A 141 -15.07 -11.06 7.17
N HIS A 142 -13.98 -10.31 7.20
CA HIS A 142 -13.02 -10.41 8.30
C HIS A 142 -13.35 -9.44 9.42
N THR A 143 -14.43 -8.66 9.25
CA THR A 143 -14.86 -7.70 10.27
C THR A 143 -16.14 -8.19 10.95
N PRO A 144 -16.02 -8.85 12.11
CA PRO A 144 -17.17 -9.36 12.84
C PRO A 144 -17.72 -8.35 13.84
CA SER B 1 -2.57 8.40 4.76
C SER B 1 -1.15 8.16 4.86
N BB9 B 2 -0.16 8.56 4.01
CA BB9 B 2 1.12 8.23 4.49
C BB9 B 2 2.30 8.55 3.78
O BB9 B 2 3.41 8.26 4.24
CB BB9 B 2 1.07 7.60 5.69
SG BB9 B 2 -0.52 7.40 6.20
HB BB9 B 2 1.94 7.26 6.23
N THR B 3 2.13 8.82 2.50
CA THR B 3 3.23 8.77 1.56
C THR B 3 2.81 9.27 0.19
N DBU B 4 1.52 9.56 0.08
CA DBU B 4 0.99 9.64 -1.22
CB DBU B 4 -0.01 10.49 -1.46
CG DBU B 4 -0.68 11.24 -0.35
C DBU B 4 1.48 8.81 -2.33
H DBU B 4 0.93 9.45 0.86
HB DBU B 4 -0.36 10.63 -2.46
HG1 DBU B 4 -1.74 11.30 -0.54
HG2 DBU B 4 -0.27 12.23 -0.29
HG3 DBU B 4 -0.51 10.72 0.59
N BB9 B 5 1.93 7.52 -2.28
CA BB9 B 5 2.33 7.06 -3.54
C BB9 B 5 2.80 5.73 -3.75
O BB9 B 5 3.17 5.35 -4.86
CB BB9 B 5 2.20 7.98 -4.51
SG BB9 B 5 1.57 9.41 -3.88
HB BB9 B 5 2.45 7.82 -5.55
N 3GL B 6 2.78 4.93 -2.69
CA 3GL B 6 3.21 3.54 -2.78
C 3GL B 6 2.14 2.71 -2.08
CB 3GL B 6 4.63 3.38 -2.18
CG 3GL B 6 4.67 3.00 -0.72
OH 3GL B 6 3.58 3.58 -0.04
CD 3GL B 6 5.94 3.46 -0.03
OE1 3GL B 6 6.82 2.57 0.45
OE2 3GL B 6 6.25 4.65 -0.06
H2 3GL B 6 2.46 5.28 -1.83
HA 3GL B 6 3.23 3.27 -3.82
HB1C 3GL B 6 5.15 4.32 -2.28
HB2C 3GL B 6 5.16 2.62 -2.75
HG 3GL B 6 4.60 1.92 -0.64
N BB9 B 7 1.47 3.02 -0.94
CA BB9 B 7 0.47 2.08 -0.65
C BB9 B 7 -0.37 2.20 0.50
O BB9 B 7 -1.26 1.38 0.75
CB BB9 B 7 0.40 1.09 -1.57
SG BB9 B 7 1.58 1.31 -2.76
HB BB9 B 7 -0.33 0.28 -1.56
N CYS B 8 -0.13 3.25 1.29
CA CYS B 8 -0.92 3.51 2.51
C CYS B 8 -1.60 4.85 2.37
N BB9 B 9 -2.16 5.60 3.37
CA BB9 B 9 -2.71 6.79 2.88
C BB9 B 9 -3.36 7.75 3.82
CB BB9 B 9 -2.57 6.93 1.53
SG BB9 B 9 -1.75 5.60 0.89
HB BB9 B 9 -2.92 7.77 0.94
N MH6 B 10 -4.70 7.95 3.76
CA MH6 B 10 -5.26 8.82 4.62
C MH6 B 10 -6.70 9.07 4.57
CB MH6 B 10 -4.53 9.50 5.58
OG MH6 B 10 -5.15 10.36 6.45
N BB9 B 11 -7.72 8.36 5.15
CA BB9 B 11 -8.97 8.95 4.92
C BB9 B 11 -10.18 8.40 5.43
O BB9 B 11 -11.27 8.93 5.21
CB BB9 B 11 -8.88 10.08 4.17
SG BB9 B 11 -7.28 10.40 3.75
HB BB9 B 11 -9.72 10.69 3.88
N ALA B 12 -10.09 7.27 6.12
CA ALA B 12 -11.26 6.61 6.69
C ALA B 12 -11.67 7.26 8.00
N NH2 B 13 -10.96 8.32 8.39
HN1 NH2 B 13 -10.22 8.61 7.82
HN2 NH2 B 13 -11.21 8.75 9.24
C NO1 C . 2.71 3.39 3.52
O NO1 C . 2.44 2.31 2.98
CB NO1 C . 5.05 1.78 2.33
CG NO1 C . 5.13 3.23 2.75
CD1 NO1 C . 4.14 3.89 3.42
NE1 NO1 C . 4.60 5.08 3.92
CD2 NO1 C . 6.24 4.17 2.69
CE2 NO1 C . 5.87 5.29 3.46
CE3 NO1 C . 7.52 4.16 2.10
CZ2 NO1 C . 6.72 6.38 3.66
CZ3 NO1 C . 8.36 5.24 2.30
CH2 NO1 C . 7.96 6.34 3.08
CF NO1 C . 7.95 3.08 1.13
HB1C NO1 C . 6.05 1.37 2.29
HB2C NO1 C . 4.59 1.71 1.36
HB3C NO1 C . 4.47 1.24 3.05
HE1 NO1 C . 4.11 5.68 4.51
HZ2 NO1 C . 6.44 7.22 4.27
HZ3 NO1 C . 9.34 5.26 1.84
HF1C NO1 C . 8.63 3.50 0.40
HF2C NO1 C . 8.45 2.28 1.65
HH2 NO1 C . 8.65 7.16 3.20
N GLY A 2 12.72 8.66 9.13
CA GLY A 2 13.65 9.12 8.07
C GLY A 2 13.94 8.06 7.04
N ILE A 3 14.02 8.47 5.78
CA ILE A 3 14.32 7.55 4.68
C ILE A 3 15.73 7.79 4.14
N ASN A 4 16.55 6.74 4.21
CA ASN A 4 17.93 6.81 3.74
C ASN A 4 18.06 6.26 2.33
N LEU A 5 17.83 7.11 1.33
CA LEU A 5 17.91 6.70 -0.07
C LEU A 5 18.38 7.85 -0.96
N THR A 6 19.16 7.51 -1.98
CA THR A 6 19.65 8.50 -2.93
C THR A 6 18.66 8.60 -4.09
N PRO A 7 18.54 9.77 -4.73
CA PRO A 7 17.63 9.94 -5.85
C PRO A 7 17.77 8.78 -6.85
N GLU A 8 19.01 8.36 -7.05
CA GLU A 8 19.33 7.27 -7.97
C GLU A 8 18.96 5.89 -7.40
N GLU A 9 19.20 5.71 -6.12
CA GLU A 9 18.90 4.43 -5.47
C GLU A 9 17.40 4.24 -5.28
N LYS A 10 16.68 5.33 -5.07
CA LYS A 10 15.25 5.21 -4.85
C LYS A 10 14.65 4.37 -5.96
N PHE A 11 15.04 4.71 -7.19
CA PHE A 11 14.57 4.02 -8.40
C PHE A 11 14.86 2.52 -8.36
N GLU A 12 15.94 2.13 -7.68
CA GLU A 12 16.33 0.73 -7.59
C GLU A 12 15.35 -0.08 -6.72
N VAL A 13 14.75 0.59 -5.74
CA VAL A 13 13.82 -0.06 -4.83
C VAL A 13 12.35 0.19 -5.19
N PHE A 14 11.94 1.41 -5.55
CA PHE A 14 10.54 1.65 -5.92
C PHE A 14 10.42 1.93 -7.42
N GLY A 15 11.35 2.70 -7.93
CA GLY A 15 11.36 3.02 -9.35
C GLY A 15 10.44 4.16 -9.74
N ASP A 16 10.80 5.40 -9.36
CA ASP A 16 10.04 6.61 -9.69
C ASP A 16 9.24 7.16 -8.51
N PHE A 17 9.52 6.69 -7.31
CA PHE A 17 8.80 7.16 -6.12
C PHE A 17 9.75 7.88 -5.16
N ASP A 18 9.45 9.15 -4.92
CA ASP A 18 10.24 9.99 -4.02
C ASP A 18 9.42 10.37 -2.78
N PRO A 19 9.74 9.82 -1.60
CA PRO A 19 8.97 10.11 -0.38
C PRO A 19 9.15 11.54 0.13
N ASP A 20 10.29 12.16 -0.15
CA ASP A 20 10.54 13.51 0.31
C ASP A 20 9.51 14.49 -0.25
N GLN A 21 9.36 14.52 -1.56
CA GLN A 21 8.41 15.43 -2.19
C GLN A 21 6.98 15.14 -1.72
N TYR A 22 6.69 13.89 -1.34
CA TYR A 22 5.36 13.54 -0.84
C TYR A 22 5.33 13.71 0.68
N GLU A 23 6.52 13.71 1.30
CA GLU A 23 6.59 13.88 2.75
C GLU A 23 5.91 15.17 3.14
N GLU A 24 6.21 16.22 2.39
CA GLU A 24 5.62 17.53 2.61
C GLU A 24 4.12 17.50 2.33
N GLU A 25 3.75 16.84 1.24
CA GLU A 25 2.36 16.76 0.82
C GLU A 25 1.48 16.10 1.88
N VAL A 26 1.99 15.05 2.52
CA VAL A 26 1.23 14.34 3.55
C VAL A 26 1.12 15.18 4.81
N ARG A 27 2.16 15.96 5.07
CA ARG A 27 2.20 16.80 6.27
C ARG A 27 1.06 17.83 6.26
N GLU A 28 0.85 18.52 5.16
CA GLU A 28 -0.21 19.53 5.10
C GLU A 28 -1.62 18.93 5.07
N ARG A 29 -1.86 18.05 4.11
CA ARG A 29 -3.18 17.43 3.95
C ARG A 29 -3.69 16.75 5.22
N TRP A 30 -2.94 15.79 5.78
CA TRP A 30 -3.36 15.09 7.00
C TRP A 30 -2.66 15.67 8.23
N GLY A 31 -1.45 16.14 8.01
CA GLY A 31 -0.63 16.78 9.05
C GLY A 31 -1.00 16.44 10.49
N ASN A 32 -1.37 15.20 10.80
CA ASN A 32 -1.70 14.84 12.18
C ASN A 32 -2.43 13.51 12.31
N THR A 33 -2.31 12.63 11.33
CA THR A 33 -2.96 11.33 11.43
C THR A 33 -2.05 10.35 12.18
N ASP A 34 -2.64 9.44 12.93
CA ASP A 34 -1.89 8.48 13.72
C ASP A 34 -1.03 7.57 12.84
N ALA A 35 -1.63 6.98 11.82
CA ALA A 35 -0.90 6.08 10.93
C ALA A 35 0.40 6.73 10.45
N TYR A 36 0.30 7.94 9.93
CA TYR A 36 1.46 8.66 9.43
C TYR A 36 2.57 8.73 10.49
N ARG A 37 2.18 9.06 11.72
CA ARG A 37 3.14 9.19 12.81
C ARG A 37 4.01 7.95 13.01
N GLN A 38 3.44 6.76 12.78
CA GLN A 38 4.23 5.53 12.94
C GLN A 38 5.25 5.39 11.82
N SER A 39 4.90 5.80 10.62
CA SER A 39 5.86 5.73 9.52
C SER A 39 7.16 6.42 9.93
N LYS A 40 7.05 7.67 10.38
CA LYS A 40 8.21 8.42 10.85
C LYS A 40 8.90 7.69 11.99
N GLU A 41 8.08 7.17 12.89
CA GLU A 41 8.52 6.42 14.06
C GLU A 41 9.50 5.29 13.72
N LYS A 42 8.99 4.35 12.93
CA LYS A 42 9.73 3.15 12.55
C LYS A 42 10.65 3.34 11.35
N THR A 43 10.21 4.11 10.36
CA THR A 43 11.00 4.30 9.15
C THR A 43 12.39 4.86 9.46
N ALA A 44 12.49 5.65 10.52
CA ALA A 44 13.77 6.24 10.88
C ALA A 44 14.83 5.15 11.06
N SER A 45 14.37 3.99 11.53
CA SER A 45 15.24 2.85 11.77
C SER A 45 15.40 1.98 10.52
N TYR A 46 14.52 2.19 9.54
CA TYR A 46 14.55 1.39 8.31
C TYR A 46 15.67 1.80 7.36
N THR A 47 16.36 0.78 6.86
CA THR A 47 17.45 0.94 5.91
C THR A 47 16.98 0.52 4.52
N LYS A 48 17.87 0.53 3.55
CA LYS A 48 17.50 0.13 2.19
C LYS A 48 17.06 -1.34 2.17
N GLU A 49 17.83 -2.18 2.85
CA GLU A 49 17.54 -3.61 2.91
C GLU A 49 16.08 -3.86 3.29
N ASP A 50 15.57 -3.02 4.18
CA ASP A 50 14.20 -3.14 4.67
C ASP A 50 13.16 -2.85 3.60
N TRP A 51 13.29 -1.70 2.93
CA TRP A 51 12.33 -1.32 1.91
C TRP A 51 12.30 -2.29 0.74
N GLN A 52 13.47 -2.79 0.32
CA GLN A 52 13.51 -3.71 -0.80
C GLN A 52 12.80 -5.02 -0.44
N ARG A 53 13.01 -5.54 0.76
CA ARG A 53 12.34 -6.76 1.17
C ARG A 53 10.84 -6.53 1.12
N ILE A 54 10.44 -5.31 1.45
CA ILE A 54 9.04 -4.90 1.44
C ILE A 54 8.54 -4.75 0.01
N GLN A 55 9.25 -3.98 -0.79
CA GLN A 55 8.86 -3.77 -2.18
C GLN A 55 8.74 -5.12 -2.87
N ASP A 56 9.73 -5.96 -2.66
CA ASP A 56 9.72 -7.29 -3.22
C ASP A 56 8.45 -7.98 -2.75
N GLU A 57 8.00 -7.60 -1.56
CA GLU A 57 6.78 -8.20 -1.01
C GLU A 57 5.57 -7.69 -1.79
N ALA A 58 5.55 -6.40 -2.07
CA ALA A 58 4.47 -5.79 -2.83
C ALA A 58 4.41 -6.44 -4.20
N ASP A 59 5.57 -6.56 -4.83
CA ASP A 59 5.67 -7.17 -6.15
C ASP A 59 5.04 -8.56 -6.14
N GLU A 60 5.54 -9.41 -5.26
CA GLU A 60 5.03 -10.76 -5.13
C GLU A 60 3.51 -10.71 -5.00
N LEU A 61 3.05 -9.87 -4.09
CA LEU A 61 1.62 -9.70 -3.86
C LEU A 61 0.91 -9.28 -5.13
N THR A 62 1.61 -8.51 -5.96
CA THR A 62 1.05 -8.05 -7.21
C THR A 62 0.97 -9.20 -8.20
N ARG A 63 2.05 -9.97 -8.28
CA ARG A 63 2.13 -11.09 -9.18
C ARG A 63 0.93 -12.02 -9.04
N ARG A 64 0.58 -12.33 -7.79
CA ARG A 64 -0.54 -13.22 -7.52
C ARG A 64 -1.87 -12.55 -7.87
N PHE A 65 -1.99 -11.26 -7.54
CA PHE A 65 -3.20 -10.51 -7.87
C PHE A 65 -3.43 -10.54 -9.36
N VAL A 66 -2.39 -10.25 -10.11
CA VAL A 66 -2.48 -10.25 -11.56
C VAL A 66 -2.83 -11.63 -12.10
N ALA A 67 -2.09 -12.65 -11.69
CA ALA A 67 -2.34 -14.01 -12.16
C ALA A 67 -3.78 -14.45 -11.85
N LEU A 68 -4.25 -14.10 -10.65
CA LEU A 68 -5.60 -14.45 -10.21
C LEU A 68 -6.64 -13.46 -10.73
N MET A 69 -6.30 -12.17 -10.68
CA MET A 69 -7.20 -11.11 -11.12
C MET A 69 -7.44 -11.20 -12.62
N ASP A 70 -6.34 -11.29 -13.37
CA ASP A 70 -6.38 -11.40 -14.82
C ASP A 70 -7.14 -12.65 -15.23
N ALA A 71 -7.17 -13.63 -14.33
CA ALA A 71 -7.88 -14.87 -14.59
C ALA A 71 -9.38 -14.60 -14.68
N GLY A 72 -9.78 -13.36 -14.41
CA GLY A 72 -11.18 -13.02 -14.45
C GLY A 72 -11.87 -13.48 -13.19
N GLU A 73 -11.06 -13.69 -12.15
CA GLU A 73 -11.57 -14.13 -10.86
C GLU A 73 -12.17 -12.95 -10.09
N PRO A 74 -13.44 -13.02 -9.67
CA PRO A 74 -14.06 -11.91 -8.94
C PRO A 74 -13.28 -11.58 -7.68
N ALA A 75 -13.39 -10.32 -7.26
CA ALA A 75 -12.64 -9.84 -6.11
C ALA A 75 -13.13 -10.41 -4.78
N ASP A 76 -14.30 -11.06 -4.72
CA ASP A 76 -14.76 -11.62 -3.46
C ASP A 76 -14.44 -13.11 -3.43
N SER A 77 -13.57 -13.50 -4.35
CA SER A 77 -13.14 -14.89 -4.48
C SER A 77 -12.24 -15.31 -3.33
N GLU A 78 -12.35 -16.56 -2.93
CA GLU A 78 -11.53 -17.07 -1.86
C GLU A 78 -10.07 -16.74 -2.14
N GLY A 79 -9.74 -16.81 -3.43
CA GLY A 79 -8.39 -16.50 -3.86
C GLY A 79 -8.06 -15.04 -3.64
N ALA A 80 -9.03 -14.17 -3.96
CA ALA A 80 -8.85 -12.73 -3.81
C ALA A 80 -8.87 -12.31 -2.33
N MET A 81 -9.87 -12.80 -1.59
CA MET A 81 -10.01 -12.45 -0.17
C MET A 81 -8.73 -12.78 0.60
N ASP A 82 -8.16 -13.96 0.34
CA ASP A 82 -6.93 -14.38 0.98
C ASP A 82 -5.79 -13.43 0.63
N ALA A 83 -5.80 -12.93 -0.61
CA ALA A 83 -4.78 -12.00 -1.03
C ALA A 83 -4.77 -10.80 -0.08
N ALA A 84 -5.97 -10.25 0.14
CA ALA A 84 -6.13 -9.12 1.04
C ALA A 84 -5.57 -9.44 2.42
N GLU A 85 -5.86 -10.63 2.93
CA GLU A 85 -5.35 -11.01 4.24
C GLU A 85 -3.83 -10.78 4.28
N ASP A 86 -3.12 -11.37 3.33
CA ASP A 86 -1.68 -11.17 3.25
C ASP A 86 -1.39 -9.67 3.15
N HIS A 87 -2.16 -8.97 2.32
CA HIS A 87 -2.02 -7.54 2.13
C HIS A 87 -2.09 -6.80 3.45
N ARG A 88 -3.19 -7.02 4.18
CA ARG A 88 -3.43 -6.39 5.47
C ARG A 88 -2.34 -6.72 6.48
N GLN A 89 -2.05 -8.01 6.64
CA GLN A 89 -1.06 -8.47 7.60
C GLN A 89 0.29 -7.75 7.46
N GLY A 90 0.98 -8.04 6.35
CA GLY A 90 2.30 -7.48 6.10
C GLY A 90 2.35 -5.98 5.88
N ILE A 91 1.30 -5.38 5.34
CA ILE A 91 1.31 -3.94 5.09
C ILE A 91 1.27 -3.15 6.40
N ALA A 92 0.56 -3.68 7.39
CA ALA A 92 0.46 -3.03 8.68
C ALA A 92 1.81 -3.13 9.40
N ARG A 93 2.52 -4.19 9.08
CA ARG A 93 3.82 -4.47 9.65
C ARG A 93 4.93 -3.66 9.00
N ASN A 94 4.66 -2.97 7.89
CA ASN A 94 5.71 -2.20 7.20
C ASN A 94 5.53 -0.69 7.40
N HIS A 95 4.36 -0.29 7.87
CA HIS A 95 4.10 1.13 8.12
C HIS A 95 3.41 1.35 9.47
N TYR A 96 2.29 0.67 9.69
CA TYR A 96 1.58 0.83 10.96
C TYR A 96 0.49 -0.21 11.14
N ASP A 97 -0.15 -0.15 12.31
CA ASP A 97 -1.24 -1.06 12.65
C ASP A 97 -2.54 -0.59 12.02
N CYS A 98 -3.05 -1.37 11.07
CA CYS A 98 -4.30 -1.03 10.39
C CYS A 98 -5.39 -2.05 10.69
N GLY A 99 -6.62 -1.57 10.81
CA GLY A 99 -7.74 -2.45 11.06
C GLY A 99 -8.53 -2.70 9.80
N TYR A 100 -9.57 -3.52 9.87
CA TYR A 100 -10.40 -3.81 8.71
C TYR A 100 -11.09 -2.54 8.23
N GLU A 101 -11.79 -1.89 9.16
CA GLU A 101 -12.51 -0.66 8.85
C GLU A 101 -11.53 0.41 8.37
N MET A 102 -10.37 0.43 9.02
CA MET A 102 -9.33 1.41 8.74
C MET A 102 -8.88 1.40 7.28
N HIS A 103 -8.08 0.42 6.87
CA HIS A 103 -7.56 0.43 5.50
C HIS A 103 -8.56 -0.07 4.47
N THR A 104 -9.67 -0.73 4.83
CA THR A 104 -10.65 -1.03 3.80
C THR A 104 -10.94 0.30 3.12
N CYS A 105 -11.19 1.31 3.96
CA CYS A 105 -11.40 2.66 3.47
C CYS A 105 -10.15 3.14 2.75
N LEU A 106 -8.97 2.74 3.19
CA LEU A 106 -7.77 3.14 2.47
C LEU A 106 -7.92 2.64 1.03
N GLY A 107 -8.44 1.41 0.94
CA GLY A 107 -8.67 0.77 -0.34
C GLY A 107 -9.52 1.60 -1.30
N GLU A 108 -10.52 2.32 -0.79
CA GLU A 108 -11.38 3.11 -1.67
C GLU A 108 -10.71 4.41 -2.14
N MET A 109 -9.99 5.11 -1.28
CA MET A 109 -9.33 6.34 -1.74
C MET A 109 -8.07 5.95 -2.50
N TYR A 110 -7.84 4.64 -2.55
CA TYR A 110 -6.67 4.06 -3.19
C TYR A 110 -6.63 4.39 -4.67
N VAL A 111 -7.73 3.99 -5.32
CA VAL A 111 -7.94 4.18 -6.75
C VAL A 111 -8.05 5.64 -7.14
N SER A 112 -8.60 6.43 -6.22
CA SER A 112 -8.83 7.86 -6.45
C SER A 112 -7.55 8.60 -6.83
N ASP A 113 -6.47 8.36 -6.11
CA ASP A 113 -5.22 9.05 -6.40
C ASP A 113 -4.44 8.33 -7.51
N GLU A 114 -4.06 9.09 -8.52
CA GLU A 114 -3.30 8.58 -9.66
C GLU A 114 -1.87 8.25 -9.29
N ARG A 115 -1.30 8.92 -8.29
CA ARG A 115 0.08 8.66 -7.92
C ARG A 115 0.25 7.28 -7.28
N PHE A 116 -0.75 6.82 -6.55
CA PHE A 116 -0.74 5.49 -5.97
C PHE A 116 -1.07 4.45 -7.03
N THR A 117 -2.17 4.70 -7.72
CA THR A 117 -2.68 3.81 -8.76
C THR A 117 -1.71 3.65 -9.93
N ARG A 118 -1.13 4.76 -10.39
CA ARG A 118 -0.22 4.72 -11.52
C ARG A 118 1.08 4.02 -11.17
N ASN A 119 1.55 4.20 -9.94
CA ASN A 119 2.78 3.54 -9.53
C ASN A 119 2.51 2.04 -9.33
N ILE A 120 1.33 1.73 -8.82
CA ILE A 120 0.93 0.35 -8.61
C ILE A 120 0.57 -0.35 -9.92
N ASP A 121 -0.39 0.23 -10.64
CA ASP A 121 -0.86 -0.36 -11.90
C ASP A 121 0.24 -0.41 -12.96
N ALA A 122 1.38 0.23 -12.71
CA ALA A 122 2.46 0.20 -13.67
C ALA A 122 2.74 -1.25 -14.08
N ALA A 123 2.41 -2.17 -13.17
CA ALA A 123 2.60 -3.60 -13.42
C ALA A 123 1.40 -4.20 -14.15
N LYS A 124 0.23 -3.56 -14.04
CA LYS A 124 -0.95 -4.04 -14.74
C LYS A 124 -2.02 -2.97 -14.82
N PRO A 125 -2.42 -2.56 -16.03
CA PRO A 125 -3.46 -1.54 -16.18
C PRO A 125 -4.80 -2.08 -15.73
N GLY A 126 -5.36 -1.49 -14.68
CA GLY A 126 -6.63 -1.95 -14.18
C GLY A 126 -6.46 -2.94 -13.04
N LEU A 127 -5.71 -2.53 -12.01
CA LEU A 127 -5.46 -3.38 -10.85
C LEU A 127 -5.75 -2.64 -9.55
N ALA A 128 -5.45 -1.34 -9.54
CA ALA A 128 -5.68 -0.52 -8.36
C ALA A 128 -7.12 -0.66 -7.88
N ALA A 129 -8.05 -0.74 -8.82
CA ALA A 129 -9.46 -0.88 -8.50
C ALA A 129 -9.76 -2.29 -8.00
N TYR A 130 -9.08 -3.28 -8.55
CA TYR A 130 -9.31 -4.66 -8.14
C TYR A 130 -8.83 -4.85 -6.71
N MET A 131 -7.76 -4.16 -6.37
CA MET A 131 -7.25 -4.21 -5.01
C MET A 131 -8.31 -3.62 -4.10
N ARG A 132 -8.89 -2.51 -4.54
CA ARG A 132 -9.93 -1.82 -3.81
C ARG A 132 -11.12 -2.73 -3.53
N ASP A 133 -11.68 -3.38 -4.55
CA ASP A 133 -12.83 -4.25 -4.31
C ASP A 133 -12.43 -5.51 -3.56
N ALA A 134 -11.24 -6.02 -3.86
CA ALA A 134 -10.72 -7.21 -3.20
C ALA A 134 -10.43 -6.93 -1.72
N ILE A 135 -9.79 -5.80 -1.48
CA ILE A 135 -9.44 -5.38 -0.13
C ILE A 135 -10.66 -4.95 0.68
N LEU A 136 -11.50 -4.10 0.09
CA LEU A 136 -12.70 -3.62 0.75
C LEU A 136 -13.60 -4.79 1.14
N ALA A 137 -13.80 -5.70 0.21
CA ALA A 137 -14.60 -6.90 0.43
C ALA A 137 -13.99 -7.74 1.55
N ASN A 138 -12.68 -7.89 1.50
CA ASN A 138 -11.97 -8.68 2.50
C ASN A 138 -12.31 -8.21 3.90
N ALA A 139 -12.43 -6.90 4.07
CA ALA A 139 -12.74 -6.32 5.36
C ALA A 139 -14.16 -6.63 5.81
N VAL A 140 -15.08 -6.80 4.85
CA VAL A 140 -16.48 -7.07 5.13
C VAL A 140 -16.72 -8.37 5.87
N ARG A 141 -16.09 -9.43 5.37
CA ARG A 141 -16.26 -10.75 5.98
C ARG A 141 -15.37 -10.92 7.20
N HIS A 142 -14.26 -10.20 7.25
CA HIS A 142 -13.36 -10.30 8.38
C HIS A 142 -13.91 -9.52 9.57
N THR A 143 -14.20 -8.24 9.35
CA THR A 143 -14.75 -7.39 10.39
C THR A 143 -15.97 -8.06 11.05
N PRO A 144 -16.16 -7.89 12.37
CA PRO A 144 -17.28 -8.46 13.08
C PRO A 144 -18.57 -8.44 12.26
CA SER B 1 -2.51 8.24 4.88
C SER B 1 -1.09 8.01 5.00
N BB9 B 2 -0.10 8.32 4.12
CA BB9 B 2 1.16 8.03 4.64
C BB9 B 2 2.36 8.29 3.90
O BB9 B 2 3.47 8.02 4.36
CB BB9 B 2 1.12 7.50 5.89
SG BB9 B 2 -0.47 7.38 6.41
HB BB9 B 2 1.98 7.22 6.46
N THR B 3 2.18 8.64 2.64
CA THR B 3 3.28 8.75 1.70
C THR B 3 2.80 9.31 0.39
N DBU B 4 1.49 9.28 0.21
CA DBU B 4 1.02 9.51 -1.09
CB DBU B 4 0.13 10.48 -1.27
CG DBU B 4 -0.39 11.28 -0.12
C DBU B 4 1.45 8.68 -2.23
H DBU B 4 0.93 8.87 0.90
HB DBU B 4 -0.23 10.68 -2.26
HG1 DBU B 4 -0.26 10.73 0.80
HG2 DBU B 4 -1.45 11.48 -0.26
HG3 DBU B 4 0.15 12.22 -0.06
N BB9 B 5 1.89 7.40 -2.21
CA BB9 B 5 2.18 6.93 -3.50
C BB9 B 5 2.63 5.60 -3.73
O BB9 B 5 2.90 5.19 -4.86
CB BB9 B 5 1.98 7.86 -4.46
SG BB9 B 5 1.41 9.29 -3.79
HB BB9 B 5 2.17 7.69 -5.51
N 3GL B 6 2.74 4.83 -2.65
CA 3GL B 6 3.18 3.44 -2.74
C 3GL B 6 2.12 2.60 -2.04
CB 3GL B 6 4.59 3.30 -2.12
CG 3GL B 6 4.62 2.91 -0.66
OH 3GL B 6 3.53 3.50 0.02
CD 3GL B 6 5.88 3.38 0.04
OE1 3GL B 6 6.77 2.47 0.50
OE2 3GL B 6 6.18 4.56 0.05
H2 3GL B 6 2.50 5.20 -1.77
HA 3GL B 6 3.21 3.16 -3.77
HB1C 3GL B 6 5.10 4.25 -2.21
HB2C 3GL B 6 5.14 2.55 -2.68
HG 3GL B 6 4.55 1.84 -0.58
N BB9 B 7 1.45 2.87 -0.89
CA BB9 B 7 0.45 1.92 -0.61
C BB9 B 7 -0.38 2.02 0.55
O BB9 B 7 -1.26 1.19 0.78
CB BB9 B 7 0.39 0.94 -1.54
SG BB9 B 7 1.55 1.20 -2.75
HB BB9 B 7 -0.32 0.13 -1.56
N CYS B 8 -0.16 3.07 1.35
CA CYS B 8 -0.94 3.30 2.57
C CYS B 8 -1.59 4.67 2.46
N BB9 B 9 -2.12 5.43 3.46
CA BB9 B 9 -2.63 6.64 2.98
C BB9 B 9 -3.29 7.60 3.92
CB BB9 B 9 -2.49 6.78 1.62
SG BB9 B 9 -1.72 5.43 0.98
HB BB9 B 9 -2.81 7.64 1.04
N MH6 B 10 -4.63 7.83 3.83
CA MH6 B 10 -5.21 8.69 4.70
C MH6 B 10 -6.64 8.93 4.61
CB MH6 B 10 -4.49 9.36 5.66
OG MH6 B 10 -5.12 10.23 6.52
N BB9 B 11 -7.66 8.23 5.18
CA BB9 B 11 -8.91 8.82 4.93
C BB9 B 11 -10.12 8.25 5.44
O BB9 B 11 -11.22 8.77 5.22
CB BB9 B 11 -8.82 9.93 4.17
SG BB9 B 11 -7.21 10.25 3.77
HB BB9 B 11 -9.66 10.53 3.85
N ALA B 12 -9.99 7.14 6.16
CA ALA B 12 -11.14 6.46 6.76
C ALA B 12 -10.71 5.14 7.39
N NH2 B 13 -11.55 4.61 8.28
HN1 NH2 B 13 -12.37 5.10 8.49
HN2 NH2 B 13 -11.30 3.76 8.70
C NO1 C . 2.67 3.14 3.59
O NO1 C . 2.40 2.10 2.99
CB NO1 C . 5.03 1.61 2.35
CG NO1 C . 5.09 3.05 2.83
CD1 NO1 C . 4.09 3.65 3.52
NE1 NO1 C . 4.55 4.82 4.09
CD2 NO1 C . 6.19 3.98 2.79
CE2 NO1 C . 5.81 5.07 3.62
CE3 NO1 C . 7.47 4.02 2.20
CZ2 NO1 C . 6.66 6.15 3.86
CZ3 NO1 C . 8.30 5.10 2.44
CH2 NO1 C . 7.89 6.16 3.27
CF NO1 C . 7.90 2.98 1.18
HB1C NO1 C . 4.57 1.56 1.38
HB2C NO1 C . 4.43 1.03 3.05
HB3C NO1 C . 6.02 1.20 2.30
HE1 NO1 C . 4.06 5.39 4.71
HZ2 NO1 C . 6.38 6.96 4.52
HZ3 NO1 C . 9.28 5.16 1.97
HF1C NO1 C . 8.58 3.43 0.48
HF2C NO1 C . 8.41 2.17 1.69
HH2 NO1 C . 8.57 6.97 3.43
N GLY A 2 14.63 10.15 8.69
CA GLY A 2 14.73 8.69 8.96
C GLY A 2 15.12 7.89 7.72
N ILE A 3 14.41 8.13 6.62
CA ILE A 3 14.70 7.43 5.38
C ILE A 3 16.07 7.81 4.82
N ASN A 4 16.93 6.80 4.71
CA ASN A 4 18.29 6.95 4.20
C ASN A 4 18.39 6.48 2.75
N LEU A 5 18.16 7.39 1.80
CA LEU A 5 18.23 7.04 0.38
C LEU A 5 18.66 8.22 -0.47
N THR A 6 19.47 7.91 -1.49
CA THR A 6 19.97 8.89 -2.42
C THR A 6 19.03 8.97 -3.63
N PRO A 7 18.76 10.17 -4.15
CA PRO A 7 17.88 10.33 -5.30
C PRO A 7 18.08 9.20 -6.33
N GLU A 8 19.33 8.82 -6.54
CA GLU A 8 19.65 7.76 -7.48
C GLU A 8 19.31 6.38 -6.92
N GLU A 9 19.50 6.21 -5.62
CA GLU A 9 19.22 4.93 -4.98
C GLU A 9 17.73 4.72 -4.80
N LYS A 10 16.99 5.79 -4.57
CA LYS A 10 15.56 5.65 -4.36
C LYS A 10 15.00 4.88 -5.55
N PHE A 11 15.49 5.33 -6.71
CA PHE A 11 15.13 4.78 -8.01
C PHE A 11 15.33 3.27 -8.06
N GLU A 12 16.36 2.80 -7.38
CA GLU A 12 16.70 1.38 -7.34
C GLU A 12 15.66 0.55 -6.59
N VAL A 13 15.00 1.15 -5.61
CA VAL A 13 13.99 0.45 -4.81
C VAL A 13 12.54 0.75 -5.23
N PHE A 14 12.17 2.02 -5.45
CA PHE A 14 10.77 2.31 -5.85
C PHE A 14 10.69 2.72 -7.31
N GLY A 15 11.65 3.52 -7.75
CA GLY A 15 11.67 3.95 -9.14
C GLY A 15 10.73 5.11 -9.45
N ASP A 16 11.09 6.31 -9.01
CA ASP A 16 10.31 7.53 -9.27
C ASP A 16 9.49 7.99 -8.07
N PHE A 17 9.74 7.42 -6.89
CA PHE A 17 8.99 7.80 -5.69
C PHE A 17 9.88 8.47 -4.64
N ASP A 18 9.49 9.68 -4.25
CA ASP A 18 10.23 10.46 -3.25
C ASP A 18 9.37 10.72 -2.01
N PRO A 19 9.75 10.20 -0.83
CA PRO A 19 8.99 10.39 0.41
C PRO A 19 9.08 11.81 0.97
N ASP A 20 10.26 12.43 0.81
CA ASP A 20 10.47 13.78 1.33
C ASP A 20 9.43 14.75 0.81
N GLN A 21 9.29 14.84 -0.51
CA GLN A 21 8.33 15.76 -1.10
C GLN A 21 6.92 15.48 -0.58
N TYR A 22 6.57 14.20 -0.49
CA TYR A 22 5.26 13.80 0.02
C TYR A 22 5.19 13.87 1.53
N GLU A 23 6.35 13.81 2.19
CA GLU A 23 6.40 13.86 3.64
C GLU A 23 5.63 15.06 4.18
N GLU A 24 5.83 16.20 3.54
CA GLU A 24 5.13 17.42 3.93
C GLU A 24 3.70 17.41 3.38
N GLU A 25 3.49 16.72 2.27
CA GLU A 25 2.16 16.64 1.70
C GLU A 25 1.22 15.90 2.66
N VAL A 26 1.75 14.83 3.26
CA VAL A 26 0.99 14.03 4.22
C VAL A 26 0.85 14.76 5.55
N ARG A 27 1.88 15.51 5.89
CA ARG A 27 1.89 16.24 7.14
C ARG A 27 0.71 17.23 7.21
N GLU A 28 0.50 17.97 6.12
CA GLU A 28 -0.59 18.93 6.07
C GLU A 28 -1.94 18.21 5.99
N ARG A 29 -1.96 17.07 5.32
CA ARG A 29 -3.18 16.29 5.15
C ARG A 29 -3.61 15.60 6.45
N TRP A 30 -2.65 15.00 7.14
CA TRP A 30 -2.96 14.25 8.37
C TRP A 30 -2.13 14.71 9.56
N GLY A 31 -0.91 15.15 9.30
CA GLY A 31 -0.01 15.66 10.34
C GLY A 31 -0.30 15.18 11.77
N ASN A 32 -0.89 13.99 11.95
CA ASN A 32 -1.17 13.51 13.30
C ASN A 32 -1.93 12.20 13.33
N THR A 33 -1.87 11.42 12.26
CA THR A 33 -2.57 10.13 12.24
C THR A 33 -1.68 9.07 12.90
N ASP A 34 -2.30 8.09 13.55
CA ASP A 34 -1.53 7.05 14.23
C ASP A 34 -0.69 6.24 13.23
N ALA A 35 -1.31 5.76 12.17
CA ALA A 35 -0.59 4.97 11.18
C ALA A 35 0.71 5.68 10.78
N TYR A 36 0.68 7.01 10.81
CA TYR A 36 1.86 7.81 10.47
C TYR A 36 2.90 7.69 11.58
N ARG A 37 2.43 7.80 12.82
CA ARG A 37 3.32 7.73 13.98
C ARG A 37 4.22 6.51 13.92
N GLN A 38 3.68 5.37 13.51
CA GLN A 38 4.49 4.15 13.41
C GLN A 38 5.45 4.22 12.24
N SER A 39 5.03 4.84 11.15
CA SER A 39 5.92 4.96 10.00
C SER A 39 7.22 5.63 10.43
N LYS A 40 7.09 6.80 11.03
CA LYS A 40 8.24 7.56 11.55
C LYS A 40 8.97 6.76 12.64
N GLU A 41 8.18 6.15 13.50
CA GLU A 41 8.69 5.35 14.62
C GLU A 41 9.72 4.30 14.23
N LYS A 42 9.28 3.38 13.38
CA LYS A 42 10.10 2.24 12.95
C LYS A 42 11.01 2.54 11.76
N THR A 43 10.53 3.38 10.84
CA THR A 43 11.30 3.67 9.64
C THR A 43 12.68 4.22 9.98
N ALA A 44 12.76 4.99 11.06
CA ALA A 44 14.02 5.59 11.45
C ALA A 44 15.12 4.52 11.50
N SER A 45 14.72 3.32 11.91
CA SER A 45 15.63 2.19 12.02
C SER A 45 15.78 1.43 10.71
N TYR A 46 14.90 1.70 9.75
CA TYR A 46 14.92 1.00 8.45
C TYR A 46 16.01 1.50 7.52
N THR A 47 16.69 0.53 6.91
CA THR A 47 17.77 0.77 5.95
C THR A 47 17.29 0.46 4.53
N LYS A 48 18.20 0.59 3.57
CA LYS A 48 17.86 0.32 2.17
C LYS A 48 17.48 -1.14 1.95
N GLU A 49 18.06 -2.03 2.76
CA GLU A 49 17.79 -3.45 2.66
C GLU A 49 16.33 -3.79 3.00
N ASP A 50 15.78 -3.01 3.92
CA ASP A 50 14.42 -3.22 4.41
C ASP A 50 13.35 -2.82 3.39
N TRP A 51 13.44 -1.60 2.85
CA TRP A 51 12.44 -1.14 1.89
C TRP A 51 12.39 -2.03 0.65
N GLN A 52 13.54 -2.48 0.18
CA GLN A 52 13.56 -3.34 -0.98
C GLN A 52 12.83 -4.65 -0.68
N ARG A 53 13.00 -5.14 0.55
CA ARG A 53 12.30 -6.37 0.95
C ARG A 53 10.80 -6.10 0.95
N ILE A 54 10.44 -4.88 1.33
CA ILE A 54 9.04 -4.46 1.35
C ILE A 54 8.50 -4.30 -0.06
N GLN A 55 9.29 -3.68 -0.94
CA GLN A 55 8.85 -3.51 -2.31
C GLN A 55 8.70 -4.88 -2.95
N ASP A 56 9.66 -5.75 -2.65
CA ASP A 56 9.62 -7.11 -3.13
C ASP A 56 8.37 -7.78 -2.59
N GLU A 57 7.95 -7.35 -1.40
CA GLU A 57 6.76 -7.91 -0.77
C GLU A 57 5.51 -7.52 -1.53
N ALA A 58 5.37 -6.23 -1.78
CA ALA A 58 4.23 -5.74 -2.52
C ALA A 58 4.23 -6.36 -3.91
N ASP A 59 5.40 -6.45 -4.51
CA ASP A 59 5.54 -7.04 -5.83
C ASP A 59 4.96 -8.45 -5.84
N GLU A 60 5.47 -9.29 -4.96
CA GLU A 60 5.00 -10.65 -4.86
C GLU A 60 3.49 -10.66 -4.75
N LEU A 61 2.98 -9.84 -3.83
CA LEU A 61 1.55 -9.73 -3.63
C LEU A 61 0.85 -9.31 -4.92
N THR A 62 1.53 -8.48 -5.70
CA THR A 62 0.99 -8.01 -6.96
C THR A 62 0.96 -9.16 -7.96
N ARG A 63 2.07 -9.89 -8.01
CA ARG A 63 2.21 -11.01 -8.92
C ARG A 63 1.03 -11.97 -8.81
N ARG A 64 0.67 -12.31 -7.57
CA ARG A 64 -0.43 -13.23 -7.33
C ARG A 64 -1.78 -12.59 -7.64
N PHE A 65 -1.94 -11.32 -7.27
CA PHE A 65 -3.18 -10.61 -7.59
C PHE A 65 -3.37 -10.62 -9.09
N VAL A 66 -2.31 -10.30 -9.80
CA VAL A 66 -2.35 -10.28 -11.26
C VAL A 66 -2.69 -11.64 -11.85
N ALA A 67 -1.99 -12.68 -11.42
CA ALA A 67 -2.23 -14.02 -11.92
C ALA A 67 -3.68 -14.47 -11.65
N LEU A 68 -4.18 -14.14 -10.47
CA LEU A 68 -5.55 -14.50 -10.09
C LEU A 68 -6.55 -13.49 -10.64
N MET A 69 -6.17 -12.21 -10.60
CA MET A 69 -7.03 -11.14 -11.08
C MET A 69 -7.19 -11.21 -12.59
N ASP A 70 -6.07 -11.25 -13.30
CA ASP A 70 -6.06 -11.33 -14.75
C ASP A 70 -6.79 -12.58 -15.22
N ALA A 71 -6.86 -13.57 -14.34
CA ALA A 71 -7.55 -14.80 -14.67
C ALA A 71 -9.04 -14.53 -14.80
N GLY A 72 -9.43 -13.28 -14.54
CA GLY A 72 -10.83 -12.93 -14.64
C GLY A 72 -11.58 -13.39 -13.42
N GLU A 73 -10.84 -13.57 -12.34
CA GLU A 73 -11.42 -14.03 -11.09
C GLU A 73 -12.00 -12.83 -10.33
N PRO A 74 -13.28 -12.87 -9.90
CA PRO A 74 -13.88 -11.73 -9.19
C PRO A 74 -13.09 -11.38 -7.93
N ALA A 75 -13.21 -10.12 -7.53
CA ALA A 75 -12.48 -9.60 -6.38
C ALA A 75 -12.96 -10.17 -5.04
N ASP A 76 -14.17 -10.73 -4.99
CA ASP A 76 -14.66 -11.29 -3.74
C ASP A 76 -14.42 -12.80 -3.75
N SER A 77 -13.60 -13.23 -4.70
CA SER A 77 -13.25 -14.63 -4.84
C SER A 77 -12.47 -15.11 -3.62
N GLU A 78 -12.69 -16.35 -3.23
CA GLU A 78 -11.96 -16.89 -2.08
C GLU A 78 -10.47 -16.65 -2.31
N GLY A 79 -10.05 -16.89 -3.55
CA GLY A 79 -8.67 -16.68 -3.91
C GLY A 79 -8.25 -15.25 -3.67
N ALA A 80 -9.15 -14.32 -3.98
CA ALA A 80 -8.89 -12.91 -3.76
C ALA A 80 -8.97 -12.55 -2.28
N MET A 81 -9.94 -13.14 -1.57
CA MET A 81 -10.13 -12.87 -0.14
C MET A 81 -8.86 -13.20 0.64
N ASP A 82 -8.27 -14.37 0.36
CA ASP A 82 -7.04 -14.79 1.01
C ASP A 82 -5.93 -13.81 0.69
N ALA A 83 -5.92 -13.30 -0.54
CA ALA A 83 -4.91 -12.34 -0.92
C ALA A 83 -4.95 -11.14 0.02
N ALA A 84 -6.15 -10.60 0.21
CA ALA A 84 -6.33 -9.46 1.11
C ALA A 84 -5.77 -9.80 2.50
N GLU A 85 -6.04 -11.00 2.99
CA GLU A 85 -5.53 -11.41 4.28
C GLU A 85 -4.03 -11.16 4.32
N ASP A 86 -3.33 -11.65 3.31
CA ASP A 86 -1.90 -11.42 3.21
C ASP A 86 -1.63 -9.91 3.24
N HIS A 87 -2.45 -9.17 2.49
CA HIS A 87 -2.32 -7.72 2.42
C HIS A 87 -2.34 -7.11 3.82
N ARG A 88 -3.15 -7.66 4.72
CA ARG A 88 -3.23 -7.13 6.09
C ARG A 88 -1.96 -7.42 6.88
N GLN A 89 -1.48 -8.65 6.85
CA GLN A 89 -0.25 -8.96 7.57
C GLN A 89 0.96 -8.63 6.71
N GLY A 90 0.72 -8.32 5.44
CA GLY A 90 1.83 -7.90 4.60
C GLY A 90 2.16 -6.44 4.84
N ILE A 91 1.15 -5.59 4.70
CA ILE A 91 1.27 -4.14 4.90
C ILE A 91 1.37 -3.74 6.37
N ALA A 92 0.68 -4.47 7.25
CA ALA A 92 0.64 -4.16 8.69
C ALA A 92 2.02 -4.21 9.36
N ARG A 93 2.79 -5.24 9.06
CA ARG A 93 4.11 -5.42 9.64
C ARG A 93 5.14 -4.43 9.12
N ASN A 94 5.18 -4.29 7.81
CA ASN A 94 6.15 -3.40 7.20
C ASN A 94 5.76 -1.94 7.37
N HIS A 95 4.51 -1.66 7.75
CA HIS A 95 4.06 -0.27 7.91
C HIS A 95 3.47 0.00 9.31
N TYR A 96 2.31 -0.58 9.61
CA TYR A 96 1.66 -0.36 10.90
C TYR A 96 0.48 -1.31 11.09
N ASP A 97 0.17 -1.68 12.34
CA ASP A 97 -0.94 -2.57 12.59
C ASP A 97 -2.21 -2.05 11.90
N CYS A 98 -2.71 -2.82 10.94
CA CYS A 98 -3.88 -2.44 10.17
C CYS A 98 -5.08 -3.35 10.39
N GLY A 99 -6.21 -2.72 10.70
CA GLY A 99 -7.47 -3.42 10.88
C GLY A 99 -8.29 -3.30 9.62
N TYR A 100 -9.62 -3.20 9.71
CA TYR A 100 -10.43 -3.04 8.50
C TYR A 100 -10.59 -1.54 8.26
N GLU A 101 -9.78 -0.81 9.01
CA GLU A 101 -9.63 0.64 8.95
C GLU A 101 -9.17 1.08 7.57
N MET A 102 -7.85 1.21 7.40
CA MET A 102 -7.28 1.64 6.13
C MET A 102 -7.83 0.79 4.99
N HIS A 103 -7.83 -0.52 5.17
CA HIS A 103 -8.40 -1.41 4.17
C HIS A 103 -9.56 -0.76 3.42
N THR A 104 -10.74 -0.71 4.01
CA THR A 104 -11.88 -0.15 3.28
C THR A 104 -11.67 1.30 2.87
N CYS A 105 -11.45 2.20 3.82
CA CYS A 105 -11.27 3.61 3.48
C CYS A 105 -10.02 3.85 2.62
N LEU A 106 -8.89 3.31 3.05
CA LEU A 106 -7.64 3.49 2.31
C LEU A 106 -7.75 2.95 0.90
N GLY A 107 -8.17 1.69 0.78
CA GLY A 107 -8.31 1.08 -0.52
C GLY A 107 -9.09 1.94 -1.49
N GLU A 108 -10.29 2.36 -1.07
CA GLU A 108 -11.15 3.20 -1.90
C GLU A 108 -10.47 4.53 -2.22
N MET A 109 -9.61 4.99 -1.33
CA MET A 109 -8.93 6.27 -1.54
C MET A 109 -7.72 6.17 -2.48
N TYR A 110 -6.93 5.08 -2.40
CA TYR A 110 -5.75 5.01 -3.26
C TYR A 110 -6.13 4.71 -4.70
N VAL A 111 -7.34 4.19 -4.89
CA VAL A 111 -7.85 3.94 -6.22
C VAL A 111 -8.31 5.25 -6.82
N SER A 112 -8.68 6.18 -5.93
CA SER A 112 -9.15 7.50 -6.30
C SER A 112 -7.99 8.43 -6.61
N ASP A 113 -6.80 8.10 -6.13
CA ASP A 113 -5.61 8.91 -6.37
C ASP A 113 -4.77 8.30 -7.49
N GLU A 114 -4.39 9.12 -8.46
CA GLU A 114 -3.57 8.67 -9.58
C GLU A 114 -2.14 8.38 -9.16
N ARG A 115 -1.61 9.16 -8.22
CA ARG A 115 -0.22 8.97 -7.82
C ARG A 115 -0.02 7.65 -7.08
N PHE A 116 -1.04 7.20 -6.35
CA PHE A 116 -1.01 5.92 -5.67
C PHE A 116 -1.27 4.79 -6.67
N THR A 117 -2.34 4.98 -7.42
CA THR A 117 -2.77 4.02 -8.43
C THR A 117 -1.75 3.84 -9.54
N ARG A 118 -1.14 4.95 -9.97
CA ARG A 118 -0.18 4.92 -11.06
C ARG A 118 1.11 4.20 -10.66
N ASN A 119 1.51 4.33 -9.39
CA ASN A 119 2.72 3.65 -8.95
C ASN A 119 2.43 2.17 -8.74
N ILE A 120 1.25 1.86 -8.22
CA ILE A 120 0.84 0.48 -7.99
C ILE A 120 0.48 -0.22 -9.30
N ASP A 121 -0.37 0.43 -10.09
CA ASP A 121 -0.82 -0.16 -11.35
C ASP A 121 0.26 -0.17 -12.41
N ALA A 122 1.39 0.47 -12.14
CA ALA A 122 2.47 0.47 -13.12
C ALA A 122 2.74 -0.99 -13.52
N ALA A 123 2.36 -1.91 -12.63
CA ALA A 123 2.53 -3.33 -12.85
C ALA A 123 1.33 -3.93 -13.59
N LYS A 124 0.15 -3.35 -13.40
CA LYS A 124 -1.04 -3.85 -14.08
C LYS A 124 -2.16 -2.82 -14.11
N PRO A 125 -2.28 -2.07 -15.22
CA PRO A 125 -3.31 -1.04 -15.37
C PRO A 125 -4.71 -1.55 -14.98
N GLY A 126 -5.32 -0.94 -13.95
CA GLY A 126 -6.65 -1.36 -13.53
C GLY A 126 -6.63 -2.13 -12.22
N LEU A 127 -5.48 -2.72 -11.92
CA LEU A 127 -5.32 -3.52 -10.70
C LEU A 127 -5.67 -2.75 -9.43
N ALA A 128 -5.41 -1.43 -9.42
CA ALA A 128 -5.71 -0.61 -8.25
C ALA A 128 -7.15 -0.80 -7.79
N ALA A 129 -8.07 -0.85 -8.76
CA ALA A 129 -9.48 -1.03 -8.45
C ALA A 129 -9.78 -2.44 -7.98
N TYR A 130 -9.10 -3.43 -8.55
CA TYR A 130 -9.31 -4.81 -8.16
C TYR A 130 -8.87 -5.02 -6.73
N MET A 131 -7.81 -4.33 -6.36
CA MET A 131 -7.31 -4.39 -5.00
C MET A 131 -8.36 -3.80 -4.08
N ARG A 132 -8.89 -2.66 -4.51
CA ARG A 132 -9.91 -1.93 -3.78
C ARG A 132 -11.15 -2.80 -3.53
N ASP A 133 -11.71 -3.41 -4.57
CA ASP A 133 -12.90 -4.23 -4.37
C ASP A 133 -12.54 -5.49 -3.58
N ALA A 134 -11.36 -6.03 -3.86
CA ALA A 134 -10.88 -7.22 -3.17
C ALA A 134 -10.72 -6.94 -1.68
N ILE A 135 -10.23 -5.74 -1.37
CA ILE A 135 -10.03 -5.33 0.01
C ILE A 135 -11.37 -5.06 0.70
N LEU A 136 -12.26 -4.39 -0.01
CA LEU A 136 -13.59 -4.05 0.52
C LEU A 136 -14.35 -5.31 0.94
N ALA A 137 -14.36 -6.31 0.06
CA ALA A 137 -15.06 -7.56 0.37
C ALA A 137 -14.42 -8.28 1.55
N ASN A 138 -13.09 -8.27 1.60
CA ASN A 138 -12.36 -8.90 2.69
C ASN A 138 -12.73 -8.27 4.03
N ALA A 139 -12.76 -6.95 4.06
CA ALA A 139 -13.08 -6.21 5.27
C ALA A 139 -14.52 -6.47 5.73
N VAL A 140 -15.39 -6.75 4.77
CA VAL A 140 -16.81 -6.97 5.05
C VAL A 140 -17.07 -8.24 5.83
N ARG A 141 -16.39 -9.30 5.43
CA ARG A 141 -16.58 -10.59 6.07
C ARG A 141 -15.80 -10.73 7.37
N HIS A 142 -14.91 -9.79 7.65
CA HIS A 142 -14.12 -9.83 8.87
C HIS A 142 -14.71 -8.92 9.94
N THR A 143 -15.87 -8.35 9.64
CA THR A 143 -16.54 -7.46 10.60
C THR A 143 -17.77 -8.14 11.21
N PRO A 144 -18.08 -7.85 12.48
CA PRO A 144 -19.23 -8.44 13.17
C PRO A 144 -20.43 -8.59 12.25
CA SER B 1 -2.12 7.91 5.66
C SER B 1 -0.68 7.71 5.71
N BB9 B 2 0.24 8.12 4.82
CA BB9 B 2 1.55 7.87 5.27
C BB9 B 2 2.69 8.23 4.49
O BB9 B 2 3.82 8.02 4.90
CB BB9 B 2 1.58 7.28 6.49
SG BB9 B 2 0.02 7.03 7.06
HB BB9 B 2 2.48 7.02 7.02
N THR B 3 2.43 8.52 3.22
CA THR B 3 3.49 8.59 2.23
C THR B 3 2.96 9.07 0.89
N DBU B 4 1.65 9.24 0.82
CA DBU B 4 1.12 9.43 -0.47
CB DBU B 4 0.14 10.31 -0.65
CG DBU B 4 -0.54 10.98 0.50
C DBU B 4 1.61 8.65 -1.62
H DBU B 4 1.09 8.96 1.57
HB DBU B 4 -0.17 10.55 -1.65
HG1 DBU B 4 -0.14 11.98 0.63
HG2 DBU B 4 -0.36 10.41 1.40
HG3 DBU B 4 -1.59 11.06 0.31
N BB9 B 5 2.03 7.35 -1.63
CA BB9 B 5 2.42 6.95 -2.92
C BB9 B 5 2.86 5.62 -3.17
O BB9 B 5 3.20 5.25 -4.29
CB BB9 B 5 2.30 7.92 -3.84
SG BB9 B 5 1.69 9.33 -3.13
HB BB9 B 5 2.54 7.80 -4.88
N 3GL B 6 2.86 4.80 -2.12
CA 3GL B 6 3.27 3.40 -2.22
C 3GL B 6 2.10 2.60 -1.68
CB 3GL B 6 4.54 3.14 -1.40
CG 3GL B 6 5.64 4.16 -1.60
OH 3GL B 6 6.40 3.82 -2.75
CD 3GL B 6 6.57 4.25 -0.39
OE1 3GL B 6 7.24 3.14 -0.02
OE2 3GL B 6 6.44 5.16 0.40
H2 3GL B 6 2.56 5.14 -1.25
HA 3GL B 6 3.45 3.16 -3.27
HB1C 3GL B 6 4.93 2.18 -1.65
HB2C 3GL B 6 4.25 3.14 -0.35
HG 3GL B 6 5.19 5.13 -1.74
N BB9 B 7 1.46 2.79 -0.51
CA BB9 B 7 0.44 1.85 -0.32
C BB9 B 7 -0.35 1.91 0.87
O BB9 B 7 -1.25 1.10 1.08
CB BB9 B 7 0.33 0.96 -1.34
SG BB9 B 7 1.49 1.30 -2.53
HB BB9 B 7 -0.39 0.16 -1.39
N CYS B 8 -0.03 2.88 1.71
CA CYS B 8 -0.75 3.09 2.97
C CYS B 8 -1.30 4.50 2.97
N BB9 B 9 -1.80 5.19 4.02
CA BB9 B 9 -2.26 6.47 3.64
C BB9 B 9 -2.90 7.35 4.66
CB BB9 B 9 -2.11 6.70 2.31
SG BB9 B 9 -1.40 5.38 1.56
HB BB9 B 9 -2.43 7.61 1.80
N MH6 B 10 -4.23 7.58 4.61
CA MH6 B 10 -4.81 8.35 5.55
C MH6 B 10 -6.23 8.60 5.46
CB MH6 B 10 -4.08 8.92 6.57
OG MH6 B 10 -4.71 9.71 7.51
N BB9 B 11 -7.25 7.91 6.04
CA BB9 B 11 -8.50 8.46 5.73
C BB9 B 11 -9.72 7.88 6.24
O BB9 B 11 -10.82 8.37 5.98
CB BB9 B 11 -8.42 9.56 4.95
SG BB9 B 11 -6.82 9.90 4.59
HB BB9 B 11 -9.27 10.14 4.61
N ALA B 12 -9.58 6.81 7.00
CA ALA B 12 -10.73 6.12 7.58
C ALA B 12 -10.93 6.51 9.04
N NH2 B 13 -10.74 7.79 9.33
HN1 NH2 B 13 -10.51 8.40 8.61
HN2 NH2 B 13 -10.86 8.07 10.26
C NO1 C . 2.88 2.99 3.57
O NO1 C . 2.57 1.99 2.93
CB NO1 C . 5.29 1.76 1.92
CG NO1 C . 5.28 3.09 2.65
CD1 NO1 C . 4.28 3.56 3.45
NE1 NO1 C . 4.69 4.69 4.11
CD2 NO1 C . 6.35 4.05 2.74
CE2 NO1 C . 5.95 5.02 3.67
CE3 NO1 C . 7.62 4.18 2.15
CZ2 NO1 C . 6.76 6.10 4.05
CZ3 NO1 C . 8.42 5.26 2.51
CH2 NO1 C . 7.99 6.20 3.44
CF NO1 C . 8.11 3.20 1.11
HB1C NO1 C . 4.32 1.31 1.98
HB2C NO1 C . 6.03 1.12 2.37
HB3C NO1 C . 5.54 1.92 0.88
HE1 NO1 C . 4.18 5.18 4.79
HZ2 NO1 C . 6.44 6.82 4.78
HZ3 NO1 C . 9.40 5.39 2.05
HF1C NO1 C . 9.09 3.50 0.78
HF2C NO1 C . 8.19 2.22 1.55
HH2 NO1 C . 8.65 7.02 3.70
N GLY A 2 14.32 10.57 8.10
CA GLY A 2 14.35 9.12 8.42
C GLY A 2 14.77 8.27 7.23
N ILE A 3 14.12 8.47 6.10
CA ILE A 3 14.42 7.73 4.88
C ILE A 3 15.82 8.07 4.36
N ASN A 4 16.66 7.04 4.28
CA ASN A 4 18.03 7.16 3.79
C ASN A 4 18.13 6.71 2.34
N LEU A 5 17.89 7.62 1.40
CA LEU A 5 17.95 7.28 -0.03
C LEU A 5 18.39 8.46 -0.89
N THR A 6 19.23 8.16 -1.87
CA THR A 6 19.70 9.16 -2.83
C THR A 6 18.72 9.20 -4.00
N PRO A 7 18.55 10.35 -4.67
CA PRO A 7 17.60 10.47 -5.79
C PRO A 7 17.72 9.34 -6.80
N GLU A 8 18.94 8.89 -7.04
CA GLU A 8 19.19 7.82 -8.03
C GLU A 8 18.78 6.44 -7.52
N GLU A 9 18.99 6.17 -6.25
CA GLU A 9 18.64 4.87 -5.68
C GLU A 9 17.15 4.73 -5.47
N LYS A 10 16.47 5.85 -5.17
CA LYS A 10 15.05 5.76 -4.92
C LYS A 10 14.39 4.98 -6.06
N PHE A 11 14.76 5.38 -7.28
CA PHE A 11 14.25 4.77 -8.50
C PHE A 11 14.56 3.27 -8.56
N GLU A 12 15.67 2.87 -7.95
CA GLU A 12 16.07 1.47 -7.93
C GLU A 12 15.10 0.64 -7.11
N VAL A 13 14.48 1.27 -6.12
CA VAL A 13 13.52 0.61 -5.26
C VAL A 13 12.07 0.88 -5.68
N PHE A 14 11.71 2.13 -6.02
CA PHE A 14 10.32 2.41 -6.44
C PHE A 14 10.24 2.75 -7.92
N GLY A 15 11.20 3.53 -8.39
CA GLY A 15 11.21 3.91 -9.79
C GLY A 15 10.72 5.33 -10.06
N ASP A 16 9.64 5.73 -9.37
CA ASP A 16 9.06 7.06 -9.59
C ASP A 16 8.46 7.65 -8.31
N PHE A 17 8.86 7.13 -7.16
CA PHE A 17 8.33 7.61 -5.87
C PHE A 17 9.42 8.22 -4.99
N ASP A 18 9.23 9.49 -4.65
CA ASP A 18 10.15 10.21 -3.78
C ASP A 18 9.44 10.48 -2.45
N PRO A 19 9.89 9.87 -1.34
CA PRO A 19 9.22 10.05 -0.04
C PRO A 19 9.38 11.45 0.54
N ASP A 20 10.49 12.10 0.25
CA ASP A 20 10.72 13.45 0.77
C ASP A 20 9.63 14.39 0.24
N GLN A 21 9.45 14.39 -1.08
CA GLN A 21 8.45 15.24 -1.71
C GLN A 21 7.05 14.98 -1.17
N TYR A 22 6.73 13.72 -0.86
CA TYR A 22 5.41 13.39 -0.33
C TYR A 22 5.40 13.51 1.19
N GLU A 23 6.58 13.49 1.81
CA GLU A 23 6.66 13.61 3.25
C GLU A 23 5.94 14.89 3.67
N GLU A 24 6.20 15.95 2.94
CA GLU A 24 5.57 17.24 3.19
C GLU A 24 4.07 17.18 2.90
N GLU A 25 3.71 16.48 1.82
CA GLU A 25 2.33 16.35 1.40
C GLU A 25 1.45 15.64 2.44
N VAL A 26 2.00 14.63 3.09
CA VAL A 26 1.24 13.89 4.10
C VAL A 26 1.06 14.76 5.34
N ARG A 27 2.05 15.59 5.60
CA ARG A 27 2.01 16.49 6.74
C ARG A 27 0.84 17.45 6.62
N GLU A 28 0.67 18.04 5.44
CA GLU A 28 -0.43 18.98 5.21
C GLU A 28 -1.77 18.27 5.13
N ARG A 29 -1.77 17.07 4.58
CA ARG A 29 -2.99 16.29 4.42
C ARG A 29 -3.58 15.88 5.78
N TRP A 30 -2.73 15.33 6.63
CA TRP A 30 -3.17 14.83 7.94
C TRP A 30 -2.42 15.49 9.11
N GLY A 31 -1.17 15.86 8.85
CA GLY A 31 -0.33 16.51 9.85
C GLY A 31 -0.71 16.22 11.29
N ASN A 32 -1.42 15.11 11.56
CA ASN A 32 -1.83 14.78 12.91
C ASN A 32 -2.42 13.38 13.05
N THR A 33 -2.22 12.52 12.06
CA THR A 33 -2.78 11.16 12.13
C THR A 33 -1.79 10.16 12.71
N ASP A 34 -2.33 9.19 13.44
CA ASP A 34 -1.50 8.16 14.08
C ASP A 34 -0.73 7.33 13.07
N ALA A 35 -1.42 6.85 12.03
CA ALA A 35 -0.78 6.04 11.00
C ALA A 35 0.47 6.73 10.48
N TYR A 36 0.36 8.02 10.19
CA TYR A 36 1.49 8.80 9.68
C TYR A 36 2.61 8.84 10.70
N ARG A 37 2.25 9.14 11.95
CA ARG A 37 3.22 9.25 13.02
C ARG A 37 4.08 7.99 13.12
N GLN A 38 3.50 6.83 12.84
CA GLN A 38 4.28 5.59 12.91
C GLN A 38 5.29 5.52 11.77
N SER A 39 4.93 6.03 10.61
CA SER A 39 5.87 6.02 9.48
C SER A 39 7.16 6.75 9.87
N LYS A 40 7.03 8.00 10.31
CA LYS A 40 8.18 8.79 10.76
C LYS A 40 8.80 8.15 12.00
N GLU A 41 7.94 7.73 12.92
CA GLU A 41 8.36 7.07 14.15
C GLU A 41 9.35 5.95 13.91
N LYS A 42 8.86 4.97 13.16
CA LYS A 42 9.60 3.76 12.85
C LYS A 42 10.54 3.87 11.65
N THR A 43 10.12 4.57 10.59
CA THR A 43 10.94 4.68 9.40
C THR A 43 12.29 5.34 9.69
N ALA A 44 12.42 5.94 10.87
CA ALA A 44 13.66 6.61 11.25
C ALA A 44 14.92 5.85 10.85
N SER A 45 15.00 4.55 11.10
CA SER A 45 16.22 3.82 10.74
C SER A 45 16.04 2.83 9.58
N TYR A 46 14.95 2.94 8.83
CA TYR A 46 14.75 2.04 7.70
C TYR A 46 15.79 2.30 6.62
N THR A 47 16.38 1.23 6.12
CA THR A 47 17.41 1.29 5.09
C THR A 47 16.89 0.81 3.74
N LYS A 48 17.79 0.79 2.76
CA LYS A 48 17.45 0.34 1.42
C LYS A 48 17.04 -1.13 1.44
N GLU A 49 17.66 -1.89 2.33
CA GLU A 49 17.37 -3.32 2.49
C GLU A 49 15.92 -3.54 2.91
N ASP A 50 15.49 -2.80 3.94
CA ASP A 50 14.14 -2.92 4.48
C ASP A 50 13.07 -2.60 3.43
N TRP A 51 13.18 -1.44 2.80
CA TRP A 51 12.21 -1.05 1.79
C TRP A 51 12.17 -2.04 0.64
N GLN A 52 13.33 -2.55 0.23
CA GLN A 52 13.38 -3.51 -0.85
C GLN A 52 12.68 -4.81 -0.44
N ARG A 53 12.84 -5.23 0.81
CA ARG A 53 12.19 -6.44 1.30
C ARG A 53 10.67 -6.25 1.23
N ILE A 54 10.25 -5.04 1.57
CA ILE A 54 8.84 -4.66 1.53
C ILE A 54 8.35 -4.56 0.09
N GLN A 55 9.12 -3.90 -0.76
CA GLN A 55 8.74 -3.78 -2.16
C GLN A 55 8.63 -5.16 -2.76
N ASP A 56 9.62 -5.99 -2.45
CA ASP A 56 9.62 -7.36 -2.93
C ASP A 56 8.37 -8.05 -2.45
N GLU A 57 7.89 -7.63 -1.27
CA GLU A 57 6.68 -8.21 -0.70
C GLU A 57 5.47 -7.75 -1.49
N ALA A 58 5.42 -6.45 -1.77
CA ALA A 58 4.32 -5.90 -2.54
C ALA A 58 4.31 -6.55 -3.91
N ASP A 59 5.47 -6.64 -4.52
CA ASP A 59 5.61 -7.26 -5.82
C ASP A 59 5.02 -8.67 -5.80
N GLU A 60 5.53 -9.49 -4.91
CA GLU A 60 5.04 -10.86 -4.77
C GLU A 60 3.53 -10.82 -4.66
N LEU A 61 3.04 -9.97 -3.76
CA LEU A 61 1.62 -9.83 -3.55
C LEU A 61 0.92 -9.43 -4.84
N THR A 62 1.59 -8.62 -5.64
CA THR A 62 1.05 -8.17 -6.91
C THR A 62 1.01 -9.33 -7.90
N ARG A 63 2.12 -10.07 -7.95
CA ARG A 63 2.24 -11.19 -8.86
C ARG A 63 1.06 -12.15 -8.73
N ARG A 64 0.66 -12.43 -7.49
CA ARG A 64 -0.46 -13.34 -7.25
C ARG A 64 -1.79 -12.66 -7.56
N PHE A 65 -1.90 -11.38 -7.23
CA PHE A 65 -3.12 -10.64 -7.51
C PHE A 65 -3.33 -10.57 -9.01
N VAL A 66 -2.23 -10.50 -9.74
CA VAL A 66 -2.25 -10.44 -11.18
C VAL A 66 -2.60 -11.79 -11.79
N ALA A 67 -1.94 -12.84 -11.31
CA ALA A 67 -2.20 -14.19 -11.82
C ALA A 67 -3.65 -14.59 -11.55
N LEU A 68 -4.22 -14.09 -10.45
CA LEU A 68 -5.59 -14.40 -10.10
C LEU A 68 -6.55 -13.45 -10.84
N MET A 69 -6.19 -12.18 -10.94
CA MET A 69 -7.04 -11.22 -11.64
C MET A 69 -7.12 -11.53 -13.13
N ASP A 70 -5.96 -11.66 -13.73
CA ASP A 70 -5.83 -11.95 -15.15
C ASP A 70 -6.44 -13.32 -15.43
N ALA A 71 -6.65 -14.09 -14.37
CA ALA A 71 -7.23 -15.41 -14.49
C ALA A 71 -8.76 -15.33 -14.50
N GLY A 72 -9.29 -14.14 -14.77
CA GLY A 72 -10.74 -13.99 -14.81
C GLY A 72 -11.39 -14.25 -13.48
N GLU A 73 -10.60 -14.23 -12.41
CA GLU A 73 -11.15 -14.50 -11.09
C GLU A 73 -11.77 -13.21 -10.50
N PRO A 74 -12.93 -13.28 -9.81
CA PRO A 74 -13.53 -12.10 -9.23
C PRO A 74 -12.81 -11.64 -7.97
N ALA A 75 -12.98 -10.35 -7.65
CA ALA A 75 -12.33 -9.73 -6.51
C ALA A 75 -12.92 -10.12 -5.16
N ASP A 76 -14.11 -10.72 -5.12
CA ASP A 76 -14.70 -11.10 -3.84
C ASP A 76 -14.74 -12.62 -3.69
N SER A 77 -14.07 -13.31 -4.61
CA SER A 77 -14.04 -14.76 -4.56
C SER A 77 -13.02 -15.23 -3.53
N GLU A 78 -13.01 -16.52 -3.26
CA GLU A 78 -12.09 -17.08 -2.28
C GLU A 78 -10.65 -16.68 -2.59
N GLY A 79 -10.25 -16.87 -3.85
CA GLY A 79 -8.92 -16.53 -4.26
C GLY A 79 -8.58 -15.08 -3.98
N ALA A 80 -9.55 -14.22 -4.23
CA ALA A 80 -9.38 -12.80 -3.99
C ALA A 80 -9.38 -12.49 -2.50
N MET A 81 -10.33 -13.08 -1.77
CA MET A 81 -10.44 -12.85 -0.33
C MET A 81 -9.14 -13.13 0.41
N ASP A 82 -8.53 -14.28 0.12
CA ASP A 82 -7.27 -14.65 0.78
C ASP A 82 -6.17 -13.69 0.38
N ALA A 83 -6.22 -13.17 -0.85
CA ALA A 83 -5.19 -12.23 -1.27
C ALA A 83 -5.14 -11.06 -0.31
N ALA A 84 -6.28 -10.45 -0.06
CA ALA A 84 -6.36 -9.32 0.86
C ALA A 84 -5.77 -9.69 2.21
N GLU A 85 -6.08 -10.88 2.69
CA GLU A 85 -5.56 -11.33 3.98
C GLU A 85 -4.04 -11.13 4.02
N ASP A 86 -3.35 -11.67 3.03
CA ASP A 86 -1.91 -11.49 2.97
C ASP A 86 -1.58 -10.00 3.00
N HIS A 87 -2.39 -9.22 2.29
CA HIS A 87 -2.21 -7.78 2.20
C HIS A 87 -2.25 -7.07 3.55
N ARG A 88 -3.13 -7.50 4.45
CA ARG A 88 -3.24 -6.85 5.75
C ARG A 88 -2.08 -7.18 6.69
N GLN A 89 -1.71 -8.45 6.77
CA GLN A 89 -0.66 -8.88 7.68
C GLN A 89 0.65 -8.10 7.48
N GLY A 90 1.07 -8.02 6.22
CA GLY A 90 2.32 -7.37 5.87
C GLY A 90 2.32 -5.86 5.92
N ILE A 91 1.20 -5.22 5.62
CA ILE A 91 1.13 -3.76 5.65
C ILE A 91 1.16 -3.25 7.09
N ALA A 92 0.42 -3.92 7.97
CA ALA A 92 0.33 -3.54 9.38
C ALA A 92 1.69 -3.55 10.07
N ARG A 93 2.46 -4.60 9.82
CA ARG A 93 3.79 -4.76 10.42
C ARG A 93 4.84 -3.85 9.81
N ASN A 94 4.79 -3.63 8.50
CA ASN A 94 5.79 -2.79 7.85
C ASN A 94 5.54 -1.30 8.10
N HIS A 95 4.33 -0.95 8.53
CA HIS A 95 4.00 0.45 8.77
C HIS A 95 3.29 0.70 10.09
N TYR A 96 2.04 0.24 10.22
CA TYR A 96 1.29 0.46 11.45
C TYR A 96 0.13 -0.51 11.61
N ASP A 97 -0.15 -0.93 12.84
CA ASP A 97 -1.27 -1.84 13.08
C ASP A 97 -2.45 -1.48 12.18
N CYS A 98 -2.69 -2.31 11.17
CA CYS A 98 -3.79 -2.08 10.22
C CYS A 98 -4.83 -3.19 10.25
N GLY A 99 -5.87 -3.07 11.08
CA GLY A 99 -6.91 -4.08 11.07
C GLY A 99 -7.59 -4.07 9.72
N TYR A 100 -8.89 -3.80 9.68
CA TYR A 100 -9.59 -3.70 8.41
C TYR A 100 -9.75 -2.21 8.11
N GLU A 101 -8.97 -1.46 8.90
CA GLU A 101 -8.85 0.00 8.81
C GLU A 101 -8.59 0.48 7.39
N MET A 102 -7.32 0.61 7.06
CA MET A 102 -6.90 1.09 5.75
C MET A 102 -7.63 0.30 4.66
N HIS A 103 -7.78 -0.99 4.83
CA HIS A 103 -8.51 -1.77 3.84
C HIS A 103 -9.64 -0.96 3.20
N THR A 104 -10.77 -0.79 3.87
CA THR A 104 -11.88 -0.05 3.27
C THR A 104 -11.54 1.42 2.97
N CYS A 105 -11.13 2.18 3.97
CA CYS A 105 -10.81 3.59 3.73
C CYS A 105 -9.69 3.74 2.70
N LEU A 106 -8.60 3.00 2.88
CA LEU A 106 -7.48 3.05 1.93
C LEU A 106 -8.03 2.74 0.53
N GLY A 107 -8.95 1.79 0.49
CA GLY A 107 -9.57 1.37 -0.77
C GLY A 107 -9.98 2.52 -1.67
N GLU A 108 -10.85 3.40 -1.20
CA GLU A 108 -11.30 4.54 -2.03
C GLU A 108 -10.13 5.48 -2.36
N MET A 109 -9.38 5.88 -1.36
CA MET A 109 -8.20 6.72 -1.59
C MET A 109 -7.15 5.95 -2.39
N TYR A 110 -7.45 4.68 -2.67
CA TYR A 110 -6.54 3.82 -3.42
C TYR A 110 -6.53 4.21 -4.89
N VAL A 111 -7.74 4.15 -5.44
CA VAL A 111 -8.03 4.44 -6.84
C VAL A 111 -8.16 5.94 -7.12
N SER A 112 -8.72 6.65 -6.15
CA SER A 112 -8.97 8.08 -6.28
C SER A 112 -7.71 8.88 -6.62
N ASP A 113 -6.61 8.64 -5.90
CA ASP A 113 -5.39 9.39 -6.16
C ASP A 113 -4.51 8.73 -7.21
N GLU A 114 -4.65 9.20 -8.45
CA GLU A 114 -3.89 8.68 -9.57
C GLU A 114 -2.41 8.51 -9.25
N ARG A 115 -1.88 9.29 -8.31
CA ARG A 115 -0.47 9.17 -7.97
C ARG A 115 -0.21 7.85 -7.23
N PHE A 116 -1.21 7.42 -6.46
CA PHE A 116 -1.17 6.15 -5.73
C PHE A 116 -1.40 4.99 -6.70
N THR A 117 -2.45 5.14 -7.49
CA THR A 117 -2.86 4.14 -8.47
C THR A 117 -1.81 3.92 -9.56
N ARG A 118 -1.24 5.00 -10.07
CA ARG A 118 -0.27 4.91 -11.16
C ARG A 118 1.02 4.21 -10.73
N ASN A 119 1.44 4.44 -9.48
CA ASN A 119 2.65 3.78 -9.00
C ASN A 119 2.37 2.32 -8.75
N ILE A 120 1.17 2.03 -8.25
CA ILE A 120 0.77 0.66 -7.97
C ILE A 120 0.42 -0.09 -9.25
N ASP A 121 -0.51 0.47 -10.03
CA ASP A 121 -0.95 -0.17 -11.27
C ASP A 121 0.14 -0.25 -12.32
N ALA A 122 1.28 0.39 -12.07
CA ALA A 122 2.36 0.32 -13.04
C ALA A 122 2.63 -1.13 -13.41
N ALA A 123 2.26 -2.04 -12.50
CA ALA A 123 2.43 -3.47 -12.72
C ALA A 123 1.23 -4.09 -13.42
N LYS A 124 0.04 -3.49 -13.26
CA LYS A 124 -1.15 -4.03 -13.90
C LYS A 124 -2.27 -3.00 -13.98
N PRO A 125 -2.42 -2.32 -15.13
CA PRO A 125 -3.47 -1.32 -15.29
C PRO A 125 -4.83 -1.84 -14.85
N GLY A 126 -5.43 -1.19 -13.85
CA GLY A 126 -6.74 -1.62 -13.36
C GLY A 126 -6.65 -2.35 -12.03
N LEU A 127 -5.48 -2.91 -11.73
CA LEU A 127 -5.27 -3.66 -10.49
C LEU A 127 -5.61 -2.81 -9.25
N ALA A 128 -5.33 -1.52 -9.31
CA ALA A 128 -5.60 -0.63 -8.17
C ALA A 128 -7.06 -0.76 -7.72
N ALA A 129 -7.97 -0.81 -8.67
CA ALA A 129 -9.39 -0.93 -8.36
C ALA A 129 -9.72 -2.32 -7.84
N TYR A 130 -9.04 -3.34 -8.37
CA TYR A 130 -9.27 -4.69 -7.90
C TYR A 130 -8.82 -4.83 -6.46
N MET A 131 -7.69 -4.23 -6.15
CA MET A 131 -7.18 -4.26 -4.80
C MET A 131 -8.23 -3.62 -3.89
N ARG A 132 -8.75 -2.48 -4.34
CA ARG A 132 -9.76 -1.75 -3.60
C ARG A 132 -11.00 -2.62 -3.31
N ASP A 133 -11.56 -3.24 -4.34
CA ASP A 133 -12.76 -4.08 -4.13
C ASP A 133 -12.41 -5.37 -3.39
N ALA A 134 -11.26 -5.94 -3.74
CA ALA A 134 -10.81 -7.17 -3.10
C ALA A 134 -10.62 -6.95 -1.61
N ILE A 135 -10.09 -5.76 -1.28
CA ILE A 135 -9.86 -5.38 0.10
C ILE A 135 -11.18 -5.08 0.80
N LEU A 136 -12.08 -4.39 0.10
CA LEU A 136 -13.38 -4.04 0.66
C LEU A 136 -14.16 -5.28 1.09
N ALA A 137 -14.21 -6.27 0.20
CA ALA A 137 -14.92 -7.51 0.49
C ALA A 137 -14.25 -8.27 1.64
N ASN A 138 -12.93 -8.27 1.66
CA ASN A 138 -12.18 -8.94 2.71
C ASN A 138 -12.50 -8.33 4.07
N ALA A 139 -12.51 -7.01 4.13
CA ALA A 139 -12.79 -6.31 5.38
C ALA A 139 -14.21 -6.57 5.86
N VAL A 140 -15.10 -6.88 4.91
CA VAL A 140 -16.51 -7.13 5.20
C VAL A 140 -16.73 -8.46 5.90
N ARG A 141 -16.06 -9.48 5.40
CA ARG A 141 -16.22 -10.83 5.96
C ARG A 141 -15.33 -11.04 7.17
N HIS A 142 -14.37 -10.16 7.39
CA HIS A 142 -13.48 -10.29 8.54
C HIS A 142 -13.94 -9.44 9.70
N THR A 143 -15.11 -8.81 9.54
CA THR A 143 -15.70 -7.98 10.59
C THR A 143 -16.89 -8.69 11.23
N PRO A 144 -17.09 -8.51 12.55
CA PRO A 144 -18.21 -9.14 13.26
C PRO A 144 -19.48 -9.18 12.42
CA SER B 1 -2.27 7.92 5.82
C SER B 1 -0.83 7.79 5.83
N BB9 B 2 0.07 8.25 4.92
CA BB9 B 2 1.39 7.96 5.30
C BB9 B 2 2.50 8.35 4.49
O BB9 B 2 3.65 8.09 4.84
CB BB9 B 2 1.47 7.29 6.47
SG BB9 B 2 -0.07 7.02 7.09
HB BB9 B 2 2.39 6.98 6.94
N THR B 3 2.21 8.60 3.22
CA THR B 3 3.22 8.54 2.19
C THR B 3 2.68 9.02 0.86
N DBU B 4 1.36 9.05 0.75
CA DBU B 4 0.85 9.32 -0.52
CB DBU B 4 -0.01 10.33 -0.68
CG DBU B 4 -0.47 11.14 0.50
C DBU B 4 1.22 8.49 -1.68
H DBU B 4 0.82 9.17 1.56
HB DBU B 4 -0.38 10.57 -1.66
HG1 DBU B 4 -0.43 10.53 1.39
HG2 DBU B 4 -1.48 11.47 0.33
HG3 DBU B 4 0.17 12.00 0.62
N BB9 B 5 1.63 7.20 -1.68
CA BB9 B 5 1.87 6.72 -2.98
C BB9 B 5 2.26 5.37 -3.22
O BB9 B 5 2.47 4.95 -4.36
CB BB9 B 5 1.63 7.66 -3.93
SG BB9 B 5 1.12 9.10 -3.24
HB BB9 B 5 1.77 7.51 -4.99
N 3GL B 6 2.36 4.61 -2.14
CA 3GL B 6 2.74 3.20 -2.23
C 3GL B 6 1.61 2.41 -1.57
CB 3GL B 6 4.06 2.94 -1.49
CG 3GL B 6 5.30 3.46 -2.20
OH 3GL B 6 5.69 2.56 -3.22
CD 3GL B 6 6.46 3.65 -1.23
OE1 3GL B 6 6.61 2.79 -0.21
OE2 3GL B 6 7.38 4.41 -1.52
H2 3GL B 6 2.17 5.00 -1.26
HA 3GL B 6 2.83 2.93 -3.26
HB1C 3GL B 6 4.19 1.87 -1.38
HB2C 3GL B 6 4.01 3.39 -0.51
HG 3GL B 6 5.06 4.41 -2.64
N BB9 B 7 1.06 2.62 -0.35
CA BB9 B 7 0.05 1.69 -0.08
C BB9 B 7 -0.66 1.75 1.16
O BB9 B 7 -1.56 0.96 1.44
CB BB9 B 7 -0.15 0.80 -1.07
SG BB9 B 7 0.91 1.10 -2.35
HB BB9 B 7 -0.88 -0.01 -1.05
N CYS B 8 -0.29 2.74 1.98
CA CYS B 8 -0.93 2.95 3.27
C CYS B 8 -1.44 4.38 3.27
N BB9 B 9 -2.04 5.05 4.28
CA BB9 B 9 -2.39 6.36 3.90
C BB9 B 9 -3.05 7.25 4.89
CB BB9 B 9 -2.04 6.65 2.61
SG BB9 B 9 -1.30 5.31 1.89
HB BB9 B 9 -2.22 7.60 2.10
N MH6 B 10 -4.40 7.36 4.90
CA MH6 B 10 -4.99 8.14 5.83
C MH6 B 10 -6.44 8.23 5.84
CB MH6 B 10 -4.27 8.82 6.77
OG MH6 B 10 -4.91 9.60 7.71
N BB9 B 11 -7.33 7.40 6.44
CA BB9 B 11 -8.66 7.82 6.25
C BB9 B 11 -9.74 7.08 6.81
O BB9 B 11 -10.92 7.43 6.66
CB BB9 B 11 -8.74 8.95 5.53
SG BB9 B 11 -7.21 9.49 5.08
HB BB9 B 11 -9.67 9.45 5.27
N ALA B 12 -9.40 5.98 7.49
CA ALA B 12 -10.41 5.12 8.10
C ALA B 12 -10.42 5.29 9.61
N NH2 B 13 -9.24 5.41 10.21
HN1 NH2 B 13 -8.44 5.39 9.65
HN2 NH2 B 13 -9.22 5.53 11.18
C NO1 C . 2.70 2.88 3.58
O NO1 C . 2.35 1.85 2.99
CB NO1 C . 4.97 1.60 1.79
CG NO1 C . 5.01 2.95 2.46
CD1 NO1 C . 4.07 3.46 3.32
NE1 NO1 C . 4.51 4.63 3.88
CD2 NO1 C . 6.08 3.93 2.41
CE2 NO1 C . 5.73 4.96 3.32
CE3 NO1 C . 7.29 4.05 1.72
CZ2 NO1 C . 6.53 6.07 3.56
CZ3 NO1 C . 8.09 5.15 1.95
CH2 NO1 C . 7.71 6.15 2.86
CF NO1 C . 7.69 3.01 0.70
HB1C NO1 C . 5.96 1.18 1.74
HB2C NO1 C . 4.58 1.71 0.80
HB3C NO1 C . 4.33 0.94 2.35
HE1 NO1 C . 4.05 5.14 4.57
HZ2 NO1 C . 6.26 6.84 4.26
HZ3 NO1 C . 9.02 5.27 1.40
HF1C NO1 C . 8.54 3.36 0.15
HF2C NO1 C . 7.94 2.08 1.19
HH2 NO1 C . 8.37 6.99 3.00
N GLY A 2 13.73 10.42 8.13
CA GLY A 2 13.93 9.02 8.58
C GLY A 2 14.20 8.07 7.42
N ILE A 3 14.23 8.63 6.21
CA ILE A 3 14.51 7.83 5.02
C ILE A 3 15.91 8.14 4.47
N ASN A 4 16.75 7.11 4.43
CA ASN A 4 18.13 7.22 3.94
C ASN A 4 18.24 6.68 2.52
N LEU A 5 18.02 7.56 1.53
CA LEU A 5 18.10 7.14 0.12
C LEU A 5 18.55 8.29 -0.79
N THR A 6 19.38 7.94 -1.78
CA THR A 6 19.87 8.90 -2.76
C THR A 6 18.94 8.89 -3.98
N PRO A 7 18.77 10.03 -4.68
CA PRO A 7 17.90 10.11 -5.85
C PRO A 7 18.04 8.92 -6.81
N GLU A 8 19.27 8.43 -6.97
CA GLU A 8 19.51 7.30 -7.86
C GLU A 8 19.04 5.98 -7.24
N GLU A 9 19.09 5.90 -5.92
CA GLU A 9 18.65 4.69 -5.22
C GLU A 9 17.13 4.57 -5.19
N LYS A 10 16.41 5.69 -5.12
CA LYS A 10 14.96 5.58 -5.02
C LYS A 10 14.47 4.67 -6.13
N PHE A 11 14.95 4.98 -7.34
CA PHE A 11 14.61 4.25 -8.55
C PHE A 11 14.88 2.75 -8.42
N GLU A 12 15.91 2.40 -7.66
CA GLU A 12 16.28 1.00 -7.48
C GLU A 12 15.24 0.26 -6.65
N VAL A 13 14.55 0.98 -5.76
CA VAL A 13 13.54 0.38 -4.89
C VAL A 13 12.10 0.64 -5.35
N PHE A 14 11.73 1.87 -5.70
CA PHE A 14 10.34 2.12 -6.13
C PHE A 14 10.25 2.44 -7.62
N GLY A 15 11.19 3.24 -8.10
CA GLY A 15 11.20 3.60 -9.50
C GLY A 15 10.65 4.99 -9.80
N ASP A 16 9.54 5.37 -9.16
CA ASP A 16 8.93 6.68 -9.42
C ASP A 16 8.31 7.28 -8.16
N PHE A 17 8.72 6.81 -7.00
CA PHE A 17 8.17 7.33 -5.73
C PHE A 17 9.24 8.01 -4.87
N ASP A 18 9.03 9.29 -4.61
CA ASP A 18 9.94 10.08 -3.79
C ASP A 18 9.27 10.39 -2.44
N PRO A 19 9.76 9.83 -1.34
CA PRO A 19 9.17 10.04 0.00
C PRO A 19 9.38 11.45 0.56
N ASP A 20 10.58 12.01 0.41
CA ASP A 20 10.84 13.34 0.95
C ASP A 20 9.81 14.35 0.44
N GLN A 21 9.68 14.45 -0.87
CA GLN A 21 8.73 15.38 -1.46
C GLN A 21 7.32 15.16 -0.90
N TYR A 22 6.97 13.90 -0.69
CA TYR A 22 5.66 13.55 -0.15
C TYR A 22 5.66 13.63 1.37
N GLU A 23 6.84 13.63 1.97
CA GLU A 23 6.96 13.69 3.42
C GLU A 23 6.28 14.93 3.97
N GLU A 24 6.55 16.07 3.36
CA GLU A 24 5.93 17.32 3.77
C GLU A 24 4.52 17.43 3.22
N GLU A 25 4.29 16.83 2.06
CA GLU A 25 2.97 16.86 1.44
C GLU A 25 1.92 16.26 2.38
N VAL A 26 2.28 15.18 3.08
CA VAL A 26 1.36 14.52 4.00
C VAL A 26 1.20 15.34 5.28
N ARG A 27 2.26 16.02 5.68
CA ARG A 27 2.22 16.81 6.89
C ARG A 27 1.03 17.78 6.86
N GLU A 28 0.81 18.41 5.72
CA GLU A 28 -0.30 19.39 5.60
C GLU A 28 -1.67 18.72 5.52
N ARG A 29 -1.86 17.80 4.58
CA ARG A 29 -3.16 17.15 4.39
C ARG A 29 -3.63 16.34 5.62
N TRP A 30 -2.72 15.75 6.38
CA TRP A 30 -3.12 14.96 7.56
C TRP A 30 -2.39 15.42 8.83
N GLY A 31 -1.18 15.92 8.63
CA GLY A 31 -0.35 16.45 9.71
C GLY A 31 -0.66 16.00 11.13
N ASN A 32 -1.35 14.87 11.33
CA ASN A 32 -1.66 14.44 12.71
C ASN A 32 -2.39 13.10 12.79
N THR A 33 -2.29 12.27 11.76
CA THR A 33 -2.94 10.97 11.79
C THR A 33 -2.01 9.92 12.42
N ASP A 34 -2.59 8.95 13.12
CA ASP A 34 -1.81 7.91 13.79
C ASP A 34 -1.00 7.08 12.80
N ALA A 35 -1.65 6.59 11.74
CA ALA A 35 -0.95 5.78 10.75
C ALA A 35 0.33 6.48 10.30
N TYR A 36 0.24 7.79 10.13
CA TYR A 36 1.40 8.58 9.71
C TYR A 36 2.45 8.62 10.81
N ARG A 37 2.01 8.90 12.03
CA ARG A 37 2.92 8.98 13.17
C ARG A 37 3.84 7.77 13.25
N GLN A 38 3.32 6.60 12.90
CA GLN A 38 4.12 5.38 12.95
C GLN A 38 5.14 5.36 11.80
N SER A 39 4.77 5.92 10.65
CA SER A 39 5.67 5.97 9.51
C SER A 39 6.99 6.62 9.91
N LYS A 40 6.93 7.82 10.47
CA LYS A 40 8.12 8.54 10.94
C LYS A 40 8.75 7.82 12.14
N GLU A 41 7.89 7.28 12.99
CA GLU A 41 8.31 6.55 14.18
C GLU A 41 9.32 5.44 13.90
N LYS A 42 8.87 4.48 13.09
CA LYS A 42 9.66 3.29 12.76
C LYS A 42 10.62 3.47 11.60
N THR A 43 10.20 4.24 10.59
CA THR A 43 11.04 4.42 9.41
C THR A 43 12.42 4.96 9.77
N ALA A 44 12.48 5.78 10.82
CA ALA A 44 13.75 6.36 11.23
C ALA A 44 14.80 5.27 11.37
N SER A 45 14.31 4.04 11.54
CA SER A 45 15.17 2.86 11.72
C SER A 45 15.29 2.05 10.42
N TYR A 46 14.40 2.29 9.46
CA TYR A 46 14.42 1.55 8.20
C TYR A 46 15.53 1.99 7.26
N THR A 47 16.22 0.99 6.72
CA THR A 47 17.31 1.19 5.78
C THR A 47 16.87 0.79 4.37
N LYS A 48 17.79 0.87 3.41
CA LYS A 48 17.49 0.51 2.03
C LYS A 48 17.08 -0.96 1.92
N GLU A 49 17.64 -1.77 2.81
CA GLU A 49 17.33 -3.20 2.84
C GLU A 49 15.89 -3.46 3.24
N ASP A 50 15.43 -2.72 4.25
CA ASP A 50 14.07 -2.86 4.77
C ASP A 50 13.01 -2.52 3.73
N TRP A 51 13.10 -1.35 3.12
CA TRP A 51 12.12 -0.95 2.12
C TRP A 51 12.10 -1.91 0.94
N GLN A 52 13.27 -2.40 0.54
CA GLN A 52 13.33 -3.32 -0.59
C GLN A 52 12.64 -4.64 -0.25
N ARG A 53 12.84 -5.16 0.96
CA ARG A 53 12.18 -6.40 1.35
C ARG A 53 10.67 -6.21 1.27
N ILE A 54 10.21 -5.07 1.78
CA ILE A 54 8.81 -4.71 1.76
C ILE A 54 8.32 -4.57 0.32
N GLN A 55 9.02 -3.78 -0.48
CA GLN A 55 8.64 -3.59 -1.87
C GLN A 55 8.54 -4.93 -2.56
N ASP A 56 9.56 -5.75 -2.35
CA ASP A 56 9.57 -7.08 -2.92
C ASP A 56 8.30 -7.79 -2.48
N GLU A 57 7.83 -7.43 -1.29
CA GLU A 57 6.61 -8.03 -0.75
C GLU A 57 5.41 -7.56 -1.57
N ALA A 58 5.38 -6.27 -1.87
CA ALA A 58 4.30 -5.70 -2.67
C ALA A 58 4.28 -6.37 -4.05
N ASP A 59 5.46 -6.48 -4.65
CA ASP A 59 5.59 -7.11 -5.96
C ASP A 59 4.98 -8.50 -5.94
N GLU A 60 5.48 -9.33 -5.03
CA GLU A 60 4.97 -10.69 -4.89
C GLU A 60 3.45 -10.64 -4.78
N LEU A 61 2.97 -9.81 -3.87
CA LEU A 61 1.54 -9.65 -3.67
C LEU A 61 0.85 -9.30 -4.97
N THR A 62 1.50 -8.50 -5.78
CA THR A 62 0.95 -8.08 -7.06
C THR A 62 0.92 -9.26 -8.02
N ARG A 63 2.01 -10.01 -8.05
CA ARG A 63 2.14 -11.15 -8.94
C ARG A 63 0.94 -12.09 -8.81
N ARG A 64 0.54 -12.38 -7.58
CA ARG A 64 -0.58 -13.30 -7.34
C ARG A 64 -1.91 -12.62 -7.67
N PHE A 65 -2.03 -11.35 -7.32
CA PHE A 65 -3.24 -10.59 -7.61
C PHE A 65 -3.46 -10.58 -9.11
N VAL A 66 -2.40 -10.33 -9.84
CA VAL A 66 -2.47 -10.28 -11.29
C VAL A 66 -2.83 -11.65 -11.89
N ALA A 67 -2.12 -12.69 -11.47
CA ALA A 67 -2.38 -14.04 -11.98
C ALA A 67 -3.82 -14.47 -11.69
N LEU A 68 -4.32 -14.12 -10.51
CA LEU A 68 -5.68 -14.47 -10.12
C LEU A 68 -6.68 -13.45 -10.67
N MET A 69 -6.30 -12.18 -10.62
CA MET A 69 -7.16 -11.10 -11.10
C MET A 69 -7.34 -11.18 -12.61
N ASP A 70 -6.22 -11.26 -13.32
CA ASP A 70 -6.22 -11.37 -14.77
C ASP A 70 -6.96 -12.63 -15.21
N ALA A 71 -7.01 -13.60 -14.31
CA ALA A 71 -7.70 -14.85 -14.59
C ALA A 71 -9.20 -14.60 -14.70
N GLY A 72 -9.61 -13.36 -14.45
CA GLY A 72 -11.02 -13.04 -14.52
C GLY A 72 -11.72 -13.44 -13.25
N GLU A 73 -10.92 -13.59 -12.20
CA GLU A 73 -11.42 -13.98 -10.90
C GLU A 73 -12.05 -12.78 -10.20
N PRO A 74 -13.29 -12.86 -9.70
CA PRO A 74 -13.91 -11.72 -9.04
C PRO A 74 -13.13 -11.33 -7.79
N ALA A 75 -13.24 -10.06 -7.42
CA ALA A 75 -12.54 -9.50 -6.28
C ALA A 75 -13.09 -9.95 -4.94
N ASP A 76 -14.29 -10.52 -4.90
CA ASP A 76 -14.86 -10.97 -3.63
C ASP A 76 -14.88 -12.49 -3.54
N SER A 77 -14.21 -13.15 -4.48
CA SER A 77 -14.15 -14.59 -4.47
C SER A 77 -13.11 -15.04 -3.45
N GLU A 78 -13.04 -16.33 -3.18
CA GLU A 78 -12.11 -16.84 -2.20
C GLU A 78 -10.67 -16.70 -2.67
N GLY A 79 -10.44 -16.79 -3.98
CA GLY A 79 -9.10 -16.62 -4.47
C GLY A 79 -8.66 -15.19 -4.20
N ALA A 80 -9.57 -14.27 -4.47
CA ALA A 80 -9.31 -12.85 -4.26
C ALA A 80 -9.33 -12.49 -2.77
N MET A 81 -10.20 -13.13 -2.00
CA MET A 81 -10.30 -12.84 -0.56
C MET A 81 -8.99 -13.13 0.16
N ASP A 82 -8.35 -14.26 -0.15
CA ASP A 82 -7.09 -14.61 0.50
C ASP A 82 -6.00 -13.63 0.12
N ALA A 83 -6.01 -13.15 -1.11
CA ALA A 83 -4.99 -12.20 -1.53
C ALA A 83 -5.00 -11.02 -0.57
N ALA A 84 -6.20 -10.47 -0.35
CA ALA A 84 -6.33 -9.34 0.55
C ALA A 84 -5.77 -9.67 1.94
N GLU A 85 -6.07 -10.87 2.45
CA GLU A 85 -5.55 -11.26 3.75
C GLU A 85 -4.05 -11.06 3.75
N ASP A 86 -3.39 -11.56 2.71
CA ASP A 86 -1.97 -11.37 2.58
C ASP A 86 -1.65 -9.88 2.62
N HIS A 87 -2.46 -9.09 1.91
CA HIS A 87 -2.29 -7.64 1.84
C HIS A 87 -2.30 -6.99 3.22
N ARG A 88 -3.17 -7.46 4.11
CA ARG A 88 -3.28 -6.87 5.44
C ARG A 88 -2.10 -7.24 6.34
N GLN A 89 -1.72 -8.52 6.33
CA GLN A 89 -0.67 -9.02 7.21
C GLN A 89 0.64 -8.24 7.08
N GLY A 90 1.11 -8.11 5.84
CA GLY A 90 2.38 -7.44 5.58
C GLY A 90 2.33 -5.93 5.62
N ILE A 91 1.20 -5.33 5.30
CA ILE A 91 1.12 -3.87 5.30
C ILE A 91 1.13 -3.29 6.72
N ALA A 92 0.45 -3.96 7.64
CA ALA A 92 0.37 -3.50 9.02
C ALA A 92 1.74 -3.47 9.73
N ARG A 93 2.54 -4.49 9.44
CA ARG A 93 3.87 -4.63 10.05
C ARG A 93 4.95 -3.75 9.41
N ASN A 94 4.68 -3.11 8.27
CA ASN A 94 5.72 -2.27 7.66
C ASN A 94 5.46 -0.80 7.91
N HIS A 95 4.26 -0.46 8.35
CA HIS A 95 3.93 0.94 8.63
C HIS A 95 3.20 1.10 9.97
N TYR A 96 2.17 0.30 10.20
CA TYR A 96 1.42 0.40 11.46
C TYR A 96 0.34 -0.66 11.60
N ASP A 97 0.09 -1.10 12.83
CA ASP A 97 -0.96 -2.06 13.09
C ASP A 97 -2.26 -1.56 12.47
N CYS A 98 -2.71 -2.21 11.41
CA CYS A 98 -3.93 -1.80 10.71
C CYS A 98 -5.02 -2.85 10.76
N GLY A 99 -6.13 -2.55 11.43
CA GLY A 99 -7.23 -3.49 11.47
C GLY A 99 -7.85 -3.59 10.09
N TYR A 100 -9.14 -3.29 9.97
CA TYR A 100 -9.81 -3.30 8.67
C TYR A 100 -9.98 -1.86 8.24
N GLU A 101 -9.22 -1.01 8.95
CA GLU A 101 -9.11 0.42 8.72
C GLU A 101 -8.80 0.74 7.27
N MET A 102 -7.52 0.86 6.97
CA MET A 102 -7.07 1.18 5.63
C MET A 102 -7.73 0.29 4.60
N HIS A 103 -7.81 -0.99 4.87
CA HIS A 103 -8.47 -1.88 3.93
C HIS A 103 -9.61 -1.19 3.21
N THR A 104 -10.77 -1.06 3.81
CA THR A 104 -11.89 -0.44 3.11
C THR A 104 -11.66 1.04 2.81
N CYS A 105 -11.33 1.81 3.84
CA CYS A 105 -11.11 3.23 3.68
C CYS A 105 -9.96 3.54 2.72
N LEU A 106 -8.80 2.93 2.92
CA LEU A 106 -7.65 3.17 2.04
C LEU A 106 -7.94 2.71 0.62
N GLY A 107 -8.52 1.53 0.49
CA GLY A 107 -8.85 1.01 -0.82
C GLY A 107 -9.58 2.04 -1.66
N GLU A 108 -10.53 2.73 -1.03
CA GLU A 108 -11.34 3.74 -1.70
C GLU A 108 -10.55 5.03 -1.98
N MET A 109 -9.67 5.43 -1.09
CA MET A 109 -8.93 6.68 -1.30
C MET A 109 -7.75 6.55 -2.26
N TYR A 110 -7.04 5.41 -2.28
CA TYR A 110 -5.87 5.34 -3.15
C TYR A 110 -6.27 5.12 -4.61
N VAL A 111 -7.54 4.85 -4.82
CA VAL A 111 -8.07 4.70 -6.17
C VAL A 111 -8.42 6.07 -6.68
N SER A 112 -8.60 6.99 -5.72
CA SER A 112 -8.92 8.37 -6.00
C SER A 112 -7.66 9.16 -6.36
N ASP A 113 -6.58 8.94 -5.61
CA ASP A 113 -5.32 9.62 -5.87
C ASP A 113 -4.44 8.78 -6.80
N GLU A 114 -4.67 8.95 -8.10
CA GLU A 114 -3.95 8.19 -9.13
C GLU A 114 -2.45 8.16 -8.90
N ARG A 115 -1.93 8.87 -7.91
CA ARG A 115 -0.50 8.82 -7.64
C ARG A 115 -0.13 7.44 -7.09
N PHE A 116 -1.04 6.92 -6.27
CA PHE A 116 -0.93 5.58 -5.68
C PHE A 116 -1.20 4.49 -6.72
N THR A 117 -2.31 4.64 -7.41
CA THR A 117 -2.74 3.69 -8.41
C THR A 117 -1.71 3.51 -9.52
N ARG A 118 -1.10 4.61 -9.95
CA ARG A 118 -0.13 4.56 -11.05
C ARG A 118 1.15 3.84 -10.65
N ASN A 119 1.58 3.97 -9.40
CA ASN A 119 2.78 3.29 -8.98
C ASN A 119 2.48 1.80 -8.81
N ILE A 120 1.28 1.51 -8.32
CA ILE A 120 0.86 0.12 -8.11
C ILE A 120 0.51 -0.57 -9.44
N ASP A 121 -0.34 0.08 -10.23
CA ASP A 121 -0.79 -0.49 -11.49
C ASP A 121 0.32 -0.51 -12.54
N ALA A 122 1.45 0.12 -12.25
CA ALA A 122 2.55 0.13 -13.21
C ALA A 122 2.84 -1.30 -13.66
N ALA A 123 2.52 -2.26 -12.78
CA ALA A 123 2.71 -3.67 -13.07
C ALA A 123 1.52 -4.24 -13.83
N LYS A 124 0.36 -3.62 -13.70
CA LYS A 124 -0.83 -4.08 -14.42
C LYS A 124 -1.88 -2.99 -14.50
N PRO A 125 -2.25 -2.55 -15.71
CA PRO A 125 -3.27 -1.52 -15.86
C PRO A 125 -4.64 -2.03 -15.46
N GLY A 126 -5.21 -1.46 -14.41
CA GLY A 126 -6.51 -1.91 -13.95
C GLY A 126 -6.38 -2.93 -12.84
N LEU A 127 -5.69 -2.55 -11.76
CA LEU A 127 -5.47 -3.43 -10.63
C LEU A 127 -5.77 -2.72 -9.31
N ALA A 128 -5.51 -1.42 -9.27
CA ALA A 128 -5.76 -0.64 -8.06
C ALA A 128 -7.19 -0.79 -7.59
N ALA A 129 -8.13 -0.77 -8.54
CA ALA A 129 -9.54 -0.91 -8.22
C ALA A 129 -9.86 -2.33 -7.80
N TYR A 130 -9.22 -3.30 -8.45
CA TYR A 130 -9.44 -4.69 -8.11
C TYR A 130 -8.96 -4.95 -6.70
N MET A 131 -7.88 -4.27 -6.34
CA MET A 131 -7.35 -4.38 -5.00
C MET A 131 -8.38 -3.82 -4.03
N ARG A 132 -8.93 -2.67 -4.41
CA ARG A 132 -9.94 -1.99 -3.61
C ARG A 132 -11.14 -2.89 -3.33
N ASP A 133 -11.69 -3.53 -4.36
CA ASP A 133 -12.85 -4.39 -4.14
C ASP A 133 -12.44 -5.65 -3.39
N ALA A 134 -11.23 -6.12 -3.68
CA ALA A 134 -10.68 -7.31 -3.05
C ALA A 134 -10.36 -7.05 -1.58
N ILE A 135 -9.69 -5.93 -1.33
CA ILE A 135 -9.29 -5.54 0.02
C ILE A 135 -10.51 -5.11 0.84
N LEU A 136 -11.33 -4.22 0.27
CA LEU A 136 -12.54 -3.75 0.94
C LEU A 136 -13.39 -4.94 1.37
N ALA A 137 -13.49 -5.94 0.50
CA ALA A 137 -14.23 -7.16 0.81
C ALA A 137 -13.69 -7.83 2.06
N ASN A 138 -12.37 -7.97 2.13
CA ASN A 138 -11.73 -8.58 3.29
C ASN A 138 -12.22 -7.92 4.56
N ALA A 139 -12.35 -6.60 4.52
CA ALA A 139 -12.79 -5.86 5.69
C ALA A 139 -14.21 -6.20 6.09
N VAL A 140 -15.04 -6.60 5.11
CA VAL A 140 -16.43 -6.91 5.36
C VAL A 140 -16.65 -8.22 6.11
N ARG A 141 -15.98 -9.27 5.66
CA ARG A 141 -16.15 -10.58 6.28
C ARG A 141 -15.29 -10.75 7.52
N HIS A 142 -14.24 -9.95 7.65
CA HIS A 142 -13.38 -10.05 8.82
C HIS A 142 -14.00 -9.25 9.97
N THR A 143 -14.31 -7.99 9.70
CA THR A 143 -14.92 -7.13 10.71
C THR A 143 -16.12 -7.82 11.34
N PRO A 144 -16.36 -7.63 12.66
CA PRO A 144 -17.49 -8.23 13.35
C PRO A 144 -18.75 -8.27 12.50
CA SER B 1 -2.45 8.32 5.33
C SER B 1 -1.03 8.07 5.45
N BB9 B 2 -0.03 8.51 4.65
CA BB9 B 2 1.23 8.15 5.16
C BB9 B 2 2.42 8.52 4.46
O BB9 B 2 3.52 8.21 4.91
CB BB9 B 2 1.17 7.46 6.30
SG BB9 B 2 -0.44 7.24 6.78
HB BB9 B 2 2.03 7.10 6.85
N THR B 3 2.24 8.80 3.19
CA THR B 3 3.32 8.75 2.23
C THR B 3 2.85 9.19 0.86
N DBU B 4 1.58 8.91 0.59
CA DBU B 4 1.15 9.17 -0.72
CB DBU B 4 0.27 10.15 -0.92
CG DBU B 4 -0.28 10.85 0.29
C DBU B 4 1.60 8.34 -1.83
H DBU B 4 1.09 8.31 1.19
HB DBU B 4 -0.01 10.43 -1.91
HG1 DBU B 4 -1.17 11.41 0.00
HG2 DBU B 4 0.46 11.52 0.68
HG3 DBU B 4 -0.55 10.12 1.03
N BB9 B 5 2.01 7.05 -1.79
CA BB9 B 5 2.34 6.57 -3.05
C BB9 B 5 2.75 5.23 -3.22
O BB9 B 5 3.05 4.77 -4.32
CB BB9 B 5 2.18 7.49 -4.03
SG BB9 B 5 1.63 8.94 -3.38
HB BB9 B 5 2.39 7.31 -5.07
N 3GL B 6 2.76 4.49 -2.12
CA 3GL B 6 3.13 3.09 -2.13
C 3GL B 6 1.90 2.41 -1.54
CB 3GL B 6 4.37 2.81 -1.27
CG 3GL B 6 5.68 3.24 -1.90
OH 3GL B 6 6.09 2.28 -2.86
CD 3GL B 6 6.78 3.40 -0.87
OE1 3GL B 6 6.78 2.60 0.23
OE2 3GL B 6 7.77 4.07 -1.12
H2 3GL B 6 2.49 4.91 -1.26
HA 3GL B 6 3.28 2.76 -3.15
HB1C 3GL B 6 4.43 1.76 -1.07
HB2C 3GL B 6 4.26 3.35 -0.33
HG 3GL B 6 5.55 4.18 -2.39
N BB9 B 7 1.29 2.72 -0.36
CA BB9 B 7 0.16 1.92 -0.15
C BB9 B 7 -0.64 2.10 1.03
O BB9 B 7 -1.64 1.40 1.24
CB BB9 B 7 -0.06 1.03 -1.14
SG BB9 B 7 1.13 1.18 -2.35
HB BB9 B 7 -0.87 0.31 -1.18
N CYS B 8 -0.24 3.06 1.86
CA CYS B 8 -0.97 3.35 3.10
C CYS B 8 -1.58 4.74 2.96
N BB9 B 9 -2.12 5.51 3.94
CA BB9 B 9 -2.59 6.73 3.43
C BB9 B 9 -3.23 7.73 4.35
CB BB9 B 9 -2.41 6.86 2.09
SG BB9 B 9 -1.67 5.48 1.48
HB BB9 B 9 -2.70 7.72 1.50
N MH6 B 10 -4.55 8.00 4.22
CA MH6 B 10 -5.11 8.90 5.06
C MH6 B 10 -6.52 9.22 4.90
CB MH6 B 10 -4.40 9.52 6.06
OG MH6 B 10 -5.01 10.41 6.90
N BB9 B 11 -7.59 8.71 5.57
CA BB9 B 11 -8.79 9.30 5.16
C BB9 B 11 -10.04 8.90 5.73
O BB9 B 11 -11.10 9.41 5.38
CB BB9 B 11 -8.62 10.25 4.21
SG BB9 B 11 -6.99 10.40 3.81
HB BB9 B 11 -9.41 10.82 3.76
N ALA B 12 -9.97 7.93 6.64
CA ALA B 12 -11.17 7.42 7.30
C ALA B 12 -11.01 7.44 8.81
N NH2 B 13 -12.10 7.23 9.54
HN1 NH2 B 13 -12.95 7.07 9.05
HN2 NH2 B 13 -12.03 7.24 10.51
C NO1 C . 2.67 3.17 3.75
O NO1 C . 2.31 2.12 3.24
CB NO1 C . 4.92 1.64 2.20
CG NO1 C . 5.04 3.04 2.79
CD1 NO1 C . 4.08 3.66 3.54
NE1 NO1 C . 4.56 4.85 4.03
CD2 NO1 C . 6.15 3.95 2.73
CE2 NO1 C . 5.82 5.06 3.53
CE3 NO1 C . 7.41 3.94 2.11
CZ2 NO1 C . 6.69 6.13 3.74
CZ3 NO1 C . 8.27 5.01 2.29
CH2 NO1 C . 7.89 6.09 3.11
CF NO1 C . 7.80 2.79 1.19
HB1C NO1 C . 4.54 1.70 1.20
HB2C NO1 C . 4.26 1.05 2.82
HB3C NO1 C . 5.91 1.18 2.19
HE1 NO1 C . 4.08 5.45 4.64
HZ2 NO1 C . 6.41 6.97 4.36
HZ3 NO1 C . 9.24 5.02 1.81
HF1C NO1 C . 8.73 3.04 0.70
HF2C NO1 C . 7.92 1.89 1.76
HH2 NO1 C . 8.60 6.90 3.23
N GLY A 2 14.17 10.30 7.82
CA GLY A 2 13.28 9.11 7.99
C GLY A 2 13.59 8.01 7.00
N ILE A 3 13.69 8.36 5.73
CA ILE A 3 14.00 7.40 4.67
C ILE A 3 15.42 7.64 4.14
N ASN A 4 16.23 6.58 4.16
CA ASN A 4 17.61 6.66 3.68
C ASN A 4 17.72 6.20 2.23
N LEU A 5 17.30 7.05 1.30
CA LEU A 5 17.35 6.70 -0.13
C LEU A 5 17.78 7.89 -1.00
N THR A 6 18.60 7.61 -2.01
CA THR A 6 19.08 8.62 -2.95
C THR A 6 18.12 8.74 -4.12
N PRO A 7 17.92 9.96 -4.66
CA PRO A 7 17.03 10.15 -5.81
C PRO A 7 17.18 9.03 -6.84
N GLU A 8 18.43 8.62 -7.07
CA GLU A 8 18.73 7.56 -8.02
C GLU A 8 18.39 6.19 -7.49
N GLU A 9 18.63 5.97 -6.21
CA GLU A 9 18.36 4.69 -5.59
C GLU A 9 16.87 4.49 -5.40
N LYS A 10 16.14 5.56 -5.12
CA LYS A 10 14.72 5.40 -4.91
C LYS A 10 14.20 4.69 -6.14
N PHE A 11 14.74 5.17 -7.26
CA PHE A 11 14.44 4.67 -8.59
C PHE A 11 14.78 3.18 -8.70
N GLU A 12 15.90 2.81 -8.11
CA GLU A 12 16.36 1.43 -8.14
C GLU A 12 15.52 0.53 -7.24
N VAL A 13 15.10 1.02 -6.08
CA VAL A 13 14.29 0.22 -5.16
C VAL A 13 12.83 0.68 -5.11
N PHE A 14 12.55 1.87 -5.63
CA PHE A 14 11.20 2.45 -5.61
C PHE A 14 10.67 2.76 -7.01
N GLY A 15 11.55 2.69 -7.99
CA GLY A 15 11.18 2.92 -9.38
C GLY A 15 10.31 4.15 -9.62
N ASP A 16 10.77 5.34 -9.18
CA ASP A 16 10.05 6.62 -9.42
C ASP A 16 9.37 7.21 -8.19
N PHE A 17 9.04 6.39 -7.20
CA PHE A 17 8.37 6.90 -6.01
C PHE A 17 9.34 7.59 -5.07
N ASP A 18 9.05 8.85 -4.74
CA ASP A 18 9.87 9.63 -3.83
C ASP A 18 9.11 9.89 -2.53
N PRO A 19 9.64 9.45 -1.37
CA PRO A 19 8.98 9.64 -0.07
C PRO A 19 9.01 11.09 0.41
N ASP A 20 10.09 11.79 0.09
CA ASP A 20 10.25 13.17 0.51
C ASP A 20 9.14 14.06 -0.05
N GLN A 21 8.94 14.02 -1.36
CA GLN A 21 7.91 14.85 -1.97
C GLN A 21 6.54 14.58 -1.36
N TYR A 22 6.21 13.31 -1.12
CA TYR A 22 4.92 12.96 -0.53
C TYR A 22 4.95 13.07 0.98
N GLU A 23 6.15 13.09 1.56
CA GLU A 23 6.27 13.19 3.01
C GLU A 23 5.59 14.45 3.52
N GLU A 24 5.86 15.57 2.86
CA GLU A 24 5.27 16.83 3.24
C GLU A 24 3.75 16.78 3.10
N GLU A 25 3.28 16.36 1.94
CA GLU A 25 1.84 16.25 1.68
C GLU A 25 1.17 15.40 2.75
N VAL A 26 1.90 14.39 3.23
CA VAL A 26 1.40 13.50 4.26
C VAL A 26 1.23 14.26 5.57
N ARG A 27 2.11 15.23 5.79
CA ARG A 27 2.06 16.03 7.00
C ARG A 27 0.90 17.02 6.96
N GLU A 28 0.71 17.70 5.83
CA GLU A 28 -0.37 18.67 5.70
C GLU A 28 -1.72 17.98 5.60
N ARG A 29 -1.75 16.82 4.98
CA ARG A 29 -2.99 16.06 4.80
C ARG A 29 -3.51 15.47 6.10
N TRP A 30 -2.62 14.87 6.87
CA TRP A 30 -3.01 14.23 8.14
C TRP A 30 -2.26 14.80 9.34
N GLY A 31 -1.04 15.24 9.09
CA GLY A 31 -0.20 15.84 10.12
C GLY A 31 -0.58 15.48 11.55
N ASN A 32 -0.72 14.18 11.87
CA ASN A 32 -1.07 13.74 13.23
C ASN A 32 -1.83 12.41 13.27
N THR A 33 -1.78 11.63 12.21
CA THR A 33 -2.48 10.34 12.21
C THR A 33 -1.57 9.26 12.81
N ASP A 34 -2.16 8.28 13.49
CA ASP A 34 -1.40 7.23 14.14
C ASP A 34 -0.62 6.38 13.13
N ALA A 35 -1.30 5.90 12.10
CA ALA A 35 -0.63 5.07 11.10
C ALA A 35 0.65 5.74 10.61
N TYR A 36 0.60 7.05 10.52
CA TYR A 36 1.75 7.85 10.08
C TYR A 36 2.83 7.86 11.16
N ARG A 37 2.43 8.11 12.40
CA ARG A 37 3.37 8.15 13.52
C ARG A 37 4.23 6.90 13.58
N GLN A 38 3.64 5.73 13.26
CA GLN A 38 4.39 4.49 13.29
C GLN A 38 5.37 4.45 12.11
N SER A 39 4.99 5.04 10.98
CA SER A 39 5.89 5.09 9.83
C SER A 39 7.20 5.78 10.22
N LYS A 40 7.09 7.00 10.76
CA LYS A 40 8.26 7.76 11.22
C LYS A 40 9.01 6.97 12.29
N GLU A 41 8.24 6.37 13.17
CA GLU A 41 8.76 5.57 14.28
C GLU A 41 9.77 4.50 13.84
N LYS A 42 9.29 3.62 12.97
CA LYS A 42 10.06 2.48 12.49
C LYS A 42 10.97 2.79 11.29
N THR A 43 10.52 3.66 10.41
CA THR A 43 11.30 3.97 9.22
C THR A 43 12.67 4.50 9.57
N ALA A 44 12.76 5.23 10.67
CA ALA A 44 14.02 5.82 11.08
C ALA A 44 15.14 4.76 11.13
N SER A 45 14.78 3.58 11.62
CA SER A 45 15.71 2.47 11.75
C SER A 45 15.87 1.68 10.45
N TYR A 46 15.00 1.97 9.48
CA TYR A 46 15.01 1.26 8.20
C TYR A 46 16.07 1.75 7.22
N THR A 47 16.73 0.77 6.59
CA THR A 47 17.77 1.00 5.60
C THR A 47 17.28 0.62 4.21
N LYS A 48 18.17 0.70 3.23
CA LYS A 48 17.81 0.33 1.86
C LYS A 48 17.40 -1.14 1.80
N GLU A 49 18.22 -1.98 2.41
CA GLU A 49 17.97 -3.43 2.45
C GLU A 49 16.54 -3.72 2.87
N ASP A 50 16.11 -3.04 3.93
CA ASP A 50 14.78 -3.20 4.48
C ASP A 50 13.69 -2.82 3.48
N TRP A 51 13.80 -1.63 2.90
CA TRP A 51 12.78 -1.18 1.95
C TRP A 51 12.73 -2.07 0.72
N GLN A 52 13.87 -2.52 0.24
CA GLN A 52 13.88 -3.38 -0.94
C GLN A 52 13.18 -4.70 -0.63
N ARG A 53 13.41 -5.25 0.54
CA ARG A 53 12.74 -6.50 0.93
C ARG A 53 11.24 -6.26 0.95
N ILE A 54 10.88 -5.04 1.35
CA ILE A 54 9.48 -4.62 1.40
C ILE A 54 8.92 -4.39 0.01
N GLN A 55 9.63 -3.60 -0.80
CA GLN A 55 9.16 -3.35 -2.16
C GLN A 55 8.94 -4.68 -2.84
N ASP A 56 9.86 -5.60 -2.62
CA ASP A 56 9.74 -6.94 -3.16
C ASP A 56 8.46 -7.56 -2.64
N GLU A 57 8.07 -7.17 -1.42
CA GLU A 57 6.87 -7.70 -0.79
C GLU A 57 5.64 -7.32 -1.60
N ALA A 58 5.52 -6.04 -1.93
CA ALA A 58 4.40 -5.56 -2.72
C ALA A 58 4.38 -6.26 -4.07
N ASP A 59 5.56 -6.41 -4.65
CA ASP A 59 5.70 -7.09 -5.93
C ASP A 59 5.09 -8.48 -5.85
N GLU A 60 5.58 -9.27 -4.91
CA GLU A 60 5.08 -10.63 -4.71
C GLU A 60 3.56 -10.61 -4.63
N LEU A 61 3.04 -9.74 -3.77
CA LEU A 61 1.60 -9.61 -3.60
C LEU A 61 0.94 -9.21 -4.92
N THR A 62 1.66 -8.46 -5.73
CA THR A 62 1.15 -8.03 -7.02
C THR A 62 1.12 -9.21 -7.99
N ARG A 63 2.22 -9.95 -8.00
CA ARG A 63 2.35 -11.10 -8.87
C ARG A 63 1.15 -12.04 -8.75
N ARG A 64 0.71 -12.27 -7.52
CA ARG A 64 -0.42 -13.16 -7.29
C ARG A 64 -1.74 -12.48 -7.66
N PHE A 65 -1.87 -11.19 -7.37
CA PHE A 65 -3.09 -10.46 -7.71
C PHE A 65 -3.30 -10.49 -9.22
N VAL A 66 -2.21 -10.41 -9.96
CA VAL A 66 -2.30 -10.44 -11.40
C VAL A 66 -2.59 -11.84 -11.91
N ALA A 67 -1.90 -12.83 -11.35
CA ALA A 67 -2.13 -14.21 -11.75
C ALA A 67 -3.58 -14.61 -11.48
N LEU A 68 -4.16 -14.07 -10.40
CA LEU A 68 -5.55 -14.39 -10.07
C LEU A 68 -6.51 -13.49 -10.84
N MET A 69 -6.19 -12.21 -10.96
CA MET A 69 -7.05 -11.27 -11.70
C MET A 69 -7.11 -11.63 -13.18
N ASP A 70 -5.92 -11.74 -13.75
CA ASP A 70 -5.76 -12.05 -15.17
C ASP A 70 -6.29 -13.43 -15.45
N ALA A 71 -6.60 -14.16 -14.37
CA ALA A 71 -7.15 -15.50 -14.48
C ALA A 71 -8.67 -15.46 -14.46
N GLY A 72 -9.23 -14.28 -14.71
CA GLY A 72 -10.67 -14.14 -14.72
C GLY A 72 -11.30 -14.39 -13.38
N GLU A 73 -10.49 -14.38 -12.32
CA GLU A 73 -11.00 -14.64 -10.99
C GLU A 73 -11.64 -13.37 -10.40
N PRO A 74 -12.89 -13.43 -9.90
CA PRO A 74 -13.52 -12.24 -9.33
C PRO A 74 -12.83 -11.78 -8.06
N ALA A 75 -13.02 -10.51 -7.72
CA ALA A 75 -12.38 -9.90 -6.56
C ALA A 75 -12.97 -10.32 -5.22
N ASP A 76 -14.10 -11.03 -5.20
CA ASP A 76 -14.69 -11.43 -3.92
C ASP A 76 -14.61 -12.95 -3.74
N SER A 77 -13.85 -13.61 -4.61
CA SER A 77 -13.69 -15.05 -4.53
C SER A 77 -12.64 -15.43 -3.51
N GLU A 78 -12.57 -16.71 -3.21
CA GLU A 78 -11.63 -17.22 -2.23
C GLU A 78 -10.22 -16.76 -2.55
N GLY A 79 -9.87 -16.83 -3.83
CA GLY A 79 -8.56 -16.41 -4.27
C GLY A 79 -8.30 -14.96 -3.96
N ALA A 80 -9.30 -14.13 -4.20
CA ALA A 80 -9.19 -12.70 -3.96
C ALA A 80 -9.20 -12.36 -2.46
N MET A 81 -10.13 -12.93 -1.71
CA MET A 81 -10.24 -12.65 -0.28
C MET A 81 -8.97 -13.02 0.47
N ASP A 82 -8.40 -14.19 0.16
CA ASP A 82 -7.17 -14.62 0.81
C ASP A 82 -6.03 -13.69 0.45
N ALA A 83 -6.06 -13.14 -0.76
CA ALA A 83 -5.03 -12.21 -1.18
C ALA A 83 -4.99 -11.04 -0.20
N ALA A 84 -6.15 -10.46 0.06
CA ALA A 84 -6.26 -9.34 0.98
C ALA A 84 -5.66 -9.72 2.33
N GLU A 85 -5.96 -10.93 2.79
CA GLU A 85 -5.41 -11.39 4.06
C GLU A 85 -3.90 -11.18 4.05
N ASP A 86 -3.26 -11.65 3.00
CA ASP A 86 -1.82 -11.46 2.86
C ASP A 86 -1.52 -9.97 2.94
N HIS A 87 -2.34 -9.19 2.25
CA HIS A 87 -2.21 -7.73 2.21
C HIS A 87 -2.19 -7.16 3.62
N ARG A 88 -3.11 -7.62 4.47
CA ARG A 88 -3.17 -7.15 5.85
C ARG A 88 -1.96 -7.62 6.65
N GLN A 89 -1.65 -8.89 6.51
CA GLN A 89 -0.56 -9.53 7.23
C GLN A 89 0.74 -8.72 7.16
N GLY A 90 1.24 -8.55 5.95
CA GLY A 90 2.51 -7.86 5.71
C GLY A 90 2.46 -6.34 5.79
N ILE A 91 1.33 -5.73 5.48
CA ILE A 91 1.24 -4.26 5.52
C ILE A 91 1.25 -3.74 6.96
N ALA A 92 0.50 -4.40 7.84
CA ALA A 92 0.38 -3.99 9.23
C ALA A 92 1.69 -4.10 10.01
N ARG A 93 2.40 -5.21 9.82
CA ARG A 93 3.68 -5.45 10.49
C ARG A 93 4.80 -4.57 9.93
N ASN A 94 4.77 -4.35 8.62
CA ASN A 94 5.79 -3.56 7.97
C ASN A 94 5.57 -2.06 8.18
N HIS A 95 4.37 -1.69 8.62
CA HIS A 95 4.08 -0.27 8.84
C HIS A 95 3.36 0.00 10.17
N TYR A 96 2.12 -0.45 10.29
CA TYR A 96 1.36 -0.21 11.51
C TYR A 96 0.29 -1.25 11.72
N ASP A 97 -0.09 -1.45 12.97
CA ASP A 97 -1.13 -2.41 13.29
C ASP A 97 -2.47 -1.91 12.73
N CYS A 98 -2.97 -2.60 11.71
CA CYS A 98 -4.22 -2.20 11.06
C CYS A 98 -5.33 -3.24 11.21
N GLY A 99 -6.56 -2.76 11.15
CA GLY A 99 -7.73 -3.63 11.21
C GLY A 99 -8.46 -3.57 9.88
N TYR A 100 -9.77 -3.34 9.91
CA TYR A 100 -10.51 -3.20 8.65
C TYR A 100 -10.66 -1.71 8.40
N GLU A 101 -9.85 -0.99 9.18
CA GLU A 101 -9.69 0.45 9.13
C GLU A 101 -9.35 0.92 7.72
N MET A 102 -8.04 1.02 7.44
CA MET A 102 -7.57 1.47 6.14
C MET A 102 -8.22 0.66 5.03
N HIS A 103 -8.27 -0.65 5.14
CA HIS A 103 -8.94 -1.43 4.10
C HIS A 103 -10.10 -0.66 3.48
N THR A 104 -11.24 -0.57 4.13
CA THR A 104 -12.38 0.12 3.53
C THR A 104 -12.05 1.59 3.21
N CYS A 105 -11.67 2.38 4.22
CA CYS A 105 -11.35 3.78 3.97
C CYS A 105 -10.27 3.90 2.90
N LEU A 106 -9.18 3.15 3.07
CA LEU A 106 -8.08 3.16 2.11
C LEU A 106 -8.61 2.80 0.74
N GLY A 107 -9.56 1.86 0.72
CA GLY A 107 -10.17 1.41 -0.52
C GLY A 107 -10.48 2.57 -1.46
N GLU A 108 -11.30 3.50 -0.99
CA GLU A 108 -11.66 4.66 -1.81
C GLU A 108 -10.43 5.52 -2.12
N MET A 109 -9.66 5.86 -1.10
CA MET A 109 -8.43 6.63 -1.29
C MET A 109 -7.39 5.78 -1.99
N TYR A 110 -7.74 4.51 -2.26
CA TYR A 110 -6.84 3.58 -2.91
C TYR A 110 -6.80 3.86 -4.41
N VAL A 111 -7.99 3.82 -4.99
CA VAL A 111 -8.22 4.05 -6.41
C VAL A 111 -8.32 5.53 -6.75
N SER A 112 -8.89 6.29 -5.81
CA SER A 112 -9.11 7.71 -6.00
C SER A 112 -7.84 8.48 -6.34
N ASP A 113 -6.76 8.24 -5.59
CA ASP A 113 -5.52 8.96 -5.84
C ASP A 113 -4.69 8.28 -6.93
N GLU A 114 -4.28 9.08 -7.90
CA GLU A 114 -3.48 8.62 -9.03
C GLU A 114 -2.10 8.12 -8.63
N ARG A 115 -1.49 8.70 -7.59
CA ARG A 115 -0.15 8.29 -7.20
C ARG A 115 -0.09 6.89 -6.58
N PHE A 116 -1.14 6.45 -5.89
CA PHE A 116 -1.16 5.12 -5.32
C PHE A 116 -1.49 4.10 -6.40
N THR A 117 -2.50 4.43 -7.20
CA THR A 117 -2.97 3.57 -8.27
C THR A 117 -1.99 3.45 -9.42
N ARG A 118 -1.39 4.56 -9.84
CA ARG A 118 -0.47 4.54 -10.97
C ARG A 118 0.82 3.81 -10.64
N ASN A 119 1.27 3.89 -9.39
CA ASN A 119 2.50 3.21 -9.01
C ASN A 119 2.21 1.72 -8.88
N ILE A 120 1.03 1.41 -8.34
CA ILE A 120 0.61 0.03 -8.17
C ILE A 120 0.18 -0.61 -9.48
N ASP A 121 -0.77 0.02 -10.18
CA ASP A 121 -1.27 -0.51 -11.44
C ASP A 121 -0.20 -0.52 -12.51
N ALA A 122 0.93 0.13 -12.26
CA ALA A 122 2.01 0.15 -13.24
C ALA A 122 2.32 -1.29 -13.67
N ALA A 123 2.03 -2.23 -12.78
CA ALA A 123 2.26 -3.65 -13.05
C ALA A 123 1.06 -4.29 -13.75
N LYS A 124 -0.13 -3.72 -13.58
CA LYS A 124 -1.32 -4.28 -14.23
C LYS A 124 -2.46 -3.27 -14.25
N PRO A 125 -2.65 -2.55 -15.36
CA PRO A 125 -3.73 -1.57 -15.46
C PRO A 125 -5.06 -2.13 -14.95
N GLY A 126 -5.76 -1.36 -14.12
CA GLY A 126 -7.03 -1.82 -13.59
C GLY A 126 -6.87 -2.56 -12.27
N LEU A 127 -5.67 -3.04 -11.99
CA LEU A 127 -5.40 -3.78 -10.76
C LEU A 127 -5.69 -2.95 -9.52
N ALA A 128 -5.38 -1.66 -9.57
CA ALA A 128 -5.60 -0.78 -8.43
C ALA A 128 -7.04 -0.85 -7.93
N ALA A 129 -8.00 -0.82 -8.85
CA ALA A 129 -9.41 -0.89 -8.48
C ALA A 129 -9.78 -2.28 -8.01
N TYR A 130 -9.15 -3.29 -8.59
CA TYR A 130 -9.41 -4.66 -8.20
C TYR A 130 -8.95 -4.87 -6.77
N MET A 131 -7.88 -4.18 -6.41
CA MET A 131 -7.39 -4.24 -5.04
C MET A 131 -8.45 -3.64 -4.14
N ARG A 132 -9.00 -2.51 -4.60
CA ARG A 132 -10.02 -1.79 -3.86
C ARG A 132 -11.23 -2.68 -3.58
N ASP A 133 -11.77 -3.35 -4.61
CA ASP A 133 -12.94 -4.21 -4.38
C ASP A 133 -12.54 -5.47 -3.63
N ALA A 134 -11.35 -5.97 -3.91
CA ALA A 134 -10.83 -7.17 -3.26
C ALA A 134 -10.55 -6.91 -1.78
N ILE A 135 -9.91 -5.77 -1.51
CA ILE A 135 -9.58 -5.37 -0.16
C ILE A 135 -10.82 -4.96 0.64
N LEU A 136 -11.65 -4.12 0.03
CA LEU A 136 -12.87 -3.65 0.67
C LEU A 136 -13.76 -4.83 1.07
N ALA A 137 -13.91 -5.78 0.17
CA ALA A 137 -14.69 -6.99 0.43
C ALA A 137 -14.12 -7.73 1.64
N ASN A 138 -12.81 -7.85 1.67
CA ASN A 138 -12.14 -8.53 2.77
C ASN A 138 -12.56 -7.92 4.11
N ALA A 139 -12.67 -6.60 4.15
CA ALA A 139 -13.06 -5.90 5.36
C ALA A 139 -14.48 -6.25 5.77
N VAL A 140 -15.32 -6.60 4.80
CA VAL A 140 -16.72 -6.91 5.05
C VAL A 140 -16.91 -8.24 5.78
N ARG A 141 -16.21 -9.26 5.32
CA ARG A 141 -16.37 -10.58 5.91
C ARG A 141 -15.51 -10.77 7.15
N HIS A 142 -14.55 -9.89 7.36
CA HIS A 142 -13.68 -10.00 8.52
C HIS A 142 -14.21 -9.15 9.66
N THR A 143 -15.40 -8.56 9.47
CA THR A 143 -16.03 -7.73 10.48
C THR A 143 -17.21 -8.48 11.11
N PRO A 144 -17.46 -8.28 12.42
CA PRO A 144 -18.56 -8.94 13.12
C PRO A 144 -19.82 -9.05 12.25
CA SER B 1 -2.35 7.40 5.65
C SER B 1 -0.92 7.14 5.68
N BB9 B 2 0.03 7.48 4.76
CA BB9 B 2 1.32 7.15 5.19
C BB9 B 2 2.49 7.42 4.39
O BB9 B 2 3.60 7.12 4.79
CB BB9 B 2 1.34 6.58 6.41
SG BB9 B 2 -0.22 6.44 7.02
HB BB9 B 2 2.24 6.27 6.94
N THR B 3 2.25 7.65 3.10
CA THR B 3 3.32 7.55 2.11
C THR B 3 2.86 8.11 0.76
N DBU B 4 1.57 8.36 0.65
CA DBU B 4 1.09 8.65 -0.65
CB DBU B 4 0.13 9.55 -0.79
CG DBU B 4 -0.64 10.07 0.40
C DBU B 4 1.62 7.94 -1.82
H DBU B 4 1.05 8.58 1.45
HB DBU B 4 -0.12 9.91 -1.76
HG1 DBU B 4 -0.51 9.40 1.23
HG2 DBU B 4 -1.68 10.14 0.14
HG3 DBU B 4 -0.26 11.05 0.67
N BB9 B 5 1.94 6.63 -1.92
CA BB9 B 5 2.43 6.31 -3.20
C BB9 B 5 2.81 4.93 -3.43
O BB9 B 5 3.27 4.54 -4.50
CB BB9 B 5 2.48 7.37 -4.05
SG BB9 B 5 1.92 8.75 -3.25
HB BB9 B 5 2.55 6.41 -3.64
N 3GL B 6 2.61 4.11 -2.38
CA 3GL B 6 2.93 2.69 -2.42
C 3GL B 6 1.76 1.92 -1.80
CB 3GL B 6 4.24 2.43 -1.64
CG 3GL B 6 4.91 1.08 -1.87
OH 3GL B 6 3.93 0.06 -1.87
CD 3GL B 6 5.94 0.79 -0.80
OE1 3GL B 6 6.49 1.83 -0.14
OE2 3GL B 6 6.38 -0.35 -0.63
H2 3GL B 6 2.23 4.48 -1.56
HA 3GL B 6 3.06 2.38 -3.45
HB1C 3GL B 6 4.02 2.50 -0.60
HB2C 3GL B 6 4.94 3.21 -1.91
HG 3GL B 6 5.40 1.10 -2.83
N BB9 B 7 1.15 2.18 -0.61
CA BB9 B 7 0.09 1.29 -0.37
C BB9 B 7 -0.72 1.37 0.81
O BB9 B 7 -1.64 0.59 1.02
CB BB9 B 7 -0.08 0.38 -1.37
SG BB9 B 7 1.06 0.63 -2.59
HB BB9 B 7 -0.85 -0.39 -1.38
N CYS B 8 -0.40 2.35 1.66
CA CYS B 8 -1.15 2.55 2.91
C CYS B 8 -1.67 3.98 2.92
N BB9 B 9 -2.16 4.67 3.99
CA BB9 B 9 -2.56 5.97 3.62
C BB9 B 9 -3.15 6.88 4.65
CB BB9 B 9 -2.34 6.24 2.30
SG BB9 B 9 -1.68 4.89 1.53
HB BB9 B 9 -2.56 7.17 1.80
N MH6 B 10 -4.48 7.14 4.60
CA MH6 B 10 -5.02 7.92 5.56
C MH6 B 10 -6.44 8.24 5.50
CB MH6 B 10 -4.27 8.46 6.59
OG MH6 B 10 -4.86 9.24 7.55
N BB9 B 11 -7.46 7.71 6.22
CA BB9 B 11 -8.69 8.31 5.92
C BB9 B 11 -9.91 7.92 6.57
O BB9 B 11 -10.98 8.45 6.30
CB BB9 B 11 -8.59 9.28 4.98
SG BB9 B 11 -6.99 9.45 4.48
HB BB9 B 11 -9.41 9.87 4.61
N ALA B 12 -9.80 6.94 7.47
CA ALA B 12 -10.96 6.46 8.21
C ALA B 12 -10.83 6.78 9.70
N NH2 B 13 -9.91 7.66 10.04
HN1 NH2 B 13 -9.36 8.05 9.32
HN2 NH2 B 13 -9.80 7.88 10.98
C NO1 C . 2.42 2.11 3.56
O NO1 C . 2.00 1.14 2.93
CB NO1 C . 4.60 0.57 1.92
CG NO1 C . 4.79 1.90 2.60
CD1 NO1 C . 3.88 2.52 3.41
NE1 NO1 C . 4.45 3.62 4.01
CD2 NO1 C . 5.97 2.72 2.61
CE2 NO1 C . 5.73 3.78 3.53
CE3 NO1 C . 7.21 2.65 1.96
CZ2 NO1 C . 6.70 4.76 3.79
CZ3 NO1 C . 8.16 3.62 2.23
CH2 NO1 C . 7.90 4.66 3.14
CF NO1 C . 7.44 1.60 0.89
HB1C NO1 C . 3.86 -0.02 2.47
HB2C NO1 C . 5.52 0.03 1.90
HB3C NO1 C . 4.24 0.73 0.92
HE1 NO1 C . 5.34 3.95 3.85
HZ2 NO1 C . 6.51 5.55 4.49
HZ3 NO1 C . 9.11 3.61 1.72
HF1C NO1 C . 8.44 1.70 0.51
HF2C NO1 C . 7.30 0.61 1.31
HH2 NO1 C . 8.68 5.39 3.32
N GLY A 2 15.79 10.11 8.66
CA GLY A 2 14.68 9.59 7.82
C GLY A 2 15.14 8.55 6.83
N ILE A 3 14.50 8.53 5.66
CA ILE A 3 14.85 7.58 4.61
C ILE A 3 16.28 7.81 4.11
N ASN A 4 17.08 6.76 4.16
CA ASN A 4 18.48 6.81 3.72
C ASN A 4 18.60 6.32 2.28
N LEU A 5 18.27 7.17 1.32
CA LEU A 5 18.35 6.80 -0.10
C LEU A 5 18.82 7.97 -0.98
N THR A 6 19.58 7.64 -2.01
CA THR A 6 20.08 8.61 -2.97
C THR A 6 19.13 8.71 -4.16
N PRO A 7 19.07 9.87 -4.83
CA PRO A 7 18.18 10.03 -5.99
C PRO A 7 18.30 8.88 -6.98
N GLU A 8 19.53 8.43 -7.19
CA GLU A 8 19.81 7.33 -8.12
C GLU A 8 19.40 5.99 -7.55
N GLU A 9 19.62 5.79 -6.26
CA GLU A 9 19.28 4.54 -5.61
C GLU A 9 17.78 4.42 -5.40
N LYS A 10 17.11 5.54 -5.17
CA LYS A 10 15.68 5.49 -4.92
C LYS A 10 14.98 4.68 -5.98
N PHE A 11 15.29 5.01 -7.24
CA PHE A 11 14.69 4.33 -8.39
C PHE A 11 15.19 2.90 -8.53
N GLU A 12 16.42 2.65 -8.11
CA GLU A 12 16.96 1.30 -8.16
C GLU A 12 15.99 0.37 -7.44
N VAL A 13 15.44 0.88 -6.34
CA VAL A 13 14.48 0.14 -5.51
C VAL A 13 13.04 0.62 -5.74
N PHE A 14 12.82 1.94 -5.70
CA PHE A 14 11.48 2.50 -5.86
C PHE A 14 11.07 2.70 -7.30
N GLY A 15 12.01 2.57 -8.21
CA GLY A 15 11.69 2.73 -9.61
C GLY A 15 11.30 4.14 -10.00
N ASP A 16 10.24 4.68 -9.38
CA ASP A 16 9.77 6.03 -9.70
C ASP A 16 9.25 6.79 -8.48
N PHE A 17 9.03 6.09 -7.37
CA PHE A 17 8.51 6.72 -6.16
C PHE A 17 9.60 7.40 -5.33
N ASP A 18 9.42 8.69 -5.08
CA ASP A 18 10.37 9.47 -4.28
C ASP A 18 9.71 9.82 -2.93
N PRO A 19 10.28 9.35 -1.80
CA PRO A 19 9.71 9.62 -0.47
C PRO A 19 9.84 11.07 -0.04
N ASP A 20 10.98 11.68 -0.28
CA ASP A 20 11.20 13.07 0.10
C ASP A 20 10.10 13.95 -0.48
N GLN A 21 9.89 13.85 -1.78
CA GLN A 21 8.86 14.63 -2.45
C GLN A 21 7.49 14.44 -1.80
N TYR A 22 7.11 13.19 -1.56
CA TYR A 22 5.81 12.90 -0.97
C TYR A 22 5.84 13.08 0.54
N GLU A 23 7.03 13.10 1.13
CA GLU A 23 7.15 13.29 2.57
C GLU A 23 6.55 14.63 2.97
N GLU A 24 6.94 15.67 2.25
CA GLU A 24 6.45 17.02 2.49
C GLU A 24 4.96 17.11 2.20
N GLU A 25 4.56 16.58 1.05
CA GLU A 25 3.16 16.59 0.62
C GLU A 25 2.27 15.98 1.69
N VAL A 26 2.84 15.04 2.44
CA VAL A 26 2.10 14.39 3.51
C VAL A 26 1.91 15.32 4.69
N ARG A 27 2.98 16.03 5.02
CA ARG A 27 2.94 16.95 6.14
C ARG A 27 1.77 17.92 5.98
N GLU A 28 1.57 18.44 4.79
CA GLU A 28 0.47 19.37 4.53
C GLU A 28 -0.88 18.64 4.49
N ARG A 29 -0.88 17.41 4.00
CA ARG A 29 -2.11 16.63 3.89
C ARG A 29 -2.67 16.18 5.25
N TRP A 30 -1.84 15.46 6.01
CA TRP A 30 -2.27 14.94 7.31
C TRP A 30 -1.50 15.56 8.48
N GLY A 31 -0.25 15.90 8.22
CA GLY A 31 0.61 16.54 9.22
C GLY A 31 0.21 16.33 10.67
N ASN A 32 -0.51 15.25 11.01
CA ASN A 32 -0.91 15.05 12.41
C ASN A 32 -1.65 13.73 12.63
N THR A 33 -1.52 12.78 11.72
CA THR A 33 -2.19 11.49 11.89
C THR A 33 -1.29 10.50 12.64
N ASP A 34 -1.90 9.61 13.42
CA ASP A 34 -1.17 8.62 14.21
C ASP A 34 -0.36 7.66 13.32
N ALA A 35 -1.03 7.08 12.33
CA ALA A 35 -0.37 6.13 11.44
C ALA A 35 0.93 6.69 10.89
N TYR A 36 0.87 7.94 10.44
CA TYR A 36 2.04 8.61 9.88
C TYR A 36 3.18 8.65 10.88
N ARG A 37 2.87 8.95 12.14
CA ARG A 37 3.88 9.03 13.19
C ARG A 37 4.68 7.74 13.31
N GLN A 38 4.04 6.59 13.09
CA GLN A 38 4.75 5.31 13.16
C GLN A 38 5.74 5.21 12.01
N SER A 39 5.38 5.71 10.84
CA SER A 39 6.29 5.69 9.71
C SER A 39 7.63 6.33 10.11
N LYS A 40 7.56 7.56 10.65
CA LYS A 40 8.76 8.25 11.12
C LYS A 40 9.48 7.42 12.18
N GLU A 41 8.70 6.86 13.07
CA GLU A 41 9.18 6.02 14.16
C GLU A 41 10.13 4.91 13.71
N LYS A 42 9.59 4.04 12.87
CA LYS A 42 10.29 2.86 12.36
C LYS A 42 11.18 3.13 11.16
N THR A 43 10.75 4.01 10.27
CA THR A 43 11.51 4.29 9.07
C THR A 43 12.90 4.80 9.38
N ALA A 44 13.03 5.50 10.50
CA ALA A 44 14.32 6.07 10.89
C ALA A 44 15.38 4.99 10.99
N SER A 45 14.97 3.82 11.51
CA SER A 45 15.86 2.69 11.69
C SER A 45 16.00 1.85 10.42
N TYR A 46 15.13 2.12 9.45
CA TYR A 46 15.12 1.37 8.20
C TYR A 46 16.21 1.77 7.24
N THR A 47 16.85 0.75 6.69
CA THR A 47 17.93 0.89 5.73
C THR A 47 17.46 0.46 4.35
N LYS A 48 18.35 0.48 3.37
CA LYS A 48 17.99 0.06 2.02
C LYS A 48 17.54 -1.39 2.00
N GLU A 49 18.32 -2.25 2.65
CA GLU A 49 18.00 -3.67 2.72
C GLU A 49 16.55 -3.90 3.12
N ASP A 50 16.07 -3.06 4.04
CA ASP A 50 14.71 -3.16 4.56
C ASP A 50 13.66 -2.80 3.50
N TRP A 51 13.80 -1.64 2.87
CA TRP A 51 12.83 -1.23 1.87
C TRP A 51 12.77 -2.19 0.68
N GLN A 52 13.93 -2.67 0.25
CA GLN A 52 13.95 -3.60 -0.88
C GLN A 52 13.20 -4.88 -0.53
N ARG A 53 13.41 -5.40 0.68
CA ARG A 53 12.70 -6.61 1.09
C ARG A 53 11.20 -6.33 1.06
N ILE A 54 10.84 -5.10 1.40
CA ILE A 54 9.46 -4.65 1.41
C ILE A 54 8.94 -4.47 -0.02
N GLN A 55 9.67 -3.70 -0.83
CA GLN A 55 9.26 -3.48 -2.21
C GLN A 55 9.04 -4.80 -2.91
N ASP A 56 9.99 -5.71 -2.73
CA ASP A 56 9.88 -7.03 -3.30
C ASP A 56 8.60 -7.67 -2.80
N GLU A 57 8.19 -7.30 -1.58
CA GLU A 57 6.98 -7.84 -0.98
C GLU A 57 5.75 -7.39 -1.76
N ALA A 58 5.68 -6.09 -2.06
CA ALA A 58 4.56 -5.55 -2.82
C ALA A 58 4.49 -6.23 -4.18
N ASP A 59 5.67 -6.38 -4.79
CA ASP A 59 5.77 -7.03 -6.09
C ASP A 59 5.13 -8.41 -6.05
N GLU A 60 5.59 -9.25 -5.14
CA GLU A 60 5.05 -10.59 -5.02
C GLU A 60 3.54 -10.53 -4.86
N LEU A 61 3.09 -9.70 -3.92
CA LEU A 61 1.66 -9.53 -3.70
C LEU A 61 0.96 -9.15 -4.99
N THR A 62 1.67 -8.43 -5.85
CA THR A 62 1.12 -8.03 -7.13
C THR A 62 1.09 -9.24 -8.06
N ARG A 63 2.19 -9.99 -8.07
CA ARG A 63 2.30 -11.17 -8.92
C ARG A 63 1.11 -12.09 -8.74
N ARG A 64 0.74 -12.33 -7.49
CA ARG A 64 -0.38 -13.23 -7.20
C ARG A 64 -1.71 -12.58 -7.59
N PHE A 65 -1.85 -11.28 -7.32
CA PHE A 65 -3.07 -10.58 -7.68
C PHE A 65 -3.27 -10.58 -9.17
N VAL A 66 -2.18 -10.51 -9.90
CA VAL A 66 -2.24 -10.51 -11.35
C VAL A 66 -2.57 -11.89 -11.91
N ALA A 67 -1.93 -12.92 -11.37
CA ALA A 67 -2.19 -14.28 -11.82
C ALA A 67 -3.64 -14.67 -11.53
N LEU A 68 -4.20 -14.15 -10.45
CA LEU A 68 -5.58 -14.44 -10.07
C LEU A 68 -6.55 -13.52 -10.84
N MET A 69 -6.18 -12.25 -10.97
CA MET A 69 -7.03 -11.30 -11.69
C MET A 69 -7.13 -11.66 -13.17
N ASP A 70 -5.97 -11.83 -13.78
CA ASP A 70 -5.89 -12.18 -15.19
C ASP A 70 -6.52 -13.54 -15.44
N ALA A 71 -6.73 -14.27 -14.36
CA ALA A 71 -7.33 -15.59 -14.43
C ALA A 71 -8.85 -15.48 -14.38
N GLY A 72 -9.37 -14.29 -14.65
CA GLY A 72 -10.81 -14.09 -14.65
C GLY A 72 -11.43 -14.35 -13.30
N GLU A 73 -10.60 -14.37 -12.26
CA GLU A 73 -11.12 -14.64 -10.92
C GLU A 73 -11.72 -13.36 -10.30
N PRO A 74 -12.94 -13.42 -9.73
CA PRO A 74 -13.55 -12.23 -9.14
C PRO A 74 -12.82 -11.80 -7.88
N ALA A 75 -12.97 -10.52 -7.54
CA ALA A 75 -12.29 -9.93 -6.39
C ALA A 75 -12.86 -10.36 -5.03
N ASP A 76 -13.99 -11.06 -4.99
CA ASP A 76 -14.55 -11.48 -3.70
C ASP A 76 -14.48 -12.99 -3.54
N SER A 77 -13.74 -13.66 -4.42
CA SER A 77 -13.59 -15.11 -4.32
C SER A 77 -12.54 -15.46 -3.29
N GLU A 78 -12.49 -16.74 -2.95
CA GLU A 78 -11.55 -17.21 -1.95
C GLU A 78 -10.13 -16.77 -2.31
N GLY A 79 -9.80 -16.84 -3.59
CA GLY A 79 -8.49 -16.44 -4.04
C GLY A 79 -8.26 -14.97 -3.80
N ALA A 80 -9.26 -14.16 -4.10
CA ALA A 80 -9.18 -12.72 -3.93
C ALA A 80 -9.20 -12.32 -2.45
N MET A 81 -10.19 -12.80 -1.71
CA MET A 81 -10.30 -12.46 -0.30
C MET A 81 -9.00 -12.76 0.44
N ASP A 82 -8.41 -13.91 0.14
CA ASP A 82 -7.15 -14.30 0.76
C ASP A 82 -6.04 -13.35 0.37
N ALA A 83 -6.06 -12.87 -0.87
CA ALA A 83 -5.03 -11.96 -1.33
C ALA A 83 -4.97 -10.76 -0.40
N ALA A 84 -6.12 -10.13 -0.17
CA ALA A 84 -6.18 -8.98 0.72
C ALA A 84 -5.63 -9.33 2.10
N GLU A 85 -6.01 -10.50 2.61
CA GLU A 85 -5.54 -10.93 3.92
C GLU A 85 -4.03 -10.83 3.94
N ASP A 86 -3.40 -11.39 2.93
CA ASP A 86 -1.97 -11.32 2.80
C ASP A 86 -1.55 -9.84 2.80
N HIS A 87 -2.31 -9.04 2.07
CA HIS A 87 -2.08 -7.60 1.99
C HIS A 87 -2.09 -6.97 3.36
N ARG A 88 -3.15 -7.21 4.12
CA ARG A 88 -3.29 -6.67 5.46
C ARG A 88 -2.14 -7.11 6.36
N GLN A 89 -1.90 -8.41 6.38
CA GLN A 89 -0.85 -8.98 7.22
C GLN A 89 0.47 -8.22 7.08
N GLY A 90 0.94 -8.13 5.83
CA GLY A 90 2.20 -7.49 5.53
C GLY A 90 2.18 -5.97 5.54
N ILE A 91 1.06 -5.35 5.20
CA ILE A 91 0.99 -3.89 5.18
C ILE A 91 1.01 -3.30 6.59
N ALA A 92 0.18 -3.86 7.47
CA ALA A 92 0.09 -3.39 8.85
C ALA A 92 1.46 -3.33 9.53
N ARG A 93 2.27 -4.35 9.27
CA ARG A 93 3.60 -4.47 9.84
C ARG A 93 4.64 -3.57 9.16
N ASN A 94 4.64 -3.54 7.83
CA ASN A 94 5.63 -2.76 7.07
C ASN A 94 5.71 -1.29 7.48
N HIS A 95 4.56 -0.64 7.57
CA HIS A 95 4.53 0.79 7.91
C HIS A 95 3.91 1.04 9.28
N TYR A 96 2.61 0.79 9.42
CA TYR A 96 1.94 0.99 10.70
C TYR A 96 0.79 0.01 10.90
N ASP A 97 0.38 -0.14 12.16
CA ASP A 97 -0.71 -1.04 12.51
C ASP A 97 -2.00 -0.61 11.82
N CYS A 98 -2.52 -1.49 10.96
CA CYS A 98 -3.74 -1.19 10.22
C CYS A 98 -4.89 -2.12 10.60
N GLY A 99 -6.10 -1.56 10.68
CA GLY A 99 -7.27 -2.34 11.01
C GLY A 99 -8.09 -2.61 9.75
N TYR A 100 -9.21 -3.30 9.90
CA TYR A 100 -10.03 -3.60 8.73
C TYR A 100 -10.59 -2.33 8.13
N GLU A 101 -10.42 -1.22 8.86
CA GLU A 101 -10.91 0.08 8.39
C GLU A 101 -9.88 0.83 7.55
N MET A 102 -8.66 0.30 7.35
CA MET A 102 -7.76 0.96 6.41
C MET A 102 -8.14 0.35 5.07
N HIS A 103 -8.18 -0.97 5.05
CA HIS A 103 -8.74 -1.71 3.93
C HIS A 103 -9.89 -0.98 3.24
N THR A 104 -11.07 -0.99 3.84
CA THR A 104 -12.23 -0.36 3.22
C THR A 104 -12.02 1.12 2.91
N CYS A 105 -11.67 1.92 3.91
CA CYS A 105 -11.49 3.37 3.70
C CYS A 105 -10.22 3.70 2.91
N LEU A 106 -9.15 2.97 3.17
CA LEU A 106 -7.89 3.21 2.47
C LEU A 106 -8.02 2.85 1.00
N GLY A 107 -8.38 1.59 0.74
CA GLY A 107 -8.53 1.14 -0.62
C GLY A 107 -9.35 2.09 -1.46
N GLU A 108 -10.48 2.52 -0.94
CA GLU A 108 -11.35 3.44 -1.67
C GLU A 108 -10.63 4.75 -1.94
N MET A 109 -9.70 5.12 -1.08
CA MET A 109 -8.95 6.36 -1.24
C MET A 109 -7.78 6.27 -2.23
N TYR A 110 -6.93 5.25 -2.11
CA TYR A 110 -5.77 5.19 -3.00
C TYR A 110 -6.19 5.04 -4.46
N VAL A 111 -7.43 4.62 -4.67
CA VAL A 111 -7.98 4.49 -6.02
C VAL A 111 -8.34 5.87 -6.53
N SER A 112 -8.62 6.77 -5.58
CA SER A 112 -8.98 8.15 -5.88
C SER A 112 -7.75 8.97 -6.22
N ASP A 113 -6.63 8.70 -5.55
CA ASP A 113 -5.39 9.42 -5.81
C ASP A 113 -4.57 8.70 -6.87
N GLU A 114 -4.11 9.47 -7.86
CA GLU A 114 -3.34 8.96 -8.99
C GLU A 114 -1.92 8.49 -8.62
N ARG A 115 -1.30 9.03 -7.57
CA ARG A 115 0.08 8.64 -7.27
C ARG A 115 0.19 7.20 -6.75
N PHE A 116 -0.80 6.72 -6.01
CA PHE A 116 -0.79 5.35 -5.52
C PHE A 116 -1.21 4.38 -6.62
N THR A 117 -2.35 4.67 -7.22
CA THR A 117 -2.91 3.82 -8.26
C THR A 117 -1.95 3.63 -9.42
N ARG A 118 -1.33 4.71 -9.88
CA ARG A 118 -0.41 4.64 -11.01
C ARG A 118 0.87 3.89 -10.64
N ASN A 119 1.31 4.04 -9.39
CA ASN A 119 2.51 3.35 -8.94
C ASN A 119 2.20 1.88 -8.68
N ILE A 120 1.02 1.61 -8.14
CA ILE A 120 0.58 0.25 -7.85
C ILE A 120 0.17 -0.48 -9.14
N ASP A 121 -0.65 0.19 -9.95
CA ASP A 121 -1.15 -0.41 -11.20
C ASP A 121 -0.08 -0.45 -12.28
N ALA A 122 1.06 0.19 -12.03
CA ALA A 122 2.13 0.20 -13.01
C ALA A 122 2.44 -1.22 -13.47
N ALA A 123 2.17 -2.19 -12.59
CA ALA A 123 2.39 -3.60 -12.91
C ALA A 123 1.17 -4.22 -13.56
N LYS A 124 -0.01 -3.63 -13.36
CA LYS A 124 -1.22 -4.16 -13.96
C LYS A 124 -2.30 -3.10 -14.06
N PRO A 125 -2.39 -2.39 -15.19
CA PRO A 125 -3.40 -1.35 -15.39
C PRO A 125 -4.79 -1.81 -14.95
N GLY A 126 -5.37 -1.13 -13.95
CA GLY A 126 -6.69 -1.51 -13.47
C GLY A 126 -6.64 -2.26 -12.16
N LEU A 127 -5.50 -2.87 -11.88
CA LEU A 127 -5.30 -3.65 -10.66
C LEU A 127 -5.61 -2.83 -9.40
N ALA A 128 -5.33 -1.53 -9.43
CA ALA A 128 -5.59 -0.68 -8.27
C ALA A 128 -7.04 -0.80 -7.83
N ALA A 129 -7.94 -0.86 -8.80
CA ALA A 129 -9.37 -0.97 -8.53
C ALA A 129 -9.74 -2.36 -8.04
N TYR A 130 -9.10 -3.38 -8.62
CA TYR A 130 -9.37 -4.75 -8.22
C TYR A 130 -8.91 -4.97 -6.79
N MET A 131 -7.83 -4.30 -6.43
CA MET A 131 -7.32 -4.37 -5.07
C MET A 131 -8.38 -3.75 -4.16
N ARG A 132 -8.92 -2.63 -4.63
CA ARG A 132 -9.93 -1.87 -3.92
C ARG A 132 -11.17 -2.71 -3.62
N ASP A 133 -11.77 -3.35 -4.62
CA ASP A 133 -12.97 -4.14 -4.38
C ASP A 133 -12.67 -5.37 -3.51
N ALA A 134 -11.51 -5.97 -3.74
CA ALA A 134 -11.08 -7.15 -3.01
C ALA A 134 -10.90 -6.84 -1.52
N ILE A 135 -10.36 -5.66 -1.24
CA ILE A 135 -10.09 -5.23 0.13
C ILE A 135 -11.39 -4.93 0.89
N LEU A 136 -12.30 -4.18 0.28
CA LEU A 136 -13.56 -3.82 0.91
C LEU A 136 -14.34 -5.05 1.38
N ALA A 137 -14.39 -6.09 0.55
CA ALA A 137 -15.12 -7.30 0.90
C ALA A 137 -14.45 -8.03 2.05
N ASN A 138 -13.13 -7.97 2.10
CA ASN A 138 -12.37 -8.60 3.16
C ASN A 138 -12.66 -7.93 4.50
N ALA A 139 -12.62 -6.60 4.51
CA ALA A 139 -12.89 -5.86 5.73
C ALA A 139 -14.31 -6.09 6.21
N VAL A 140 -15.18 -6.50 5.29
CA VAL A 140 -16.58 -6.77 5.57
C VAL A 140 -16.79 -8.13 6.19
N ARG A 141 -16.16 -9.13 5.59
CA ARG A 141 -16.29 -10.50 6.08
C ARG A 141 -15.32 -10.79 7.21
N HIS A 142 -14.26 -10.00 7.33
CA HIS A 142 -13.29 -10.23 8.38
C HIS A 142 -13.70 -9.51 9.66
N THR A 143 -14.87 -8.88 9.62
CA THR A 143 -15.40 -8.16 10.79
C THR A 143 -16.56 -8.94 11.41
N PRO A 144 -16.69 -8.91 12.75
CA PRO A 144 -17.77 -9.61 13.44
C PRO A 144 -19.09 -9.58 12.68
CA SER B 1 -2.08 8.37 5.32
C SER B 1 -0.67 8.08 5.41
N BB9 B 2 0.29 8.14 4.45
CA BB9 B 2 1.57 7.85 4.96
C BB9 B 2 2.76 7.88 4.16
O BB9 B 2 3.85 7.62 4.64
CB BB9 B 2 1.55 7.57 6.28
SG BB9 B 2 -0.02 7.67 6.89
HB BB9 B 2 2.42 7.31 6.87
N THR B 3 2.57 8.10 2.87
CA THR B 3 3.69 8.03 1.93
C THR B 3 3.28 8.60 0.58
N DBU B 4 2.09 9.17 0.57
CA DBU B 4 1.48 9.36 -0.69
CB DBU B 4 0.57 10.33 -0.82
CG DBU B 4 0.09 11.13 0.37
C DBU B 4 1.78 8.49 -1.85
H DBU B 4 1.57 9.24 1.40
HB DBU B 4 0.18 10.55 -1.79
HG1 DBU B 4 0.33 10.60 1.27
HG2 DBU B 4 -0.97 11.28 0.29
HG3 DBU B 4 0.59 12.09 0.38
N BB9 B 5 2.08 7.17 -1.86
CA BB9 B 5 2.29 6.67 -3.16
C BB9 B 5 2.59 5.28 -3.35
O BB9 B 5 2.78 4.79 -4.47
CB BB9 B 5 2.14 7.64 -4.13
SG BB9 B 5 1.75 9.12 -3.40
HB BB9 B 5 2.31 6.73 -3.62
N 3GL B 6 2.63 4.54 -2.24
CA 3GL B 6 2.91 3.11 -2.26
C 3GL B 6 1.67 2.44 -1.68
CB 3GL B 6 4.14 2.75 -1.39
CG 3GL B 6 5.47 3.26 -1.91
OH 3GL B 6 5.87 2.49 -3.03
CD 3GL B 6 6.55 3.20 -0.84
OE1 3GL B 6 6.60 2.16 0.01
OE2 3GL B 6 7.46 4.04 -0.84
H2 3GL B 6 2.46 4.98 -1.38
HA 3GL B 6 3.07 2.79 -3.28
HB1C 3GL B 6 4.22 1.68 -1.32
HB2C 3GL B 6 3.98 3.16 -0.40
HG 3GL B 6 5.35 4.29 -2.22
N BB9 B 7 1.09 2.71 -0.49
CA BB9 B 7 -0.02 1.89 -0.27
C BB9 B 7 -0.79 2.03 0.94
O BB9 B 7 -1.77 1.32 1.16
CB BB9 B 7 -0.28 1.03 -1.28
SG BB9 B 7 0.88 1.24 -2.51
HB BB9 B 7 -1.09 0.32 -1.32
N CYS B 8 -0.34 2.95 1.79
CA CYS B 8 -1.01 3.21 3.07
C CYS B 8 -1.52 4.64 2.96
N BB9 B 9 -1.92 5.47 3.96
CA BB9 B 9 -2.36 6.71 3.47
C BB9 B 9 -2.92 7.73 4.41
CB BB9 B 9 -2.28 6.81 2.11
SG BB9 B 9 -1.67 5.37 1.47
HB BB9 B 9 -2.56 7.67 1.51
N MH6 B 10 -4.24 8.00 4.37
CA MH6 B 10 -4.77 8.89 5.22
C MH6 B 10 -6.19 9.17 5.15
CB MH6 B 10 -4.00 9.56 6.14
OG MH6 B 10 -4.57 10.47 7.01
N BB9 B 11 -7.20 8.53 5.78
CA BB9 B 11 -8.45 9.09 5.49
C BB9 B 11 -9.66 8.57 6.05
O BB9 B 11 -10.76 9.06 5.79
CB BB9 B 11 -8.37 10.15 4.65
SG BB9 B 11 -6.76 10.43 4.23
HB BB9 B 11 -9.21 10.73 4.29
N ALA B 12 -9.51 7.52 6.86
CA ALA B 12 -10.66 6.88 7.50
C ALA B 12 -10.24 5.62 8.23
N NH2 B 13 -8.98 5.22 8.06
HN1 NH2 B 13 -8.40 5.77 7.49
HN2 NH2 B 13 -8.67 4.41 8.52
C NO1 C . 2.62 2.77 3.69
O NO1 C . 2.20 1.77 3.11
CB NO1 C . 4.73 1.20 1.98
CG NO1 C . 4.95 2.54 2.67
CD1 NO1 C . 4.06 3.18 3.48
NE1 NO1 C . 4.64 4.28 4.06
CD2 NO1 C . 6.13 3.36 2.64
CE2 NO1 C . 5.91 4.43 3.53
CE3 NO1 C . 7.36 3.29 1.97
CZ2 NO1 C . 6.88 5.42 3.77
CZ3 NO1 C . 8.31 4.27 2.20
CH2 NO1 C . 8.07 5.32 3.10
CF NO1 C . 7.62 2.17 0.98
HB1C NO1 C . 4.02 0.63 2.55
HB2C NO1 C . 5.66 0.67 1.92
HB3C NO1 C . 4.34 1.38 0.99
HE1 NO1 C . 5.54 4.61 3.87
HZ2 NO1 C . 6.71 6.22 4.48
HZ3 NO1 C . 9.25 4.24 1.67
HF1C NO1 C . 8.57 2.34 0.51
HF2C NO1 C . 7.64 1.22 1.50
HH2 NO1 C . 8.84 6.06 3.25
N GLY A 2 12.55 8.87 8.88
CA GLY A 2 13.99 8.82 8.49
C GLY A 2 14.24 7.87 7.34
N ILE A 3 14.24 8.40 6.12
CA ILE A 3 14.49 7.61 4.92
C ILE A 3 15.86 7.93 4.34
N ASN A 4 16.69 6.89 4.21
CA ASN A 4 18.05 7.02 3.67
C ASN A 4 18.10 6.56 2.23
N LEU A 5 17.82 7.47 1.29
CA LEU A 5 17.83 7.12 -0.13
C LEU A 5 18.21 8.31 -1.01
N THR A 6 19.00 8.04 -2.05
CA THR A 6 19.40 9.06 -3.01
C THR A 6 18.40 9.10 -4.16
N PRO A 7 18.20 10.26 -4.80
CA PRO A 7 17.24 10.40 -5.91
C PRO A 7 17.38 9.28 -6.96
N GLU A 8 18.60 8.85 -7.22
CA GLU A 8 18.84 7.80 -8.20
C GLU A 8 18.44 6.41 -7.69
N GLU A 9 18.63 6.17 -6.40
CA GLU A 9 18.30 4.87 -5.81
C GLU A 9 16.80 4.72 -5.58
N LYS A 10 16.12 5.80 -5.27
CA LYS A 10 14.70 5.70 -5.00
C LYS A 10 14.03 4.93 -6.12
N PHE A 11 14.36 5.36 -7.35
CA PHE A 11 13.83 4.73 -8.56
C PHE A 11 14.21 3.26 -8.65
N GLU A 12 15.35 2.92 -8.06
CA GLU A 12 15.81 1.54 -8.09
C GLU A 12 14.96 0.66 -7.18
N VAL A 13 14.48 1.24 -6.08
CA VAL A 13 13.65 0.51 -5.13
C VAL A 13 12.18 0.91 -5.17
N PHE A 14 11.87 2.11 -5.70
CA PHE A 14 10.49 2.61 -5.77
C PHE A 14 10.07 2.97 -7.18
N GLY A 15 11.05 3.09 -8.04
CA GLY A 15 10.79 3.42 -9.42
C GLY A 15 10.33 4.86 -9.63
N ASP A 16 9.27 5.29 -8.95
CA ASP A 16 8.74 6.65 -9.14
C ASP A 16 8.19 7.27 -7.86
N PHE A 17 8.01 6.48 -6.81
CA PHE A 17 7.46 7.01 -5.55
C PHE A 17 8.52 7.66 -4.66
N ASP A 18 8.30 8.95 -4.36
CA ASP A 18 9.21 9.71 -3.51
C ASP A 18 8.54 10.02 -2.17
N PRO A 19 9.12 9.57 -1.04
CA PRO A 19 8.53 9.81 0.28
C PRO A 19 8.63 11.27 0.73
N ASP A 20 9.77 11.91 0.49
CA ASP A 20 9.96 13.29 0.91
C ASP A 20 8.88 14.21 0.32
N GLN A 21 8.73 14.20 -0.99
CA GLN A 21 7.73 15.03 -1.64
C GLN A 21 6.36 14.82 -1.00
N TYR A 22 6.03 13.56 -0.73
CA TYR A 22 4.74 13.25 -0.13
C TYR A 22 4.81 13.31 1.40
N GLU A 23 6.02 13.41 1.94
CA GLU A 23 6.17 13.48 3.39
C GLU A 23 5.54 14.77 3.90
N GLU A 24 5.88 15.89 3.29
CA GLU A 24 5.32 17.17 3.68
C GLU A 24 3.80 17.13 3.56
N GLU A 25 3.33 16.72 2.38
CA GLU A 25 1.91 16.61 2.12
C GLU A 25 1.26 15.72 3.18
N VAL A 26 2.00 14.71 3.61
CA VAL A 26 1.53 13.77 4.62
C VAL A 26 1.34 14.50 5.94
N ARG A 27 2.19 15.48 6.19
CA ARG A 27 2.13 16.24 7.41
C ARG A 27 0.94 17.20 7.40
N GLU A 28 0.73 17.86 6.27
CA GLU A 28 -0.36 18.83 6.15
C GLU A 28 -1.73 18.14 6.01
N ARG A 29 -1.76 17.03 5.29
CA ARG A 29 -3.02 16.31 5.04
C ARG A 29 -3.51 15.52 6.27
N TRP A 30 -2.59 14.98 7.08
CA TRP A 30 -2.99 14.22 8.28
C TRP A 30 -2.27 14.75 9.52
N GLY A 31 -1.06 15.23 9.32
CA GLY A 31 -0.24 15.79 10.39
C GLY A 31 -0.60 15.31 11.79
N ASN A 32 -1.17 14.12 11.95
CA ASN A 32 -1.53 13.65 13.29
C ASN A 32 -2.20 12.26 13.31
N THR A 33 -2.06 11.47 12.25
CA THR A 33 -2.67 10.14 12.25
C THR A 33 -1.71 9.10 12.84
N ASP A 34 -2.28 8.11 13.52
CA ASP A 34 -1.48 7.07 14.17
C ASP A 34 -0.65 6.25 13.18
N ALA A 35 -1.29 5.75 12.12
CA ALA A 35 -0.57 4.97 11.12
C ALA A 35 0.68 5.70 10.65
N TYR A 36 0.60 7.03 10.62
CA TYR A 36 1.71 7.85 10.19
C TYR A 36 2.84 7.87 11.21
N ARG A 37 2.51 8.09 12.49
CA ARG A 37 3.51 8.13 13.53
C ARG A 37 4.34 6.86 13.56
N GLN A 38 3.72 5.72 13.28
CA GLN A 38 4.45 4.46 13.27
C GLN A 38 5.44 4.43 12.10
N SER A 39 5.05 4.98 10.97
CA SER A 39 5.95 5.04 9.83
C SER A 39 7.24 5.74 10.26
N LYS A 40 7.11 6.94 10.81
CA LYS A 40 8.26 7.70 11.32
C LYS A 40 9.01 6.89 12.37
N GLU A 41 8.24 6.27 13.24
CA GLU A 41 8.75 5.44 14.33
C GLU A 41 9.75 4.38 13.88
N LYS A 42 9.26 3.50 13.01
CA LYS A 42 10.02 2.35 12.51
C LYS A 42 10.92 2.68 11.33
N THR A 43 10.47 3.58 10.46
CA THR A 43 11.23 3.91 9.28
C THR A 43 12.62 4.45 9.65
N ALA A 44 12.69 5.15 10.77
CA ALA A 44 13.94 5.75 11.20
C ALA A 44 15.06 4.71 11.24
N SER A 45 14.71 3.51 11.67
CA SER A 45 15.65 2.40 11.78
C SER A 45 15.81 1.63 10.47
N TYR A 46 14.93 1.93 9.50
CA TYR A 46 14.95 1.22 8.23
C TYR A 46 15.99 1.74 7.24
N THR A 47 16.64 0.77 6.61
CA THR A 47 17.67 1.00 5.60
C THR A 47 17.12 0.63 4.22
N LYS A 48 17.97 0.67 3.20
CA LYS A 48 17.54 0.31 1.86
C LYS A 48 17.07 -1.15 1.84
N GLU A 49 17.84 -2.01 2.49
CA GLU A 49 17.52 -3.43 2.57
C GLU A 49 16.08 -3.66 3.00
N ASP A 50 15.67 -2.96 4.06
CA ASP A 50 14.31 -3.09 4.59
C ASP A 50 13.25 -2.76 3.54
N TRP A 51 13.36 -1.59 2.93
CA TRP A 51 12.38 -1.18 1.94
C TRP A 51 12.37 -2.12 0.74
N GLN A 52 13.54 -2.58 0.32
CA GLN A 52 13.60 -3.48 -0.83
C GLN A 52 12.89 -4.79 -0.50
N ARG A 53 13.08 -5.29 0.72
CA ARG A 53 12.41 -6.53 1.12
C ARG A 53 10.91 -6.32 1.11
N ILE A 54 10.49 -5.16 1.62
CA ILE A 54 9.09 -4.77 1.65
C ILE A 54 8.56 -4.56 0.23
N GLN A 55 9.33 -3.87 -0.59
CA GLN A 55 8.92 -3.64 -1.97
C GLN A 55 8.77 -4.98 -2.67
N ASP A 56 9.74 -5.85 -2.44
CA ASP A 56 9.70 -7.17 -2.99
C ASP A 56 8.44 -7.87 -2.49
N GLU A 57 8.00 -7.48 -1.29
CA GLU A 57 6.81 -8.07 -0.70
C GLU A 57 5.57 -7.63 -1.47
N ALA A 58 5.48 -6.33 -1.72
CA ALA A 58 4.35 -5.80 -2.47
C ALA A 58 4.33 -6.42 -3.85
N ASP A 59 5.50 -6.53 -4.45
CA ASP A 59 5.62 -7.15 -5.77
C ASP A 59 5.02 -8.53 -5.74
N GLU A 60 5.52 -9.37 -4.83
CA GLU A 60 5.02 -10.72 -4.69
C GLU A 60 3.50 -10.70 -4.58
N LEU A 61 2.99 -9.88 -3.68
CA LEU A 61 1.55 -9.74 -3.49
C LEU A 61 0.87 -9.33 -4.79
N THR A 62 1.57 -8.52 -5.58
CA THR A 62 1.04 -8.05 -6.85
C THR A 62 1.01 -9.20 -7.83
N ARG A 63 2.10 -9.94 -7.89
CA ARG A 63 2.23 -11.07 -8.79
C ARG A 63 1.04 -12.01 -8.68
N ARG A 64 0.62 -12.31 -7.45
CA ARG A 64 -0.51 -13.21 -7.24
C ARG A 64 -1.82 -12.52 -7.58
N PHE A 65 -1.95 -11.24 -7.26
CA PHE A 65 -3.16 -10.49 -7.59
C PHE A 65 -3.32 -10.47 -9.09
N VAL A 66 -2.21 -10.36 -9.79
CA VAL A 66 -2.23 -10.31 -11.23
C VAL A 66 -2.56 -11.68 -11.83
N ALA A 67 -1.84 -12.71 -11.39
CA ALA A 67 -2.07 -14.06 -11.90
C ALA A 67 -3.50 -14.51 -11.62
N LEU A 68 -4.03 -14.13 -10.46
CA LEU A 68 -5.39 -14.50 -10.07
C LEU A 68 -6.43 -13.55 -10.67
N MET A 69 -6.14 -12.26 -10.64
CA MET A 69 -7.06 -11.26 -11.18
C MET A 69 -7.22 -11.41 -12.68
N ASP A 70 -6.07 -11.44 -13.35
CA ASP A 70 -6.00 -11.58 -14.80
C ASP A 70 -6.65 -12.89 -15.23
N ALA A 71 -6.76 -13.82 -14.29
CA ALA A 71 -7.38 -15.10 -14.56
C ALA A 71 -8.88 -14.97 -14.62
N GLY A 72 -9.39 -13.76 -14.51
CA GLY A 72 -10.83 -13.56 -14.57
C GLY A 72 -11.49 -13.94 -13.26
N GLU A 73 -10.68 -14.03 -12.23
CA GLU A 73 -11.16 -14.39 -10.90
C GLU A 73 -11.81 -13.18 -10.24
N PRO A 74 -13.03 -13.31 -9.70
CA PRO A 74 -13.68 -12.17 -9.05
C PRO A 74 -12.95 -11.77 -7.78
N ALA A 75 -13.07 -10.50 -7.41
CA ALA A 75 -12.39 -9.94 -6.26
C ALA A 75 -12.93 -10.44 -4.93
N ASP A 76 -14.05 -11.16 -4.91
CA ASP A 76 -14.61 -11.64 -3.64
C ASP A 76 -14.50 -13.16 -3.53
N SER A 77 -13.72 -13.78 -4.42
CA SER A 77 -13.54 -15.22 -4.37
C SER A 77 -12.51 -15.58 -3.31
N GLU A 78 -12.44 -16.86 -2.99
CA GLU A 78 -11.51 -17.32 -1.97
C GLU A 78 -10.08 -16.94 -2.31
N GLY A 79 -9.77 -16.97 -3.60
CA GLY A 79 -8.45 -16.61 -4.04
C GLY A 79 -8.15 -15.15 -3.77
N ALA A 80 -9.11 -14.29 -4.07
CA ALA A 80 -8.98 -12.86 -3.86
C ALA A 80 -9.03 -12.50 -2.38
N MET A 81 -10.01 -13.02 -1.66
CA MET A 81 -10.14 -12.73 -0.23
C MET A 81 -8.86 -13.08 0.51
N ASP A 82 -8.29 -14.24 0.18
CA ASP A 82 -7.05 -14.68 0.80
C ASP A 82 -5.93 -13.71 0.49
N ALA A 83 -5.94 -13.18 -0.72
CA ALA A 83 -4.92 -12.21 -1.11
C ALA A 83 -4.95 -11.06 -0.12
N ALA A 84 -6.14 -10.55 0.14
CA ALA A 84 -6.32 -9.46 1.07
C ALA A 84 -5.77 -9.83 2.45
N GLU A 85 -6.07 -11.03 2.91
CA GLU A 85 -5.56 -11.48 4.21
C GLU A 85 -4.06 -11.26 4.23
N ASP A 86 -3.38 -11.75 3.20
CA ASP A 86 -1.95 -11.57 3.08
C ASP A 86 -1.64 -10.08 3.14
N HIS A 87 -2.45 -9.31 2.42
CA HIS A 87 -2.31 -7.85 2.38
C HIS A 87 -2.36 -7.22 3.76
N ARG A 88 -3.30 -7.66 4.59
CA ARG A 88 -3.41 -7.11 5.94
C ARG A 88 -2.15 -7.39 6.74
N GLN A 89 -1.66 -8.62 6.70
CA GLN A 89 -0.46 -8.97 7.43
C GLN A 89 0.79 -8.69 6.59
N GLY A 90 0.60 -8.38 5.31
CA GLY A 90 1.75 -8.02 4.49
C GLY A 90 2.16 -6.57 4.73
N ILE A 91 1.19 -5.67 4.59
CA ILE A 91 1.39 -4.23 4.79
C ILE A 91 1.50 -3.85 6.27
N ALA A 92 0.78 -4.57 7.13
CA ALA A 92 0.78 -4.30 8.57
C ALA A 92 2.13 -4.57 9.22
N ARG A 93 2.78 -5.64 8.81
CA ARG A 93 4.08 -6.03 9.37
C ARG A 93 5.22 -5.19 8.82
N ASN A 94 4.94 -4.42 7.77
CA ASN A 94 5.97 -3.58 7.16
C ASN A 94 5.78 -2.10 7.52
N HIS A 95 4.61 -1.76 8.07
CA HIS A 95 4.34 -0.37 8.42
C HIS A 95 3.69 -0.22 9.80
N TYR A 96 2.44 -0.66 9.95
CA TYR A 96 1.74 -0.53 11.23
C TYR A 96 0.64 -1.56 11.36
N ASP A 97 0.41 -2.05 12.58
CA ASP A 97 -0.66 -3.01 12.83
C ASP A 97 -2.00 -2.32 12.59
N CYS A 98 -2.60 -2.61 11.44
CA CYS A 98 -3.86 -1.97 11.06
C CYS A 98 -5.03 -2.93 11.12
N GLY A 99 -6.23 -2.39 11.36
CA GLY A 99 -7.43 -3.21 11.40
C GLY A 99 -8.07 -3.25 10.03
N TYR A 100 -9.39 -3.01 9.94
CA TYR A 100 -10.05 -2.98 8.64
C TYR A 100 -10.22 -1.52 8.23
N GLU A 101 -9.47 -0.70 8.97
CA GLU A 101 -9.37 0.73 8.76
C GLU A 101 -8.98 1.05 7.32
N MET A 102 -7.67 1.16 7.07
CA MET A 102 -7.18 1.49 5.75
C MET A 102 -7.78 0.56 4.71
N HIS A 103 -7.84 -0.73 5.00
CA HIS A 103 -8.45 -1.65 4.06
C HIS A 103 -9.57 -0.99 3.25
N THR A 104 -10.76 -0.86 3.82
CA THR A 104 -11.85 -0.28 3.04
C THR A 104 -11.59 1.18 2.67
N CYS A 105 -11.30 2.03 3.64
CA CYS A 105 -11.04 3.44 3.33
C CYS A 105 -9.90 3.54 2.32
N LEU A 106 -8.80 2.85 2.58
CA LEU A 106 -7.67 2.87 1.65
C LEU A 106 -8.18 2.47 0.29
N GLY A 107 -9.07 1.49 0.27
CA GLY A 107 -9.66 1.03 -0.98
C GLY A 107 -10.08 2.20 -1.84
N GLU A 108 -10.95 3.05 -1.31
CA GLU A 108 -11.42 4.22 -2.03
C GLU A 108 -10.26 5.19 -2.26
N MET A 109 -9.36 5.29 -1.29
CA MET A 109 -8.17 6.13 -1.40
C MET A 109 -7.12 5.42 -2.26
N TYR A 110 -7.45 4.20 -2.66
CA TYR A 110 -6.56 3.38 -3.48
C TYR A 110 -6.61 3.85 -4.93
N VAL A 111 -7.85 3.83 -5.43
CA VAL A 111 -8.19 4.21 -6.78
C VAL A 111 -8.37 5.72 -6.93
N SER A 112 -8.95 6.33 -5.89
CA SER A 112 -9.24 7.77 -5.90
C SER A 112 -8.00 8.62 -6.15
N ASP A 113 -6.90 8.36 -5.46
CA ASP A 113 -5.70 9.16 -5.65
C ASP A 113 -4.77 8.56 -6.70
N GLU A 114 -4.87 9.11 -7.91
CA GLU A 114 -4.07 8.64 -9.03
C GLU A 114 -2.60 8.42 -8.67
N ARG A 115 -2.10 9.09 -7.63
CA ARG A 115 -0.70 8.90 -7.26
C ARG A 115 -0.49 7.52 -6.65
N PHE A 116 -1.48 7.02 -5.92
CA PHE A 116 -1.45 5.69 -5.33
C PHE A 116 -1.76 4.63 -6.39
N THR A 117 -2.68 4.97 -7.29
CA THR A 117 -3.10 4.04 -8.34
C THR A 117 -2.06 3.88 -9.44
N ARG A 118 -1.53 4.99 -9.93
CA ARG A 118 -0.56 4.94 -11.02
C ARG A 118 0.74 4.25 -10.60
N ASN A 119 1.16 4.44 -9.37
CA ASN A 119 2.38 3.80 -8.90
C ASN A 119 2.12 2.31 -8.69
N ILE A 120 0.94 2.00 -8.17
CA ILE A 120 0.56 0.61 -7.94
C ILE A 120 0.21 -0.11 -9.24
N ASP A 121 -0.71 0.47 -10.00
CA ASP A 121 -1.15 -0.14 -11.26
C ASP A 121 -0.04 -0.17 -12.29
N ALA A 122 1.09 0.48 -12.01
CA ALA A 122 2.19 0.48 -12.95
C ALA A 122 2.54 -0.94 -13.37
N ALA A 123 2.25 -1.89 -12.47
CA ALA A 123 2.50 -3.31 -12.74
C ALA A 123 1.32 -3.93 -13.47
N LYS A 124 0.12 -3.38 -13.30
CA LYS A 124 -1.05 -3.92 -13.97
C LYS A 124 -2.16 -2.87 -14.06
N PRO A 125 -2.38 -2.28 -15.25
CA PRO A 125 -3.42 -1.27 -15.42
C PRO A 125 -4.79 -1.80 -15.02
N GLY A 126 -5.41 -1.19 -14.01
CA GLY A 126 -6.72 -1.65 -13.57
C GLY A 126 -6.66 -2.39 -12.23
N LEU A 127 -5.49 -2.94 -11.92
CA LEU A 127 -5.30 -3.68 -10.67
C LEU A 127 -5.65 -2.82 -9.46
N ALA A 128 -5.35 -1.54 -9.52
CA ALA A 128 -5.64 -0.63 -8.42
C ALA A 128 -7.10 -0.75 -7.98
N ALA A 129 -8.00 -0.81 -8.95
CA ALA A 129 -9.43 -0.92 -8.65
C ALA A 129 -9.76 -2.33 -8.14
N TYR A 130 -9.05 -3.33 -8.65
CA TYR A 130 -9.28 -4.71 -8.21
C TYR A 130 -8.84 -4.87 -6.76
N MET A 131 -7.79 -4.17 -6.39
CA MET A 131 -7.31 -4.21 -5.01
C MET A 131 -8.42 -3.67 -4.12
N ARG A 132 -9.02 -2.56 -4.56
CA ARG A 132 -10.10 -1.89 -3.84
C ARG A 132 -11.28 -2.83 -3.56
N ASP A 133 -11.77 -3.55 -4.56
CA ASP A 133 -12.92 -4.43 -4.31
C ASP A 133 -12.51 -5.66 -3.51
N ALA A 134 -11.29 -6.14 -3.76
CA ALA A 134 -10.76 -7.30 -3.06
C ALA A 134 -10.49 -6.98 -1.58
N ILE A 135 -9.84 -5.86 -1.36
CA ILE A 135 -9.49 -5.40 -0.01
C ILE A 135 -10.73 -4.96 0.78
N LEU A 136 -11.54 -4.08 0.18
CA LEU A 136 -12.75 -3.59 0.83
C LEU A 136 -13.67 -4.76 1.19
N ALA A 137 -13.83 -5.68 0.24
CA ALA A 137 -14.63 -6.88 0.46
C ALA A 137 -14.09 -7.66 1.65
N ASN A 138 -12.78 -7.83 1.70
CA ASN A 138 -12.13 -8.54 2.79
C ASN A 138 -12.54 -7.95 4.14
N ALA A 139 -12.60 -6.63 4.20
CA ALA A 139 -12.95 -5.94 5.43
C ALA A 139 -14.38 -6.23 5.85
N VAL A 140 -15.24 -6.53 4.87
CA VAL A 140 -16.64 -6.81 5.13
C VAL A 140 -16.86 -8.08 5.91
N ARG A 141 -16.14 -9.12 5.52
CA ARG A 141 -16.28 -10.41 6.18
C ARG A 141 -15.46 -10.52 7.45
N HIS A 142 -14.50 -9.61 7.65
CA HIS A 142 -13.68 -9.65 8.85
C HIS A 142 -14.28 -8.75 9.93
N THR A 143 -15.46 -8.20 9.66
CA THR A 143 -16.14 -7.33 10.62
C THR A 143 -17.35 -8.06 11.23
N PRO A 144 -17.64 -7.81 12.52
CA PRO A 144 -18.77 -8.44 13.20
C PRO A 144 -19.99 -8.60 12.30
CA SER B 1 -2.62 7.44 5.84
C SER B 1 -1.19 7.23 5.88
N BB9 B 2 -0.24 7.65 4.99
CA BB9 B 2 1.05 7.33 5.41
C BB9 B 2 2.20 7.68 4.62
O BB9 B 2 3.33 7.40 4.99
CB BB9 B 2 1.09 6.68 6.59
SG BB9 B 2 -0.48 6.47 7.19
HB BB9 B 2 1.98 6.36 7.10
N THR B 3 1.92 7.95 3.34
CA THR B 3 2.98 7.92 2.33
C THR B 3 2.49 8.53 1.01
N DBU B 4 1.21 8.87 0.96
CA DBU B 4 0.71 9.28 -0.29
CB DBU B 4 -0.15 10.29 -0.35
CG DBU B 4 -0.70 10.95 0.89
C DBU B 4 1.13 8.60 -1.53
H DBU B 4 0.61 8.59 1.69
HB DBU B 4 -0.48 10.64 -1.30
HG1 DBU B 4 -0.08 10.70 1.74
HG2 DBU B 4 -1.71 10.61 1.07
HG3 DBU B 4 -0.71 12.02 0.75
N BB9 B 5 1.54 7.32 -1.68
CA BB9 B 5 1.89 7.03 -3.02
C BB9 B 5 2.37 5.70 -3.30
O BB9 B 5 2.70 5.34 -4.42
CB BB9 B 5 1.72 8.08 -3.87
SG BB9 B 5 1.15 9.41 -3.00
HB BB9 B 5 1.94 7.12 -3.49
N 3GL B 6 2.40 4.89 -2.25
CA 3GL B 6 2.85 3.50 -2.32
C 3GL B 6 1.74 2.62 -1.74
CB 3GL B 6 4.16 3.37 -1.50
CG 3GL B 6 4.96 2.10 -1.73
OH 3GL B 6 4.10 0.97 -1.60
CD 3GL B 6 6.10 1.99 -0.74
OE1 3GL B 6 6.38 3.04 0.04
OE2 3GL B 6 6.60 0.89 -0.48
H2 3GL B 6 2.11 5.23 -1.37
HA 3GL B 6 3.04 3.24 -3.35
HB1C 3GL B 6 3.92 3.41 -0.46
HB2C 3GL B 6 4.79 4.22 -1.76
HG 3GL B 6 5.36 2.12 -2.73
N BB9 B 7 1.13 2.74 -0.54
CA BB9 B 7 0.09 1.81 -0.37
C BB9 B 7 -0.71 1.77 0.80
O BB9 B 7 -1.61 0.95 0.94
CB BB9 B 7 -0.05 0.99 -1.45
SG BB9 B 7 1.09 1.39 -2.65
HB BB9 B 7 -0.80 0.21 -1.55
N CYS B 8 -0.42 2.68 1.73
CA CYS B 8 -1.16 2.78 2.98
C CYS B 8 -1.74 4.18 3.03
N BB9 B 9 -2.31 4.82 4.08
CA BB9 B 9 -2.73 6.11 3.74
C BB9 B 9 -3.38 6.98 4.78
CB BB9 B 9 -2.48 6.43 2.43
SG BB9 B 9 -1.74 5.12 1.67
HB BB9 B 9 -2.71 7.37 1.95
N MH6 B 10 -4.70 7.24 4.69
CA MH6 B 10 -5.28 7.97 5.67
C MH6 B 10 -6.70 8.30 5.54
CB MH6 B 10 -4.58 8.45 6.75
OG MH6 B 10 -5.21 9.18 7.73
N BB9 B 11 -7.77 7.68 6.11
CA BB9 B 11 -8.98 8.30 5.77
C BB9 B 11 -10.24 7.83 6.26
O BB9 B 11 -11.30 8.39 5.95
CB BB9 B 11 -8.82 9.37 4.96
SG BB9 B 11 -7.18 9.61 4.63
HB BB9 B 11 -9.61 9.99 4.58
N ALA B 12 -10.20 6.77 7.05
CA ALA B 12 -11.42 6.20 7.61
C ALA B 12 -11.11 5.12 8.64
N NH2 B 13 -10.14 5.40 9.51
HN1 NH2 B 13 -9.69 6.26 9.44
HN2 NH2 B 13 -9.91 4.73 10.19
C NO1 C . 2.41 2.64 3.65
O NO1 C . 2.09 1.72 2.90
CB NO1 C . 4.68 1.55 1.81
CG NO1 C . 4.76 2.79 2.68
CD1 NO1 C . 3.82 3.20 3.57
NE1 NO1 C . 4.31 4.25 4.32
CD2 NO1 C . 5.87 3.70 2.81
CE2 NO1 C . 5.54 4.59 3.85
CE3 NO1 C . 7.11 3.84 2.16
CZ2 NO1 C . 6.42 5.60 4.27
CZ3 NO1 C . 7.97 4.84 2.57
CH2 NO1 C . 7.63 5.71 3.62
CF NO1 C . 7.45 2.97 0.98
HB1C NO1 C . 4.05 0.82 2.30
HB2C NO1 C . 5.66 1.14 1.67
HB3C NO1 C . 4.25 1.82 0.87
HE1 NO1 C . 3.84 4.68 5.06
HZ2 NO1 C . 6.16 6.27 5.08
HZ3 NO1 C . 8.92 4.99 2.07
HF1C NO1 C . 8.36 3.33 0.53
HF2C NO1 C . 7.58 1.94 1.30
HH2 NO1 C . 8.32 6.48 3.90
N GLY A 2 14.34 10.40 8.41
CA GLY A 2 14.41 8.96 8.75
C GLY A 2 14.83 8.10 7.57
N ILE A 3 14.17 8.31 6.43
CA ILE A 3 14.47 7.55 5.22
C ILE A 3 15.87 7.89 4.70
N ASN A 4 16.71 6.85 4.63
CA ASN A 4 18.08 6.98 4.14
C ASN A 4 18.19 6.52 2.70
N LEU A 5 17.94 7.44 1.76
CA LEU A 5 18.01 7.10 0.33
C LEU A 5 18.44 8.30 -0.51
N THR A 6 19.26 8.01 -1.53
CA THR A 6 19.73 9.04 -2.45
C THR A 6 18.74 9.17 -3.61
N PRO A 7 18.63 10.36 -4.24
CA PRO A 7 17.71 10.54 -5.36
C PRO A 7 17.84 9.41 -6.38
N GLU A 8 19.07 8.95 -6.59
CA GLU A 8 19.34 7.87 -7.53
C GLU A 8 18.95 6.52 -6.96
N GLU A 9 19.15 6.33 -5.66
CA GLU A 9 18.83 5.06 -5.01
C GLU A 9 17.34 4.89 -4.81
N LYS A 10 16.63 5.99 -4.56
CA LYS A 10 15.21 5.90 -4.33
C LYS A 10 14.57 5.10 -5.45
N PHE A 11 14.89 5.51 -6.68
CA PHE A 11 14.39 4.87 -7.88
C PHE A 11 14.91 3.45 -8.04
N GLU A 12 16.13 3.22 -7.58
CA GLU A 12 16.71 1.90 -7.66
C GLU A 12 15.76 0.89 -7.00
N VAL A 13 15.27 1.26 -5.81
CA VAL A 13 14.35 0.42 -5.06
C VAL A 13 12.90 0.93 -5.08
N PHE A 14 12.65 2.12 -5.65
CA PHE A 14 11.27 2.65 -5.70
C PHE A 14 10.82 2.97 -7.12
N GLY A 15 11.76 2.95 -8.03
CA GLY A 15 11.44 3.19 -9.41
C GLY A 15 11.01 4.61 -9.72
N ASP A 16 9.96 5.09 -9.05
CA ASP A 16 9.44 6.45 -9.31
C ASP A 16 8.94 7.12 -8.03
N PHE A 17 8.75 6.36 -6.97
CA PHE A 17 8.23 6.91 -5.71
C PHE A 17 9.33 7.56 -4.86
N ASP A 18 9.14 8.84 -4.58
CA ASP A 18 10.07 9.60 -3.75
C ASP A 18 9.42 9.91 -2.41
N PRO A 19 9.93 9.35 -1.29
CA PRO A 19 9.33 9.57 0.03
C PRO A 19 9.52 10.98 0.57
N ASP A 20 10.71 11.55 0.39
CA ASP A 20 10.95 12.91 0.88
C ASP A 20 9.90 13.87 0.32
N GLN A 21 9.76 13.88 -0.99
CA GLN A 21 8.79 14.76 -1.64
C GLN A 21 7.40 14.51 -1.08
N TYR A 22 7.04 13.25 -0.89
CA TYR A 22 5.73 12.88 -0.37
C TYR A 22 5.68 13.06 1.14
N GLU A 23 6.85 13.13 1.77
CA GLU A 23 6.93 13.28 3.21
C GLU A 23 6.27 14.58 3.69
N GLU A 24 6.59 15.69 3.02
CA GLU A 24 6.03 16.99 3.39
C GLU A 24 4.51 17.03 3.22
N GLU A 25 4.03 16.68 2.03
CA GLU A 25 2.60 16.68 1.76
C GLU A 25 1.85 15.85 2.79
N VAL A 26 2.54 14.87 3.37
CA VAL A 26 1.95 14.01 4.39
C VAL A 26 1.79 14.75 5.70
N ARG A 27 2.71 15.67 5.95
CA ARG A 27 2.71 16.44 7.18
C ARG A 27 1.54 17.44 7.21
N GLU A 28 1.32 18.16 6.13
CA GLU A 28 0.24 19.15 6.08
C GLU A 28 -1.16 18.52 6.03
N ARG A 29 -1.33 17.57 5.12
CA ARG A 29 -2.63 16.93 4.93
C ARG A 29 -3.15 16.22 6.19
N TRP A 30 -2.38 15.27 6.72
CA TRP A 30 -2.80 14.53 7.91
C TRP A 30 -2.06 15.00 9.17
N GLY A 31 -0.83 15.45 8.96
CA GLY A 31 0.01 15.98 10.03
C GLY A 31 -0.36 15.55 11.44
N ASN A 32 -1.01 14.41 11.64
CA ASN A 32 -1.38 14.00 13.00
C ASN A 32 -2.07 12.64 13.08
N THR A 33 -1.94 11.81 12.06
CA THR A 33 -2.58 10.48 12.10
C THR A 33 -1.66 9.46 12.76
N ASP A 34 -2.26 8.50 13.46
CA ASP A 34 -1.49 7.47 14.18
C ASP A 34 -0.67 6.60 13.22
N ALA A 35 -1.31 6.07 12.19
CA ALA A 35 -0.62 5.21 11.24
C ALA A 35 0.66 5.87 10.76
N TYR A 36 0.59 7.17 10.57
CA TYR A 36 1.74 7.96 10.13
C TYR A 36 2.81 7.99 11.21
N ARG A 37 2.40 8.25 12.45
CA ARG A 37 3.33 8.31 13.57
C ARG A 37 4.20 7.06 13.65
N GLN A 38 3.63 5.90 13.34
CA GLN A 38 4.41 4.66 13.37
C GLN A 38 5.41 4.64 12.22
N SER A 39 5.05 5.23 11.09
CA SER A 39 5.96 5.31 9.97
C SER A 39 7.28 5.95 10.41
N LYS A 40 7.20 7.12 11.02
CA LYS A 40 8.37 7.82 11.53
C LYS A 40 9.07 6.97 12.59
N GLU A 41 8.27 6.35 13.43
CA GLU A 41 8.75 5.49 14.51
C GLU A 41 9.72 4.41 14.04
N LYS A 42 9.20 3.54 13.16
CA LYS A 42 9.94 2.38 12.66
C LYS A 42 10.84 2.71 11.48
N THR A 43 10.41 3.61 10.61
CA THR A 43 11.19 3.94 9.42
C THR A 43 12.57 4.46 9.79
N ALA A 44 12.66 5.16 10.91
CA ALA A 44 13.93 5.73 11.33
C ALA A 44 15.02 4.67 11.39
N SER A 45 14.63 3.50 11.87
CA SER A 45 15.55 2.37 12.02
C SER A 45 15.71 1.59 10.71
N TYR A 46 14.83 1.87 9.75
CA TYR A 46 14.85 1.16 8.47
C TYR A 46 15.94 1.65 7.52
N THR A 47 16.60 0.68 6.92
CA THR A 47 17.68 0.90 5.95
C THR A 47 17.17 0.55 4.55
N LYS A 48 18.06 0.63 3.57
CA LYS A 48 17.69 0.30 2.19
C LYS A 48 17.25 -1.16 2.10
N GLU A 49 18.02 -2.05 2.72
CA GLU A 49 17.72 -3.48 2.71
C GLU A 49 16.27 -3.74 3.10
N ASP A 50 15.80 -2.99 4.11
CA ASP A 50 14.44 -3.13 4.61
C ASP A 50 13.39 -2.75 3.58
N TRP A 51 13.52 -1.57 2.99
CA TRP A 51 12.54 -1.12 2.01
C TRP A 51 12.51 -2.05 0.80
N GLN A 52 13.66 -2.51 0.35
CA GLN A 52 13.71 -3.40 -0.79
C GLN A 52 12.98 -4.71 -0.47
N ARG A 53 13.15 -5.19 0.76
CA ARG A 53 12.46 -6.41 1.17
C ARG A 53 10.95 -6.16 1.16
N ILE A 54 10.58 -4.97 1.60
CA ILE A 54 9.18 -4.54 1.62
C ILE A 54 8.66 -4.37 0.20
N GLN A 55 9.47 -3.75 -0.66
CA GLN A 55 9.06 -3.57 -2.04
C GLN A 55 8.88 -4.93 -2.68
N ASP A 56 9.81 -5.81 -2.40
CA ASP A 56 9.74 -7.17 -2.89
C ASP A 56 8.44 -7.80 -2.42
N GLU A 57 7.97 -7.36 -1.25
CA GLU A 57 6.73 -7.90 -0.69
C GLU A 57 5.54 -7.49 -1.52
N ALA A 58 5.48 -6.20 -1.84
CA ALA A 58 4.38 -5.69 -2.64
C ALA A 58 4.38 -6.39 -4.00
N ASP A 59 5.55 -6.55 -4.58
CA ASP A 59 5.68 -7.23 -5.86
C ASP A 59 5.05 -8.62 -5.79
N GLU A 60 5.54 -9.42 -4.85
CA GLU A 60 5.03 -10.77 -4.66
C GLU A 60 3.52 -10.75 -4.59
N LEU A 61 3.00 -9.88 -3.71
CA LEU A 61 1.56 -9.75 -3.55
C LEU A 61 0.89 -9.34 -4.85
N THR A 62 1.62 -8.57 -5.66
CA THR A 62 1.10 -8.13 -6.94
C THR A 62 1.06 -9.28 -7.92
N ARG A 63 2.15 -10.03 -7.96
CA ARG A 63 2.27 -11.16 -8.86
C ARG A 63 1.07 -12.10 -8.74
N ARG A 64 0.62 -12.35 -7.52
CA ARG A 64 -0.52 -13.24 -7.30
C ARG A 64 -1.84 -12.55 -7.67
N PHE A 65 -1.96 -11.27 -7.35
CA PHE A 65 -3.16 -10.52 -7.69
C PHE A 65 -3.37 -10.52 -9.19
N VAL A 66 -2.29 -10.36 -9.93
CA VAL A 66 -2.37 -10.34 -11.37
C VAL A 66 -2.70 -11.71 -11.96
N ALA A 67 -1.96 -12.73 -11.55
CA ALA A 67 -2.22 -14.07 -12.04
C ALA A 67 -3.66 -14.50 -11.76
N LEU A 68 -4.17 -14.11 -10.59
CA LEU A 68 -5.54 -14.45 -10.18
C LEU A 68 -6.55 -13.46 -10.75
N MET A 69 -6.22 -12.17 -10.71
CA MET A 69 -7.13 -11.13 -11.20
C MET A 69 -7.31 -11.23 -12.70
N ASP A 70 -6.19 -11.28 -13.41
CA ASP A 70 -6.16 -11.39 -14.86
C ASP A 70 -6.89 -12.63 -15.31
N ALA A 71 -6.98 -13.60 -14.42
CA ALA A 71 -7.67 -14.85 -14.71
C ALA A 71 -9.17 -14.62 -14.80
N GLY A 72 -9.59 -13.37 -14.58
CA GLY A 72 -11.00 -13.06 -14.64
C GLY A 72 -11.70 -13.50 -13.38
N GLU A 73 -10.91 -13.69 -12.34
CA GLU A 73 -11.43 -14.13 -11.05
C GLU A 73 -12.02 -12.94 -10.29
N PRO A 74 -13.29 -13.01 -9.83
CA PRO A 74 -13.89 -11.90 -9.09
C PRO A 74 -13.11 -11.57 -7.83
N ALA A 75 -13.20 -10.32 -7.41
CA ALA A 75 -12.46 -9.84 -6.25
C ALA A 75 -12.93 -10.43 -4.92
N ASP A 76 -14.12 -11.03 -4.88
CA ASP A 76 -14.59 -11.62 -3.62
C ASP A 76 -14.34 -13.12 -3.65
N SER A 77 -13.50 -13.53 -4.58
CA SER A 77 -13.13 -14.93 -4.77
C SER A 77 -12.30 -15.42 -3.61
N GLU A 78 -12.47 -16.68 -3.24
CA GLU A 78 -11.68 -17.25 -2.16
C GLU A 78 -10.21 -16.92 -2.42
N GLY A 79 -9.87 -16.96 -3.70
CA GLY A 79 -8.53 -16.65 -4.13
C GLY A 79 -8.19 -15.20 -3.85
N ALA A 80 -9.14 -14.32 -4.11
CA ALA A 80 -8.94 -12.89 -3.89
C ALA A 80 -8.98 -12.52 -2.41
N MET A 81 -9.99 -13.02 -1.69
CA MET A 81 -10.14 -12.71 -0.26
C MET A 81 -8.90 -13.08 0.53
N ASP A 82 -8.34 -14.26 0.28
CA ASP A 82 -7.13 -14.70 0.97
C ASP A 82 -5.98 -13.79 0.60
N ALA A 83 -5.96 -13.31 -0.64
CA ALA A 83 -4.92 -12.40 -1.07
C ALA A 83 -4.94 -11.18 -0.15
N ALA A 84 -6.13 -10.61 0.02
CA ALA A 84 -6.29 -9.44 0.88
C ALA A 84 -5.77 -9.73 2.28
N GLU A 85 -6.09 -10.91 2.81
CA GLU A 85 -5.63 -11.28 4.14
C GLU A 85 -4.12 -11.07 4.20
N ASP A 86 -3.41 -11.61 3.23
CA ASP A 86 -1.98 -11.40 3.15
C ASP A 86 -1.68 -9.90 3.15
N HIS A 87 -2.50 -9.15 2.40
CA HIS A 87 -2.35 -7.71 2.26
C HIS A 87 -2.43 -6.99 3.61
N ARG A 88 -3.52 -7.21 4.34
CA ARG A 88 -3.71 -6.54 5.62
C ARG A 88 -2.53 -6.82 6.56
N GLN A 89 -2.12 -8.08 6.67
CA GLN A 89 -0.98 -8.44 7.53
C GLN A 89 0.34 -8.30 6.77
N GLY A 90 0.28 -8.17 5.46
CA GLY A 90 1.51 -7.97 4.71
C GLY A 90 1.96 -6.52 4.80
N ILE A 91 1.02 -5.63 4.49
CA ILE A 91 1.21 -4.18 4.52
C ILE A 91 1.27 -3.63 5.95
N ALA A 92 0.56 -4.26 6.87
CA ALA A 92 0.53 -3.82 8.27
C ALA A 92 1.89 -3.97 8.95
N ARG A 93 2.59 -5.03 8.58
CA ARG A 93 3.90 -5.34 9.14
C ARG A 93 5.03 -4.53 8.52
N ASN A 94 4.76 -3.80 7.44
CA ASN A 94 5.80 -3.02 6.78
C ASN A 94 5.71 -1.53 7.08
N HIS A 95 4.58 -1.11 7.65
CA HIS A 95 4.42 0.30 8.01
C HIS A 95 3.77 0.47 9.39
N TYR A 96 2.57 -0.08 9.57
CA TYR A 96 1.86 0.03 10.85
C TYR A 96 0.81 -1.05 11.02
N ASP A 97 0.54 -1.41 12.27
CA ASP A 97 -0.46 -2.42 12.60
C ASP A 97 -1.85 -1.90 12.24
N CYS A 98 -2.48 -2.53 11.25
CA CYS A 98 -3.80 -2.11 10.80
C CYS A 98 -4.88 -3.17 11.02
N GLY A 99 -6.12 -2.71 11.15
CA GLY A 99 -7.25 -3.60 11.28
C GLY A 99 -7.99 -3.62 9.96
N TYR A 100 -9.30 -3.43 9.98
CA TYR A 100 -10.04 -3.36 8.72
C TYR A 100 -10.23 -1.89 8.41
N GLU A 101 -9.47 -1.11 9.18
CA GLU A 101 -9.36 0.34 9.08
C GLU A 101 -9.02 0.80 7.66
N MET A 102 -7.73 0.94 7.40
CA MET A 102 -7.27 1.39 6.09
C MET A 102 -7.91 0.56 4.99
N HIS A 103 -7.99 -0.74 5.16
CA HIS A 103 -8.65 -1.56 4.16
C HIS A 103 -9.79 -0.81 3.48
N THR A 104 -10.96 -0.70 4.09
CA THR A 104 -12.06 -0.01 3.42
C THR A 104 -11.73 1.42 3.05
N CYS A 105 -11.36 2.27 4.02
CA CYS A 105 -11.04 3.66 3.67
C CYS A 105 -9.95 3.69 2.60
N LEU A 106 -8.87 2.95 2.83
CA LEU A 106 -7.78 2.90 1.86
C LEU A 106 -8.33 2.55 0.50
N GLY A 107 -9.27 1.60 0.48
CA GLY A 107 -9.89 1.19 -0.76
C GLY A 107 -10.42 2.37 -1.55
N GLU A 108 -11.31 3.13 -0.93
CA GLU A 108 -11.89 4.31 -1.58
C GLU A 108 -10.80 5.36 -1.80
N MET A 109 -9.82 5.39 -0.89
CA MET A 109 -8.69 6.29 -1.01
C MET A 109 -7.67 5.73 -1.99
N TYR A 110 -7.91 4.49 -2.42
CA TYR A 110 -7.00 3.80 -3.34
C TYR A 110 -7.05 4.41 -4.73
N VAL A 111 -8.25 4.42 -5.28
CA VAL A 111 -8.53 4.94 -6.62
C VAL A 111 -8.53 6.46 -6.65
N SER A 112 -8.87 7.06 -5.51
CA SER A 112 -8.97 8.51 -5.41
C SER A 112 -7.67 9.20 -5.82
N ASP A 113 -6.53 8.75 -5.33
CA ASP A 113 -5.27 9.41 -5.69
C ASP A 113 -4.52 8.67 -6.78
N GLU A 114 -4.14 9.43 -7.81
CA GLU A 114 -3.41 8.94 -8.96
C GLU A 114 -1.99 8.51 -8.64
N ARG A 115 -1.37 9.05 -7.59
CA ARG A 115 0.00 8.68 -7.28
C ARG A 115 0.12 7.25 -6.75
N PHE A 116 -0.90 6.76 -6.04
CA PHE A 116 -0.88 5.39 -5.56
C PHE A 116 -1.25 4.41 -6.66
N THR A 117 -2.36 4.71 -7.34
CA THR A 117 -2.86 3.86 -8.41
C THR A 117 -1.88 3.74 -9.57
N ARG A 118 -1.27 4.85 -9.98
CA ARG A 118 -0.34 4.84 -11.09
C ARG A 118 0.94 4.08 -10.77
N ASN A 119 1.38 4.18 -9.51
CA ASN A 119 2.60 3.48 -9.11
C ASN A 119 2.30 1.99 -8.95
N ILE A 120 1.13 1.68 -8.42
CA ILE A 120 0.71 0.30 -8.22
C ILE A 120 0.32 -0.39 -9.52
N ASP A 121 -0.53 0.27 -10.32
CA ASP A 121 -0.99 -0.32 -11.57
C ASP A 121 0.09 -0.36 -12.63
N ALA A 122 1.22 0.30 -12.37
CA ALA A 122 2.32 0.29 -13.33
C ALA A 122 2.63 -1.14 -13.76
N ALA A 123 2.34 -2.09 -12.87
CA ALA A 123 2.58 -3.51 -13.14
C ALA A 123 1.38 -4.15 -13.84
N LYS A 124 0.21 -3.56 -13.71
CA LYS A 124 -0.98 -4.12 -14.35
C LYS A 124 -2.07 -3.08 -14.57
N PRO A 125 -2.15 -2.49 -15.77
CA PRO A 125 -3.19 -1.50 -16.08
C PRO A 125 -4.56 -2.03 -15.67
N GLY A 126 -5.22 -1.34 -14.74
CA GLY A 126 -6.51 -1.80 -14.29
C GLY A 126 -6.39 -2.85 -13.19
N LEU A 127 -5.69 -2.49 -12.12
CA LEU A 127 -5.47 -3.38 -10.98
C LEU A 127 -5.76 -2.66 -9.67
N ALA A 128 -5.48 -1.36 -9.65
CA ALA A 128 -5.73 -0.55 -8.47
C ALA A 128 -7.17 -0.71 -8.00
N ALA A 129 -8.08 -0.78 -8.96
CA ALA A 129 -9.50 -0.92 -8.64
C ALA A 129 -9.81 -2.33 -8.14
N TYR A 130 -9.12 -3.33 -8.68
CA TYR A 130 -9.35 -4.70 -8.27
C TYR A 130 -8.91 -4.91 -6.83
N MET A 131 -7.85 -4.23 -6.45
CA MET A 131 -7.37 -4.31 -5.08
C MET A 131 -8.44 -3.72 -4.17
N ARG A 132 -9.00 -2.60 -4.61
CA ARG A 132 -10.04 -1.91 -3.86
C ARG A 132 -11.23 -2.82 -3.58
N ASP A 133 -11.74 -3.54 -4.58
CA ASP A 133 -12.89 -4.40 -4.33
C ASP A 133 -12.49 -5.63 -3.52
N ALA A 134 -11.27 -6.12 -3.75
CA ALA A 134 -10.74 -7.27 -3.04
C ALA A 134 -10.46 -6.96 -1.59
N ILE A 135 -9.81 -5.83 -1.35
CA ILE A 135 -9.46 -5.38 -0.01
C ILE A 135 -10.69 -4.98 0.80
N LEU A 136 -11.52 -4.12 0.22
CA LEU A 136 -12.74 -3.65 0.88
C LEU A 136 -13.61 -4.84 1.26
N ALA A 137 -13.76 -5.78 0.33
CA ALA A 137 -14.55 -6.99 0.56
C ALA A 137 -13.98 -7.81 1.71
N ASN A 138 -12.66 -7.97 1.70
CA ASN A 138 -11.98 -8.73 2.74
C ASN A 138 -12.35 -8.20 4.12
N ALA A 139 -12.44 -6.88 4.23
CA ALA A 139 -12.77 -6.22 5.48
C ALA A 139 -14.20 -6.52 5.92
N VAL A 140 -15.08 -6.77 4.95
CA VAL A 140 -16.49 -7.04 5.23
C VAL A 140 -16.68 -8.34 5.99
N ARG A 141 -15.98 -9.36 5.57
CA ARG A 141 -16.11 -10.68 6.17
C ARG A 141 -15.19 -10.88 7.37
N HIS A 142 -14.16 -10.04 7.50
CA HIS A 142 -13.23 -10.15 8.61
C HIS A 142 -13.62 -9.20 9.74
N THR A 143 -14.69 -8.44 9.54
CA THR A 143 -15.16 -7.50 10.56
C THR A 143 -16.43 -8.01 11.23
N PRO A 144 -16.59 -7.77 12.54
CA PRO A 144 -17.78 -8.22 13.28
C PRO A 144 -19.05 -8.10 12.45
CA SER B 1 -2.27 7.76 5.61
C SER B 1 -0.85 7.50 5.69
N BB9 B 2 0.12 7.87 4.82
CA BB9 B 2 1.41 7.49 5.28
C BB9 B 2 2.58 7.78 4.51
O BB9 B 2 3.69 7.45 4.93
CB BB9 B 2 1.38 6.86 6.47
SG BB9 B 2 -0.20 6.72 7.02
HB BB9 B 2 2.24 6.52 7.01
N THR B 3 2.37 8.05 3.23
CA THR B 3 3.44 7.96 2.26
C THR B 3 3.03 8.60 0.94
N DBU B 4 1.73 8.89 0.83
CA DBU B 4 1.30 9.36 -0.42
CB DBU B 4 0.60 10.50 -0.50
CG DBU B 4 0.24 11.26 0.75
C DBU B 4 1.60 8.59 -1.65
H DBU B 4 1.20 9.04 1.64
HB DBU B 4 0.29 10.86 -1.45
HG1 DBU B 4 0.40 12.32 0.59
HG2 DBU B 4 0.85 10.93 1.58
HG3 DBU B 4 -0.80 11.10 0.99
N BB9 B 5 1.92 7.27 -1.75
CA BB9 B 5 2.11 6.88 -3.08
C BB9 B 5 2.42 5.49 -3.38
O BB9 B 5 2.60 5.10 -4.54
CB BB9 B 5 1.92 7.89 -3.98
SG BB9 B 5 1.52 9.32 -3.15
HB BB9 B 5 2.12 6.97 -3.53
N 3GL B 6 2.51 4.68 -2.33
CA 3GL B 6 2.81 3.26 -2.47
C 3GL B 6 1.60 2.50 -1.96
CB 3GL B 6 4.06 2.87 -1.64
CG 3GL B 6 5.39 3.18 -2.30
OH 3GL B 6 5.69 2.17 -3.25
CD 3GL B 6 6.52 3.27 -1.29
OE1 3GL B 6 6.42 2.65 -0.10
OE2 3GL B 6 7.58 3.82 -1.60
H2 3GL B 6 2.36 5.05 -1.44
HA 3GL B 6 2.98 3.03 -3.51
HB1C 3GL B 6 4.03 1.81 -1.45
HB2C 3GL B 6 4.01 3.40 -0.69
HG 3GL B 6 5.30 4.12 -2.81
N BB9 B 7 0.96 2.67 -0.77
CA BB9 B 7 -0.12 1.81 -0.63
C BB9 B 7 -0.91 1.84 0.56
O BB9 B 7 -1.86 1.08 0.73
CB BB9 B 7 -0.29 0.98 -1.69
SG BB9 B 7 0.89 1.30 -2.87
HB BB9 B 7 -1.07 0.23 -1.78
N CYS B 8 -0.53 2.74 1.46
CA CYS B 8 -1.23 2.91 2.74
C CYS B 8 -1.63 4.37 2.81
N BB9 B 9 -2.20 5.02 3.85
CA BB9 B 9 -2.41 6.38 3.55
C BB9 B 9 -3.05 7.28 4.58
CB BB9 B 9 -2.00 6.72 2.30
SG BB9 B 9 -1.36 5.38 1.52
HB BB9 B 9 -2.06 7.70 1.85
N MH6 B 10 -4.36 7.56 4.49
CA MH6 B 10 -4.93 8.34 5.43
C MH6 B 10 -6.34 8.67 5.33
CB MH6 B 10 -4.20 8.86 6.49
OG MH6 B 10 -4.82 9.64 7.44
N BB9 B 11 -7.39 8.07 5.95
CA BB9 B 11 -8.61 8.72 5.66
C BB9 B 11 -9.85 8.28 6.23
O BB9 B 11 -10.91 8.84 5.98
CB BB9 B 11 -8.46 9.78 4.83
SG BB9 B 11 -6.84 9.98 4.41
HB BB9 B 11 -9.27 10.41 4.48
N ALA B 12 -9.77 7.23 7.05
CA ALA B 12 -10.95 6.69 7.72
C ALA B 12 -10.57 5.56 8.67
N NH2 B 13 -9.44 4.91 8.40
HN1 NH2 B 13 -8.92 5.20 7.61
HN2 NH2 B 13 -9.17 4.18 8.99
C NO1 C . 2.36 2.55 3.41
O NO1 C . 2.03 1.67 2.63
CB NO1 C . 4.66 1.34 1.68
CG NO1 C . 4.75 2.61 2.50
CD1 NO1 C . 3.79 3.06 3.36
NE1 NO1 C . 4.28 4.09 4.12
CD2 NO1 C . 5.85 3.53 2.61
CE2 NO1 C . 5.53 4.43 3.65
CE3 NO1 C . 7.10 3.66 1.97
CZ2 NO1 C . 6.40 5.44 4.06
CZ3 NO1 C . 7.95 4.68 2.38
CH2 NO1 C . 7.60 5.56 3.41
CF NO1 C . 7.49 2.76 0.83
HB1C NO1 C . 5.65 0.92 1.56
HB2C NO1 C . 4.24 1.57 0.72
HB3C NO1 C . 4.03 0.64 2.20
HE1 NO1 C . 3.83 4.52 4.87
HZ2 NO1 C . 6.14 6.11 4.87
HZ3 NO1 C . 8.90 4.82 1.89
HF1C NO1 C . 8.36 3.17 0.34
HF2C NO1 C . 7.74 1.78 1.21
HH2 NO1 C . 8.30 6.33 3.70
N GLY A 2 14.33 10.57 8.07
CA GLY A 2 14.37 9.11 8.39
C GLY A 2 14.78 8.27 7.21
N ILE A 3 14.13 8.48 6.07
CA ILE A 3 14.43 7.73 4.86
C ILE A 3 15.83 8.07 4.33
N ASN A 4 16.66 7.04 4.25
CA ASN A 4 18.03 7.16 3.76
C ASN A 4 18.13 6.71 2.30
N LEU A 5 17.90 7.62 1.37
CA LEU A 5 17.95 7.28 -0.05
C LEU A 5 18.39 8.45 -0.92
N THR A 6 19.23 8.16 -1.91
CA THR A 6 19.70 9.15 -2.87
C THR A 6 18.71 9.19 -4.03
N PRO A 7 18.54 10.33 -4.70
CA PRO A 7 17.60 10.46 -5.82
C PRO A 7 17.72 9.32 -6.84
N GLU A 8 18.93 8.87 -7.09
CA GLU A 8 19.19 7.81 -8.06
C GLU A 8 18.76 6.43 -7.56
N GLU A 9 18.98 6.16 -6.27
CA GLU A 9 18.63 4.86 -5.69
C GLU A 9 17.14 4.73 -5.49
N LYS A 10 16.46 5.83 -5.20
CA LYS A 10 15.04 5.74 -4.96
C LYS A 10 14.38 4.97 -6.09
N PHE A 11 14.74 5.37 -7.31
CA PHE A 11 14.23 4.75 -8.52
C PHE A 11 14.54 3.25 -8.58
N GLU A 12 15.65 2.86 -7.98
CA GLU A 12 16.05 1.46 -7.96
C GLU A 12 15.08 0.63 -7.13
N VAL A 13 14.47 1.27 -6.14
CA VAL A 13 13.50 0.61 -5.28
C VAL A 13 12.05 0.88 -5.70
N PHE A 14 11.69 2.12 -6.03
CA PHE A 14 10.31 2.40 -6.45
C PHE A 14 10.21 2.74 -7.93
N GLY A 15 11.18 3.51 -8.40
CA GLY A 15 11.19 3.90 -9.80
C GLY A 15 10.68 5.31 -10.07
N ASP A 16 9.61 5.71 -9.39
CA ASP A 16 9.03 7.05 -9.60
C ASP A 16 8.44 7.64 -8.32
N PHE A 17 8.83 7.12 -7.17
CA PHE A 17 8.31 7.60 -5.88
C PHE A 17 9.40 8.21 -5.00
N ASP A 18 9.20 9.48 -4.66
CA ASP A 18 10.12 10.21 -3.79
C ASP A 18 9.42 10.46 -2.46
N PRO A 19 9.87 9.85 -1.35
CA PRO A 19 9.20 10.03 -0.06
C PRO A 19 9.36 11.43 0.53
N ASP A 20 10.48 12.08 0.25
CA ASP A 20 10.71 13.43 0.75
C ASP A 20 9.62 14.37 0.24
N GLN A 21 9.45 14.38 -1.08
CA GLN A 21 8.45 15.22 -1.72
C GLN A 21 7.04 14.97 -1.17
N TYR A 22 6.73 13.71 -0.87
CA TYR A 22 5.41 13.38 -0.34
C TYR A 22 5.39 13.51 1.18
N GLU A 23 6.58 13.49 1.80
CA GLU A 23 6.65 13.61 3.24
C GLU A 23 5.93 14.89 3.66
N GLU A 24 6.19 15.95 2.92
CA GLU A 24 5.56 17.23 3.17
C GLU A 24 4.06 17.18 2.89
N GLU A 25 3.71 16.47 1.81
CA GLU A 25 2.32 16.35 1.39
C GLU A 25 1.45 15.63 2.42
N VAL A 26 2.01 14.62 3.08
CA VAL A 26 1.24 13.89 4.10
C VAL A 26 1.06 14.75 5.33
N ARG A 27 2.05 15.59 5.60
CA ARG A 27 2.01 16.49 6.74
C ARG A 27 0.84 17.45 6.62
N GLU A 28 0.66 18.04 5.43
CA GLU A 28 -0.43 18.98 5.21
C GLU A 28 -1.78 18.27 5.13
N ARG A 29 -1.78 17.06 4.57
CA ARG A 29 -3.00 16.28 4.43
C ARG A 29 -3.58 15.87 5.77
N TRP A 30 -2.73 15.33 6.64
CA TRP A 30 -3.16 14.84 7.95
C TRP A 30 -2.41 15.50 9.10
N GLY A 31 -1.16 15.86 8.85
CA GLY A 31 -0.31 16.50 9.85
C GLY A 31 -0.69 16.21 11.29
N ASN A 32 -1.40 15.11 11.56
CA ASN A 32 -1.81 14.78 12.92
C ASN A 32 -2.41 13.38 13.05
N THR A 33 -2.21 12.51 12.05
CA THR A 33 -2.78 11.16 12.12
C THR A 33 -1.78 10.16 12.71
N ASP A 34 -2.31 9.19 13.44
CA ASP A 34 -1.50 8.16 14.08
C ASP A 34 -0.73 7.33 13.06
N ALA A 35 -1.42 6.86 12.02
CA ALA A 35 -0.78 6.04 11.00
C ALA A 35 0.48 6.73 10.46
N TYR A 36 0.36 8.02 10.19
CA TYR A 36 1.49 8.80 9.68
C TYR A 36 2.61 8.84 10.70
N ARG A 37 2.25 9.14 11.95
CA ARG A 37 3.22 9.25 13.02
C ARG A 37 4.08 7.99 13.12
N GLN A 38 3.50 6.83 12.84
CA GLN A 38 4.28 5.59 12.91
C GLN A 38 5.29 5.52 11.77
N SER A 39 4.93 6.04 10.60
CA SER A 39 5.87 6.02 9.48
C SER A 39 7.16 6.76 9.87
N LYS A 40 7.03 8.00 10.30
CA LYS A 40 8.18 8.79 10.76
C LYS A 40 8.80 8.15 12.00
N GLU A 41 7.94 7.73 12.91
CA GLU A 41 8.37 7.08 14.14
C GLU A 41 9.35 5.95 13.90
N LYS A 42 8.87 4.98 13.15
CA LYS A 42 9.60 3.76 12.84
C LYS A 42 10.55 3.88 11.64
N THR A 43 10.12 4.58 10.59
CA THR A 43 10.94 4.68 9.39
C THR A 43 12.28 5.34 9.68
N ALA A 44 12.42 5.94 10.86
CA ALA A 44 13.65 6.62 11.24
C ALA A 44 14.92 5.87 10.85
N SER A 45 15.00 4.55 11.08
CA SER A 45 16.22 3.83 10.73
C SER A 45 16.04 2.84 9.56
N TYR A 46 14.95 2.95 8.81
CA TYR A 46 14.75 2.05 7.68
C TYR A 46 15.79 2.31 6.60
N THR A 47 16.38 1.23 6.11
CA THR A 47 17.42 1.30 5.08
C THR A 47 16.89 0.82 3.73
N LYS A 48 17.78 0.79 2.75
CA LYS A 48 17.44 0.34 1.40
C LYS A 48 17.04 -1.13 1.43
N GLU A 49 17.65 -1.89 2.33
CA GLU A 49 17.35 -3.31 2.48
C GLU A 49 15.92 -3.54 2.91
N ASP A 50 15.48 -2.80 3.93
CA ASP A 50 14.13 -2.92 4.47
C ASP A 50 13.06 -2.60 3.43
N TRP A 51 13.17 -1.44 2.79
CA TRP A 51 12.20 -1.05 1.77
C TRP A 51 12.17 -2.05 0.63
N GLN A 52 13.33 -2.55 0.23
CA GLN A 52 13.37 -3.52 -0.86
C GLN A 52 12.67 -4.82 -0.45
N ARG A 53 12.83 -5.22 0.82
CA ARG A 53 12.18 -6.44 1.29
C ARG A 53 10.67 -6.25 1.24
N ILE A 54 10.25 -5.04 1.57
CA ILE A 54 8.84 -4.66 1.53
C ILE A 54 8.35 -4.56 0.09
N GLN A 55 9.11 -3.90 -0.75
CA GLN A 55 8.73 -3.78 -2.15
C GLN A 55 8.62 -5.17 -2.76
N ASP A 56 9.61 -5.99 -2.46
CA ASP A 56 9.62 -7.36 -2.93
C ASP A 56 8.37 -8.06 -2.44
N GLU A 57 7.89 -7.63 -1.26
CA GLU A 57 6.68 -8.22 -0.69
C GLU A 57 5.47 -7.75 -1.48
N ALA A 58 5.42 -6.45 -1.77
CA ALA A 58 4.32 -5.90 -2.54
C ALA A 58 4.31 -6.55 -3.91
N ASP A 59 5.48 -6.65 -4.52
CA ASP A 59 5.62 -7.27 -5.83
C ASP A 59 5.02 -8.67 -5.80
N GLU A 60 5.53 -9.50 -4.90
CA GLU A 60 5.04 -10.86 -4.77
C GLU A 60 3.53 -10.83 -4.65
N LEU A 61 3.04 -9.97 -3.76
CA LEU A 61 1.62 -9.83 -3.55
C LEU A 61 0.92 -9.43 -4.84
N THR A 62 1.59 -8.62 -5.64
CA THR A 62 1.05 -8.17 -6.91
C THR A 62 1.01 -9.33 -7.90
N ARG A 63 2.12 -10.07 -7.95
CA ARG A 63 2.23 -11.20 -8.85
C ARG A 63 1.06 -12.15 -8.73
N ARG A 64 0.66 -12.44 -7.48
CA ARG A 64 -0.46 -13.34 -7.25
C ARG A 64 -1.79 -12.66 -7.56
N PHE A 65 -1.91 -11.38 -7.21
CA PHE A 65 -3.13 -10.63 -7.51
C PHE A 65 -3.32 -10.57 -9.01
N VAL A 66 -2.23 -10.50 -9.74
CA VAL A 66 -2.25 -10.44 -11.18
C VAL A 66 -2.60 -11.79 -11.79
N ALA A 67 -1.93 -12.85 -11.32
CA ALA A 67 -2.20 -14.19 -11.82
C ALA A 67 -3.65 -14.59 -11.55
N LEU A 68 -4.22 -14.09 -10.45
CA LEU A 68 -5.59 -14.40 -10.10
C LEU A 68 -6.55 -13.45 -10.84
N MET A 69 -6.19 -12.17 -10.94
CA MET A 69 -7.04 -11.22 -11.64
C MET A 69 -7.12 -11.53 -13.13
N ASP A 70 -5.96 -11.66 -13.73
CA ASP A 70 -5.83 -11.95 -15.15
C ASP A 70 -6.44 -13.32 -15.43
N ALA A 71 -6.65 -14.09 -14.37
CA ALA A 71 -7.23 -15.41 -14.49
C ALA A 71 -8.76 -15.33 -14.50
N GLY A 72 -9.29 -14.14 -14.77
CA GLY A 72 -10.74 -13.99 -14.81
C GLY A 72 -11.39 -14.25 -13.48
N GLU A 73 -10.60 -14.23 -12.41
CA GLU A 73 -11.15 -14.49 -11.09
C GLU A 73 -11.77 -13.21 -10.50
N PRO A 74 -12.93 -13.28 -9.81
CA PRO A 74 -13.54 -12.09 -9.23
C PRO A 74 -12.82 -11.63 -7.96
N ALA A 75 -12.98 -10.35 -7.65
CA ALA A 75 -12.32 -9.73 -6.51
C ALA A 75 -12.92 -10.12 -5.16
N ASP A 76 -14.11 -10.72 -5.12
CA ASP A 76 -14.70 -11.10 -3.84
C ASP A 76 -14.75 -12.61 -3.69
N SER A 77 -14.08 -13.31 -4.61
CA SER A 77 -14.04 -14.76 -4.56
C SER A 77 -13.01 -15.23 -3.54
N GLU A 78 -13.01 -16.52 -3.26
CA GLU A 78 -12.10 -17.07 -2.27
C GLU A 78 -10.65 -16.68 -2.59
N GLY A 79 -10.25 -16.87 -3.85
CA GLY A 79 -8.92 -16.53 -4.26
C GLY A 79 -8.58 -15.08 -3.98
N ALA A 80 -9.55 -14.22 -4.23
CA ALA A 80 -9.38 -12.80 -3.99
C ALA A 80 -9.37 -12.49 -2.50
N MET A 81 -10.32 -13.07 -1.77
CA MET A 81 -10.44 -12.85 -0.33
C MET A 81 -9.14 -13.13 0.41
N ASP A 82 -8.52 -14.28 0.13
CA ASP A 82 -7.27 -14.65 0.78
C ASP A 82 -6.16 -13.68 0.38
N ALA A 83 -6.22 -13.17 -0.85
CA ALA A 83 -5.19 -12.23 -1.27
C ALA A 83 -5.14 -11.06 -0.31
N ALA A 84 -6.29 -10.45 -0.06
CA ALA A 84 -6.36 -9.32 0.86
C ALA A 84 -5.77 -9.69 2.21
N GLU A 85 -6.07 -10.88 2.70
CA GLU A 85 -5.56 -11.33 3.98
C GLU A 85 -4.04 -11.13 4.02
N ASP A 86 -3.35 -11.67 3.04
CA ASP A 86 -1.91 -11.49 2.97
C ASP A 86 -1.58 -10.01 3.01
N HIS A 87 -2.39 -9.23 2.30
CA HIS A 87 -2.21 -7.78 2.20
C HIS A 87 -2.25 -7.07 3.56
N ARG A 88 -3.12 -7.50 4.45
CA ARG A 88 -3.24 -6.85 5.76
C ARG A 88 -2.08 -7.18 6.69
N GLN A 89 -1.71 -8.45 6.77
CA GLN A 89 -0.66 -8.88 7.68
C GLN A 89 0.65 -8.11 7.49
N GLY A 90 1.07 -8.03 6.23
CA GLY A 90 2.32 -7.37 5.87
C GLY A 90 2.32 -5.86 5.93
N ILE A 91 1.20 -5.22 5.62
CA ILE A 91 1.13 -3.76 5.65
C ILE A 91 1.16 -3.25 7.09
N ALA A 92 0.42 -3.92 7.97
CA ALA A 92 0.33 -3.54 9.38
C ALA A 92 1.69 -3.55 10.07
N ARG A 93 2.46 -4.60 9.82
CA ARG A 93 3.79 -4.76 10.42
C ARG A 93 4.84 -3.84 9.81
N ASN A 94 4.79 -3.63 8.50
CA ASN A 94 5.79 -2.79 7.85
C ASN A 94 5.54 -1.30 8.10
N HIS A 95 4.33 -0.95 8.53
CA HIS A 95 4.00 0.46 8.78
C HIS A 95 3.28 0.70 10.10
N TYR A 96 2.04 0.24 10.22
CA TYR A 96 1.29 0.46 11.45
C TYR A 96 0.13 -0.51 11.61
N ASP A 97 -0.16 -0.92 12.84
CA ASP A 97 -1.27 -1.84 13.09
C ASP A 97 -2.45 -1.48 12.18
N CYS A 98 -2.69 -2.31 11.17
CA CYS A 98 -3.79 -2.08 10.22
C CYS A 98 -4.83 -3.19 10.25
N GLY A 99 -5.87 -3.07 11.08
CA GLY A 99 -6.91 -4.08 11.07
C GLY A 99 -7.59 -4.07 9.72
N TYR A 100 -8.89 -3.80 9.68
CA TYR A 100 -9.59 -3.70 8.41
C TYR A 100 -9.75 -2.21 8.11
N GLU A 101 -8.97 -1.46 8.90
CA GLU A 101 -8.85 0.00 8.81
C GLU A 101 -8.59 0.48 7.39
N MET A 102 -7.31 0.61 7.06
CA MET A 102 -6.90 1.09 5.75
C MET A 102 -7.63 0.30 4.66
N HIS A 103 -7.78 -0.99 4.83
CA HIS A 103 -8.51 -1.77 3.84
C HIS A 103 -9.64 -0.96 3.20
N THR A 104 -10.77 -0.79 3.87
CA THR A 104 -11.88 -0.05 3.27
C THR A 104 -11.54 1.42 2.97
N CYS A 105 -11.13 2.18 3.97
CA CYS A 105 -10.81 3.59 3.73
C CYS A 105 -9.69 3.73 2.69
N LEU A 106 -8.60 3.00 2.88
CA LEU A 106 -7.48 3.05 1.93
C LEU A 106 -8.02 2.75 0.54
N GLY A 107 -8.95 1.79 0.49
CA GLY A 107 -9.57 1.37 -0.77
C GLY A 107 -9.98 2.52 -1.67
N GLU A 108 -10.85 3.40 -1.20
CA GLU A 108 -11.30 4.54 -2.03
C GLU A 108 -10.13 5.47 -2.35
N MET A 109 -9.38 5.88 -1.36
CA MET A 109 -8.21 6.71 -1.59
C MET A 109 -7.15 5.95 -2.39
N TYR A 110 -7.45 4.68 -2.67
CA TYR A 110 -6.54 3.82 -3.42
C TYR A 110 -6.53 4.21 -4.90
N VAL A 111 -7.74 4.15 -5.44
CA VAL A 111 -8.03 4.44 -6.84
C VAL A 111 -8.17 5.93 -7.11
N SER A 112 -8.72 6.65 -6.15
CA SER A 112 -8.97 8.09 -6.28
C SER A 112 -7.72 8.88 -6.62
N ASP A 113 -6.62 8.63 -5.91
CA ASP A 113 -5.40 9.39 -6.16
C ASP A 113 -4.51 8.73 -7.21
N GLU A 114 -4.65 9.21 -8.44
CA GLU A 114 -3.90 8.68 -9.57
C GLU A 114 -2.41 8.51 -9.25
N ARG A 115 -1.88 9.29 -8.30
CA ARG A 115 -0.47 9.17 -7.96
C ARG A 115 -0.22 7.84 -7.22
N PHE A 116 -1.21 7.41 -6.45
CA PHE A 116 -1.17 6.14 -5.73
C PHE A 116 -1.40 4.99 -6.70
N THR A 117 -2.45 5.13 -7.48
CA THR A 117 -2.86 4.14 -8.47
C THR A 117 -1.81 3.92 -9.56
N ARG A 118 -1.24 5.00 -10.07
CA ARG A 118 -0.27 4.91 -11.15
C ARG A 118 1.01 4.22 -10.72
N ASN A 119 1.44 4.44 -9.48
CA ASN A 119 2.65 3.80 -9.00
C ASN A 119 2.37 2.32 -8.75
N ILE A 120 1.18 2.04 -8.24
CA ILE A 120 0.76 0.67 -7.97
C ILE A 120 0.42 -0.09 -9.26
N ASP A 121 -0.50 0.47 -10.03
CA ASP A 121 -0.95 -0.17 -11.27
C ASP A 121 0.15 -0.25 -12.32
N ALA A 122 1.28 0.39 -12.07
CA ALA A 122 2.37 0.33 -13.04
C ALA A 122 2.63 -1.13 -13.41
N ALA A 123 2.26 -2.04 -12.50
CA ALA A 123 2.44 -3.47 -12.72
C ALA A 123 1.23 -4.09 -13.42
N LYS A 124 0.05 -3.50 -13.26
CA LYS A 124 -1.15 -4.04 -13.90
C LYS A 124 -2.27 -3.00 -13.97
N PRO A 125 -2.41 -2.32 -15.13
CA PRO A 125 -3.46 -1.31 -15.30
C PRO A 125 -4.82 -1.84 -14.84
N GLY A 126 -5.43 -1.19 -13.84
CA GLY A 126 -6.74 -1.62 -13.36
C GLY A 126 -6.65 -2.35 -12.03
N LEU A 127 -5.47 -2.91 -11.72
CA LEU A 127 -5.27 -3.65 -10.49
C LEU A 127 -5.59 -2.82 -9.25
N ALA A 128 -5.32 -1.51 -9.30
CA ALA A 128 -5.60 -0.63 -8.17
C ALA A 128 -7.05 -0.75 -7.72
N ALA A 129 -7.97 -0.81 -8.68
CA ALA A 129 -9.38 -0.93 -8.37
C ALA A 129 -9.72 -2.32 -7.85
N TYR A 130 -9.03 -3.33 -8.36
CA TYR A 130 -9.26 -4.69 -7.89
C TYR A 130 -8.82 -4.83 -6.46
N MET A 131 -7.68 -4.22 -6.16
CA MET A 131 -7.18 -4.24 -4.80
C MET A 131 -8.22 -3.62 -3.89
N ARG A 132 -8.75 -2.48 -4.34
CA ARG A 132 -9.77 -1.74 -3.61
C ARG A 132 -10.99 -2.61 -3.32
N ASP A 133 -11.56 -3.24 -4.35
CA ASP A 133 -12.75 -4.07 -4.13
C ASP A 133 -12.40 -5.36 -3.40
N ALA A 134 -11.26 -5.94 -3.74
CA ALA A 134 -10.81 -7.17 -3.10
C ALA A 134 -10.61 -6.94 -1.62
N ILE A 135 -10.08 -5.77 -1.29
CA ILE A 135 -9.86 -5.38 0.09
C ILE A 135 -11.18 -5.08 0.80
N LEU A 136 -12.08 -4.39 0.10
CA LEU A 136 -13.37 -4.04 0.67
C LEU A 136 -14.15 -5.28 1.08
N ALA A 137 -14.21 -6.27 0.20
CA ALA A 137 -14.92 -7.51 0.49
C ALA A 137 -14.25 -8.27 1.63
N ASN A 138 -12.93 -8.27 1.65
CA ASN A 138 -12.18 -8.94 2.70
C ASN A 138 -12.50 -8.34 4.06
N ALA A 139 -12.50 -7.01 4.13
CA ALA A 139 -12.79 -6.30 5.37
C ALA A 139 -14.21 -6.56 5.85
N VAL A 140 -15.10 -6.88 4.91
CA VAL A 140 -16.51 -7.13 5.20
C VAL A 140 -16.72 -8.46 5.90
N ARG A 141 -16.06 -9.48 5.40
CA ARG A 141 -16.22 -10.82 5.95
C ARG A 141 -15.33 -11.04 7.17
N HIS A 142 -14.37 -10.16 7.39
CA HIS A 142 -13.47 -10.30 8.53
C HIS A 142 -13.94 -9.44 9.70
N THR A 143 -15.11 -8.82 9.54
CA THR A 143 -15.69 -7.98 10.58
C THR A 143 -16.89 -8.70 11.23
N PRO A 144 -17.09 -8.51 12.55
CA PRO A 144 -18.20 -9.15 13.26
C PRO A 144 -19.48 -9.18 12.42
CA SER B 1 -2.28 7.92 5.81
C SER B 1 -0.83 7.79 5.83
N BB9 B 2 0.06 8.24 4.92
CA BB9 B 2 1.38 7.96 5.30
C BB9 B 2 2.50 8.35 4.49
O BB9 B 2 3.65 8.09 4.84
CB BB9 B 2 1.47 7.29 6.47
SG BB9 B 2 -0.07 7.02 7.09
HB BB9 B 2 2.39 6.98 6.94
N THR B 3 2.20 8.59 3.22
CA THR B 3 3.22 8.55 2.19
C THR B 3 2.68 9.03 0.86
N DBU B 4 1.35 9.04 0.74
CA DBU B 4 0.84 9.31 -0.53
CB DBU B 4 -0.02 10.32 -0.69
CG DBU B 4 -0.47 11.13 0.50
C DBU B 4 1.21 8.48 -1.68
H DBU B 4 0.81 9.14 1.55
HB DBU B 4 -0.38 10.56 -1.66
HG1 DBU B 4 -0.43 10.52 1.38
HG2 DBU B 4 -1.49 11.46 0.33
HG3 DBU B 4 0.17 11.99 0.61
N BB9 B 5 1.62 7.18 -1.69
CA BB9 B 5 1.85 6.72 -2.99
C BB9 B 5 2.25 5.36 -3.23
O BB9 B 5 2.46 4.94 -4.36
CB BB9 B 5 1.62 7.65 -3.94
SG BB9 B 5 1.11 9.09 -3.23
HB BB9 B 5 1.76 7.49 -5.00
N 3GL B 6 2.35 4.59 -2.15
CA 3GL B 6 2.72 3.19 -2.23
C 3GL B 6 1.60 2.40 -1.58
CB 3GL B 6 4.05 2.93 -1.50
CG 3GL B 6 5.29 3.44 -2.21
OH 3GL B 6 5.68 2.54 -3.22
CD 3GL B 6 6.45 3.64 -1.25
OE1 3GL B 6 6.60 2.80 -0.21
OE2 3GL B 6 7.38 4.39 -1.55
H2 3GL B 6 2.16 4.99 -1.27
HA 3GL B 6 2.82 2.91 -3.27
HB1C 3GL B 6 4.18 1.86 -1.37
HB2C 3GL B 6 4.00 3.39 -0.52
HG 3GL B 6 5.05 4.40 -2.65
N BB9 B 7 1.05 2.62 -0.36
CA BB9 B 7 0.04 1.69 -0.07
C BB9 B 7 -0.67 1.75 1.17
O BB9 B 7 -1.56 0.95 1.45
CB BB9 B 7 -0.16 0.78 -1.06
SG BB9 B 7 0.90 1.09 -2.34
HB BB9 B 7 -0.89 -0.01 -1.04
N CYS B 8 -0.30 2.74 1.98
CA CYS B 8 -0.93 2.94 3.28
C CYS B 8 -1.44 4.37 3.27
N BB9 B 9 -2.05 5.05 4.28
CA BB9 B 9 -2.38 6.35 3.90
C BB9 B 9 -3.05 7.25 4.90
CB BB9 B 9 -2.05 6.64 2.62
SG BB9 B 9 -1.30 5.31 1.89
HB BB9 B 9 -2.22 7.59 2.11
N MH6 B 10 -4.40 7.35 4.89
CA MH6 B 10 -5.00 8.13 5.82
C MH6 B 10 -6.45 8.22 5.84
CB MH6 B 10 -4.27 8.82 6.77
OG MH6 B 10 -4.91 9.60 7.71
N BB9 B 11 -7.33 7.39 6.44
CA BB9 B 11 -8.66 7.82 6.25
C BB9 B 11 -9.75 7.08 6.80
O BB9 B 11 -10.92 7.43 6.66
CB BB9 B 11 -8.75 8.95 5.52
SG BB9 B 11 -7.22 9.49 5.07
HB BB9 B 11 -9.67 9.45 5.27
N ALA B 12 -9.41 5.98 7.48
CA ALA B 12 -10.42 5.11 8.10
C ALA B 12 -10.43 5.29 9.61
N NH2 B 13 -9.24 5.41 10.21
HN1 NH2 B 13 -8.44 5.39 9.65
HN2 NH2 B 13 -9.22 5.53 11.18
C NO1 C . 2.69 2.87 3.57
O NO1 C . 2.35 1.85 2.99
CB NO1 C . 4.96 1.60 1.79
CG NO1 C . 5.01 2.95 2.46
CD1 NO1 C . 4.06 3.46 3.31
NE1 NO1 C . 4.51 4.63 3.88
CD2 NO1 C . 6.06 3.94 2.41
CE2 NO1 C . 5.71 4.96 3.32
CE3 NO1 C . 7.28 4.05 1.71
CZ2 NO1 C . 6.52 6.07 3.55
CZ3 NO1 C . 8.08 5.16 1.94
CH2 NO1 C . 7.70 6.16 2.85
CF NO1 C . 7.68 3.02 0.69
HB1C NO1 C . 5.96 1.18 1.74
HB2C NO1 C . 4.57 1.70 0.79
HB3C NO1 C . 4.33 0.94 2.35
HE1 NO1 C . 4.05 5.14 4.57
HZ2 NO1 C . 6.25 6.84 4.26
HZ3 NO1 C . 9.00 5.28 1.39
HF1C NO1 C . 8.53 3.37 0.14
HF2C NO1 C . 7.94 2.10 1.18
HH2 NO1 C . 8.36 7.00 2.99
#